data_6JYK
# 
_entry.id   6JYK 
# 
_audit_conform.dict_name       mmcif_pdbx.dic 
_audit_conform.dict_version    5.380 
_audit_conform.dict_location   http://mmcif.pdb.org/dictionaries/ascii/mmcif_pdbx.dic 
# 
loop_
_database_2.database_id 
_database_2.database_code 
_database_2.pdbx_database_accession 
_database_2.pdbx_DOI 
PDB   6JYK         pdb_00006jyk 10.2210/pdb6jyk/pdb 
WWPDB D_1300011876 ?            ?                   
# 
_pdbx_database_status.status_code                     REL 
_pdbx_database_status.status_code_sf                  REL 
_pdbx_database_status.status_code_mr                  ? 
_pdbx_database_status.entry_id                        6JYK 
_pdbx_database_status.recvd_initial_deposition_date   2019-04-26 
_pdbx_database_status.SG_entry                        N 
_pdbx_database_status.deposit_site                    PDBJ 
_pdbx_database_status.process_site                    PDBJ 
_pdbx_database_status.status_code_cs                  ? 
_pdbx_database_status.methods_development_category    ? 
_pdbx_database_status.pdb_format_compatible           Y 
_pdbx_database_status.status_code_nmr_data            ? 
# 
loop_
_audit_author.name 
_audit_author.pdbx_ordinal 
_audit_author.identifier_ORCID 
'Xia, B.'   1 0000-0002-2197-6403 
'Huang, Q.' 2 ?                   
# 
_citation.abstract                  ? 
_citation.abstract_id_CAS           ? 
_citation.book_id_ISBN              ? 
_citation.book_publisher            ? 
_citation.book_publisher_city       ? 
_citation.book_title                ? 
_citation.coordinate_linkage        ? 
_citation.country                   UK 
_citation.database_id_Medline       ? 
_citation.details                   ? 
_citation.id                        primary 
_citation.journal_abbrev            'Nucleic Acids Res.' 
_citation.journal_id_ASTM           NARHAD 
_citation.journal_id_CSD            0389 
_citation.journal_id_ISSN           1362-4962 
_citation.journal_full              ? 
_citation.journal_issue             ? 
_citation.journal_volume            48 
_citation.language                  ? 
_citation.page_first                9372 
_citation.page_last                 9386 
_citation.title                     'GapR binds DNA through dynamic opening of its tetrameric interface.' 
_citation.year                      2020 
_citation.database_id_CSD           ? 
_citation.pdbx_database_id_DOI      10.1093/nar/gkaa644 
_citation.pdbx_database_id_PubMed   32756896 
_citation.unpublished_flag          ? 
# 
loop_
_citation_author.citation_id 
_citation_author.name 
_citation_author.ordinal 
_citation_author.identifier_ORCID 
primary 'Huang, Q.' 1 ? 
primary 'Duan, B.'  2 ? 
primary 'Dong, X.'  3 ? 
primary 'Fan, S.'   4 ? 
primary 'Xia, B.'   5 ? 
# 
_cell.angle_alpha                  90.00 
_cell.angle_alpha_esd              ? 
_cell.angle_beta                   90.00 
_cell.angle_beta_esd               ? 
_cell.angle_gamma                  120.00 
_cell.angle_gamma_esd              ? 
_cell.entry_id                     6JYK 
_cell.details                      ? 
_cell.formula_units_Z              ? 
_cell.length_a                     55.007 
_cell.length_a_esd                 ? 
_cell.length_b                     55.007 
_cell.length_b_esd                 ? 
_cell.length_c                     110.999 
_cell.length_c_esd                 ? 
_cell.volume                       ? 
_cell.volume_esd                   ? 
_cell.Z_PDB                        6 
_cell.reciprocal_angle_alpha       ? 
_cell.reciprocal_angle_beta        ? 
_cell.reciprocal_angle_gamma       ? 
_cell.reciprocal_angle_alpha_esd   ? 
_cell.reciprocal_angle_beta_esd    ? 
_cell.reciprocal_angle_gamma_esd   ? 
_cell.reciprocal_length_a          ? 
_cell.reciprocal_length_b          ? 
_cell.reciprocal_length_c          ? 
_cell.reciprocal_length_a_esd      ? 
_cell.reciprocal_length_b_esd      ? 
_cell.reciprocal_length_c_esd      ? 
_cell.pdbx_unique_axis             ? 
# 
_symmetry.entry_id                         6JYK 
_symmetry.cell_setting                     ? 
_symmetry.Int_Tables_number                152 
_symmetry.space_group_name_Hall            ? 
_symmetry.space_group_name_H-M             'P 31 2 1' 
_symmetry.pdbx_full_space_group_name_H-M   ? 
# 
loop_
_entity.id 
_entity.type 
_entity.src_method 
_entity.pdbx_description 
_entity.formula_weight 
_entity.pdbx_number_of_molecules 
_entity.pdbx_ec 
_entity.pdbx_mutation 
_entity.pdbx_fragment 
_entity.details 
1 polymer man 'UPF0335 protein CCNA_03428' 11195.754 1  ? ? ? ? 
2 water   nat water                        18.015    82 ? ? ? ? 
# 
_entity_name_com.entity_id   1 
_entity_name_com.name        'GapR (growth-associated A/T-binding protein involved in regulation)' 
# 
_entity_poly.entity_id                      1 
_entity_poly.type                           'polypeptide(L)' 
_entity_poly.nstd_linkage                   no 
_entity_poly.nstd_monomer                   no 
_entity_poly.pdbx_seq_one_letter_code       
;MADDAIPHTDVLNSTAQGQLKSIIERVERLEVEKAEIMEQIKEVYAEAKGNGFDVKVLKKVVRIRKQDRAKRQEEDAILD
LYLSAIGEILEHHHHHH
;
_entity_poly.pdbx_seq_one_letter_code_can   
;MADDAIPHTDVLNSTAQGQLKSIIERVERLEVEKAEIMEQIKEVYAEAKGNGFDVKVLKKVVRIRKQDRAKRQEEDAILD
LYLSAIGEILEHHHHHH
;
_entity_poly.pdbx_strand_id                 A 
_entity_poly.pdbx_target_identifier         ? 
# 
loop_
_entity_poly_seq.entity_id 
_entity_poly_seq.num 
_entity_poly_seq.mon_id 
_entity_poly_seq.hetero 
1 1  MET n 
1 2  ALA n 
1 3  ASP n 
1 4  ASP n 
1 5  ALA n 
1 6  ILE n 
1 7  PRO n 
1 8  HIS n 
1 9  THR n 
1 10 ASP n 
1 11 VAL n 
1 12 LEU n 
1 13 ASN n 
1 14 SER n 
1 15 THR n 
1 16 ALA n 
1 17 GLN n 
1 18 GLY n 
1 19 GLN n 
1 20 LEU n 
1 21 LYS n 
1 22 SER n 
1 23 ILE n 
1 24 ILE n 
1 25 GLU n 
1 26 ARG n 
1 27 VAL n 
1 28 GLU n 
1 29 ARG n 
1 30 LEU n 
1 31 GLU n 
1 32 VAL n 
1 33 GLU n 
1 34 LYS n 
1 35 ALA n 
1 36 GLU n 
1 37 ILE n 
1 38 MET n 
1 39 GLU n 
1 40 GLN n 
1 41 ILE n 
1 42 LYS n 
1 43 GLU n 
1 44 VAL n 
1 45 TYR n 
1 46 ALA n 
1 47 GLU n 
1 48 ALA n 
1 49 LYS n 
1 50 GLY n 
1 51 ASN n 
1 52 GLY n 
1 53 PHE n 
1 54 ASP n 
1 55 VAL n 
1 56 LYS n 
1 57 VAL n 
1 58 LEU n 
1 59 LYS n 
1 60 LYS n 
1 61 VAL n 
1 62 VAL n 
1 63 ARG n 
1 64 ILE n 
1 65 ARG n 
1 66 LYS n 
1 67 GLN n 
1 68 ASP n 
1 69 ARG n 
1 70 ALA n 
1 71 LYS n 
1 72 ARG n 
1 73 GLN n 
1 74 GLU n 
1 75 GLU n 
1 76 ASP n 
1 77 ALA n 
1 78 ILE n 
1 79 LEU n 
1 80 ASP n 
1 81 LEU n 
1 82 TYR n 
1 83 LEU n 
1 84 SER n 
1 85 ALA n 
1 86 ILE n 
1 87 GLY n 
1 88 GLU n 
1 89 ILE n 
1 90 LEU n 
1 91 GLU n 
1 92 HIS n 
1 93 HIS n 
1 94 HIS n 
1 95 HIS n 
1 96 HIS n 
1 97 HIS n 
# 
_entity_src_gen.entity_id                          1 
_entity_src_gen.pdbx_src_id                        1 
_entity_src_gen.pdbx_alt_source_flag               sample 
_entity_src_gen.pdbx_seq_type                      'Biological sequence' 
_entity_src_gen.pdbx_beg_seq_num                   1 
_entity_src_gen.pdbx_end_seq_num                   97 
_entity_src_gen.gene_src_common_name               ? 
_entity_src_gen.gene_src_genus                     ? 
_entity_src_gen.pdbx_gene_src_gene                 CCNA_03428 
_entity_src_gen.gene_src_species                   ? 
_entity_src_gen.gene_src_strain                    'NA1000 / CB15N' 
_entity_src_gen.gene_src_tissue                    ? 
_entity_src_gen.gene_src_tissue_fraction           ? 
_entity_src_gen.gene_src_details                   ? 
_entity_src_gen.pdbx_gene_src_fragment             ? 
_entity_src_gen.pdbx_gene_src_scientific_name      'Caulobacter vibrioides (strain NA1000 / CB15N)' 
_entity_src_gen.pdbx_gene_src_ncbi_taxonomy_id     565050 
_entity_src_gen.pdbx_gene_src_variant              ? 
_entity_src_gen.pdbx_gene_src_cell_line            ? 
_entity_src_gen.pdbx_gene_src_atcc                 ? 
_entity_src_gen.pdbx_gene_src_organ                ? 
_entity_src_gen.pdbx_gene_src_organelle            ? 
_entity_src_gen.pdbx_gene_src_cell                 ? 
_entity_src_gen.pdbx_gene_src_cellular_location    ? 
_entity_src_gen.host_org_common_name               ? 
_entity_src_gen.pdbx_host_org_scientific_name      'Escherichia coli' 
_entity_src_gen.pdbx_host_org_ncbi_taxonomy_id     562 
_entity_src_gen.host_org_genus                     ? 
_entity_src_gen.pdbx_host_org_gene                 ? 
_entity_src_gen.pdbx_host_org_organ                ? 
_entity_src_gen.host_org_species                   ? 
_entity_src_gen.pdbx_host_org_tissue               ? 
_entity_src_gen.pdbx_host_org_tissue_fraction      ? 
_entity_src_gen.pdbx_host_org_strain               ? 
_entity_src_gen.pdbx_host_org_variant              ? 
_entity_src_gen.pdbx_host_org_cell_line            ? 
_entity_src_gen.pdbx_host_org_atcc                 ? 
_entity_src_gen.pdbx_host_org_culture_collection   ? 
_entity_src_gen.pdbx_host_org_cell                 ? 
_entity_src_gen.pdbx_host_org_organelle            ? 
_entity_src_gen.pdbx_host_org_cellular_location    ? 
_entity_src_gen.pdbx_host_org_vector_type          ? 
_entity_src_gen.pdbx_host_org_vector               ? 
_entity_src_gen.host_org_details                   ? 
_entity_src_gen.expression_system_id               ? 
_entity_src_gen.plasmid_name                       ? 
_entity_src_gen.plasmid_details                    ? 
_entity_src_gen.pdbx_description                   ? 
# 
_struct_ref.id                         1 
_struct_ref.db_name                    UNP 
_struct_ref.db_code                    Y3428_CAUVN 
_struct_ref.pdbx_db_accession          B8H4R9 
_struct_ref.pdbx_db_isoform            ? 
_struct_ref.entity_id                  1 
_struct_ref.pdbx_seq_one_letter_code   
;MADDAIPHTDVLNSTAQGQLKSIIERVERLEVEKAEIMEQIKEVYAEAKGNGFDVKVLKKVVRIRKQDRAKRQEEDAILD
LYLSAIGEI
;
_struct_ref.pdbx_align_begin           1 
# 
_struct_ref_seq.align_id                      1 
_struct_ref_seq.ref_id                        1 
_struct_ref_seq.pdbx_PDB_id_code              6JYK 
_struct_ref_seq.pdbx_strand_id                A 
_struct_ref_seq.seq_align_beg                 1 
_struct_ref_seq.pdbx_seq_align_beg_ins_code   ? 
_struct_ref_seq.seq_align_end                 89 
_struct_ref_seq.pdbx_seq_align_end_ins_code   ? 
_struct_ref_seq.pdbx_db_accession             B8H4R9 
_struct_ref_seq.db_align_beg                  1 
_struct_ref_seq.pdbx_db_align_beg_ins_code    ? 
_struct_ref_seq.db_align_end                  89 
_struct_ref_seq.pdbx_db_align_end_ins_code    ? 
_struct_ref_seq.pdbx_auth_seq_align_beg       1 
_struct_ref_seq.pdbx_auth_seq_align_end       89 
# 
loop_
_struct_ref_seq_dif.align_id 
_struct_ref_seq_dif.pdbx_pdb_id_code 
_struct_ref_seq_dif.mon_id 
_struct_ref_seq_dif.pdbx_pdb_strand_id 
_struct_ref_seq_dif.seq_num 
_struct_ref_seq_dif.pdbx_pdb_ins_code 
_struct_ref_seq_dif.pdbx_seq_db_name 
_struct_ref_seq_dif.pdbx_seq_db_accession_code 
_struct_ref_seq_dif.db_mon_id 
_struct_ref_seq_dif.pdbx_seq_db_seq_num 
_struct_ref_seq_dif.details 
_struct_ref_seq_dif.pdbx_auth_seq_num 
_struct_ref_seq_dif.pdbx_ordinal 
1 6JYK LEU A 90 ? UNP B8H4R9 ? ? 'expression tag' 90 1 
1 6JYK GLU A 91 ? UNP B8H4R9 ? ? 'expression tag' 91 2 
1 6JYK HIS A 92 ? UNP B8H4R9 ? ? 'expression tag' 92 3 
1 6JYK HIS A 93 ? UNP B8H4R9 ? ? 'expression tag' 93 4 
1 6JYK HIS A 94 ? UNP B8H4R9 ? ? 'expression tag' 94 5 
1 6JYK HIS A 95 ? UNP B8H4R9 ? ? 'expression tag' 95 6 
1 6JYK HIS A 96 ? UNP B8H4R9 ? ? 'expression tag' 96 7 
1 6JYK HIS A 97 ? UNP B8H4R9 ? ? 'expression tag' 97 8 
# 
loop_
_chem_comp.id 
_chem_comp.type 
_chem_comp.mon_nstd_flag 
_chem_comp.name 
_chem_comp.pdbx_synonyms 
_chem_comp.formula 
_chem_comp.formula_weight 
ALA 'L-peptide linking' y ALANINE         ? 'C3 H7 N O2'     89.093  
ARG 'L-peptide linking' y ARGININE        ? 'C6 H15 N4 O2 1' 175.209 
ASN 'L-peptide linking' y ASPARAGINE      ? 'C4 H8 N2 O3'    132.118 
ASP 'L-peptide linking' y 'ASPARTIC ACID' ? 'C4 H7 N O4'     133.103 
GLN 'L-peptide linking' y GLUTAMINE       ? 'C5 H10 N2 O3'   146.144 
GLU 'L-peptide linking' y 'GLUTAMIC ACID' ? 'C5 H9 N O4'     147.129 
GLY 'peptide linking'   y GLYCINE         ? 'C2 H5 N O2'     75.067  
HIS 'L-peptide linking' y HISTIDINE       ? 'C6 H10 N3 O2 1' 156.162 
HOH non-polymer         . WATER           ? 'H2 O'           18.015  
ILE 'L-peptide linking' y ISOLEUCINE      ? 'C6 H13 N O2'    131.173 
LEU 'L-peptide linking' y LEUCINE         ? 'C6 H13 N O2'    131.173 
LYS 'L-peptide linking' y LYSINE          ? 'C6 H15 N2 O2 1' 147.195 
MET 'L-peptide linking' y METHIONINE      ? 'C5 H11 N O2 S'  149.211 
PHE 'L-peptide linking' y PHENYLALANINE   ? 'C9 H11 N O2'    165.189 
PRO 'L-peptide linking' y PROLINE         ? 'C5 H9 N O2'     115.130 
SER 'L-peptide linking' y SERINE          ? 'C3 H7 N O3'     105.093 
THR 'L-peptide linking' y THREONINE       ? 'C4 H9 N O3'     119.119 
TYR 'L-peptide linking' y TYROSINE        ? 'C9 H11 N O3'    181.189 
VAL 'L-peptide linking' y VALINE          ? 'C5 H11 N O2'    117.146 
# 
_exptl.absorpt_coefficient_mu     ? 
_exptl.absorpt_correction_T_max   ? 
_exptl.absorpt_correction_T_min   ? 
_exptl.absorpt_correction_type    ? 
_exptl.absorpt_process_details    ? 
_exptl.entry_id                   6JYK 
_exptl.crystals_number            1 
_exptl.details                    ? 
_exptl.method                     'X-RAY DIFFRACTION' 
_exptl.method_details             ? 
# 
_exptl_crystal.colour                      ? 
_exptl_crystal.density_diffrn              ? 
_exptl_crystal.density_Matthews            4.33 
_exptl_crystal.density_method              ? 
_exptl_crystal.density_percent_sol         71.59 
_exptl_crystal.description                 ? 
_exptl_crystal.F_000                       ? 
_exptl_crystal.id                          1 
_exptl_crystal.preparation                 ? 
_exptl_crystal.size_max                    ? 
_exptl_crystal.size_mid                    ? 
_exptl_crystal.size_min                    ? 
_exptl_crystal.size_rad                    ? 
_exptl_crystal.colour_lustre               ? 
_exptl_crystal.colour_modifier             ? 
_exptl_crystal.colour_primary              ? 
_exptl_crystal.density_meas                ? 
_exptl_crystal.density_meas_esd            ? 
_exptl_crystal.density_meas_gt             ? 
_exptl_crystal.density_meas_lt             ? 
_exptl_crystal.density_meas_temp           ? 
_exptl_crystal.density_meas_temp_esd       ? 
_exptl_crystal.density_meas_temp_gt        ? 
_exptl_crystal.density_meas_temp_lt        ? 
_exptl_crystal.pdbx_crystal_image_url      ? 
_exptl_crystal.pdbx_crystal_image_format   ? 
_exptl_crystal.pdbx_mosaicity              ? 
_exptl_crystal.pdbx_mosaicity_esd          ? 
# 
_exptl_crystal_grow.apparatus       ? 
_exptl_crystal_grow.atmosphere      ? 
_exptl_crystal_grow.crystal_id      1 
_exptl_crystal_grow.details         ? 
_exptl_crystal_grow.method          'VAPOR DIFFUSION, SITTING DROP' 
_exptl_crystal_grow.method_ref      ? 
_exptl_crystal_grow.pH              ? 
_exptl_crystal_grow.pressure        ? 
_exptl_crystal_grow.pressure_esd    ? 
_exptl_crystal_grow.seeding         ? 
_exptl_crystal_grow.seeding_ref     ? 
_exptl_crystal_grow.temp            289 
_exptl_crystal_grow.temp_details    ? 
_exptl_crystal_grow.temp_esd        ? 
_exptl_crystal_grow.time            ? 
_exptl_crystal_grow.pdbx_details    
'0.01M Manganese (II) chloride tetrahydrate, 0.1M Sodium citrate (PH 5.6), 2.5M 1,6-Hexanediol and 0.3% v/v Dimethyl sulfoxide' 
_exptl_crystal_grow.pdbx_pH_range   5.6-8.0 
# 
_diffrn.ambient_environment              ? 
_diffrn.ambient_temp                     100 
_diffrn.ambient_temp_details             ? 
_diffrn.ambient_temp_esd                 ? 
_diffrn.crystal_id                       1 
_diffrn.crystal_support                  ? 
_diffrn.crystal_treatment                ? 
_diffrn.details                          ? 
_diffrn.id                               1 
_diffrn.ambient_pressure                 ? 
_diffrn.ambient_pressure_esd             ? 
_diffrn.ambient_pressure_gt              ? 
_diffrn.ambient_pressure_lt              ? 
_diffrn.ambient_temp_gt                  ? 
_diffrn.ambient_temp_lt                  ? 
_diffrn.pdbx_serial_crystal_experiment   N 
# 
_diffrn_detector.details                      ? 
_diffrn_detector.detector                     PIXEL 
_diffrn_detector.diffrn_id                    1 
_diffrn_detector.type                         'DECTRIS PILATUS 6M' 
_diffrn_detector.area_resol_mean              ? 
_diffrn_detector.dtime                        ? 
_diffrn_detector.pdbx_frames_total            ? 
_diffrn_detector.pdbx_collection_time_total   ? 
_diffrn_detector.pdbx_collection_date         2018-04-04 
_diffrn_detector.pdbx_frequency               ? 
# 
_diffrn_radiation.collimation                      ? 
_diffrn_radiation.diffrn_id                        1 
_diffrn_radiation.filter_edge                      ? 
_diffrn_radiation.inhomogeneity                    ? 
_diffrn_radiation.monochromator                    ? 
_diffrn_radiation.polarisn_norm                    ? 
_diffrn_radiation.polarisn_ratio                   ? 
_diffrn_radiation.probe                            ? 
_diffrn_radiation.type                             ? 
_diffrn_radiation.xray_symbol                      ? 
_diffrn_radiation.wavelength_id                    1 
_diffrn_radiation.pdbx_monochromatic_or_laue_m_l   M 
_diffrn_radiation.pdbx_wavelength_list             ? 
_diffrn_radiation.pdbx_wavelength                  ? 
_diffrn_radiation.pdbx_diffrn_protocol             'SINGLE WAVELENGTH' 
_diffrn_radiation.pdbx_analyzer                    ? 
_diffrn_radiation.pdbx_scattering_type             x-ray 
# 
_diffrn_radiation_wavelength.id           1 
_diffrn_radiation_wavelength.wavelength   0.9786 
_diffrn_radiation_wavelength.wt           1.0 
# 
_diffrn_source.current                     ? 
_diffrn_source.details                     ? 
_diffrn_source.diffrn_id                   1 
_diffrn_source.power                       ? 
_diffrn_source.size                        ? 
_diffrn_source.source                      SYNCHROTRON 
_diffrn_source.target                      ? 
_diffrn_source.type                        'SSRF BEAMLINE BL17U1' 
_diffrn_source.voltage                     ? 
_diffrn_source.take-off_angle              ? 
_diffrn_source.pdbx_wavelength_list        0.9786 
_diffrn_source.pdbx_wavelength             ? 
_diffrn_source.pdbx_synchrotron_beamline   BL17U1 
_diffrn_source.pdbx_synchrotron_site       SSRF 
# 
_reflns.B_iso_Wilson_estimate            ? 
_reflns.entry_id                         6JYK 
_reflns.data_reduction_details           ? 
_reflns.data_reduction_method            ? 
_reflns.d_resolution_high                2.0 
_reflns.d_resolution_low                 43.8 
_reflns.details                          ? 
_reflns.limit_h_max                      ? 
_reflns.limit_h_min                      ? 
_reflns.limit_k_max                      ? 
_reflns.limit_k_min                      ? 
_reflns.limit_l_max                      ? 
_reflns.limit_l_min                      ? 
_reflns.number_all                       ? 
_reflns.number_obs                       13439 
_reflns.observed_criterion               ? 
_reflns.observed_criterion_F_max         ? 
_reflns.observed_criterion_F_min         ? 
_reflns.observed_criterion_I_max         ? 
_reflns.observed_criterion_I_min         ? 
_reflns.observed_criterion_sigma_F       ? 
_reflns.observed_criterion_sigma_I       ? 
_reflns.percent_possible_obs             98 
_reflns.R_free_details                   ? 
_reflns.Rmerge_F_all                     ? 
_reflns.Rmerge_F_obs                     ? 
_reflns.Friedel_coverage                 ? 
_reflns.number_gt                        ? 
_reflns.threshold_expression             ? 
_reflns.pdbx_redundancy                  5.6 
_reflns.pdbx_Rmerge_I_obs                0.073 
_reflns.pdbx_Rmerge_I_all                ? 
_reflns.pdbx_Rsym_value                  ? 
_reflns.pdbx_netI_over_av_sigmaI         ? 
_reflns.pdbx_netI_over_sigmaI            37.7 
_reflns.pdbx_res_netI_over_av_sigmaI_2   ? 
_reflns.pdbx_res_netI_over_sigmaI_2      ? 
_reflns.pdbx_chi_squared                 ? 
_reflns.pdbx_scaling_rejects             ? 
_reflns.pdbx_d_res_high_opt              ? 
_reflns.pdbx_d_res_low_opt               ? 
_reflns.pdbx_d_res_opt_method            ? 
_reflns.phase_calculation_details        ? 
_reflns.pdbx_Rrim_I_all                  ? 
_reflns.pdbx_Rpim_I_all                  ? 
_reflns.pdbx_d_opt                       ? 
_reflns.pdbx_number_measured_all         ? 
_reflns.pdbx_diffrn_id                   1 
_reflns.pdbx_ordinal                     1 
_reflns.pdbx_CC_half                     ? 
_reflns.pdbx_R_split                     ? 
# 
_reflns_shell.d_res_high                  2.00 
_reflns_shell.d_res_low                   2.03 
_reflns_shell.meanI_over_sigI_all         ? 
_reflns_shell.meanI_over_sigI_obs         ? 
_reflns_shell.number_measured_all         ? 
_reflns_shell.number_measured_obs         ? 
_reflns_shell.number_possible             ? 
_reflns_shell.number_unique_all           ? 
_reflns_shell.number_unique_obs           1291 
_reflns_shell.percent_possible_all        ? 
_reflns_shell.percent_possible_obs        ? 
_reflns_shell.Rmerge_F_all                ? 
_reflns_shell.Rmerge_F_obs                ? 
_reflns_shell.Rmerge_I_all                ? 
_reflns_shell.Rmerge_I_obs                0.54 
_reflns_shell.meanI_over_sigI_gt          ? 
_reflns_shell.meanI_over_uI_all           ? 
_reflns_shell.meanI_over_uI_gt            ? 
_reflns_shell.number_measured_gt          ? 
_reflns_shell.number_unique_gt            ? 
_reflns_shell.percent_possible_gt         ? 
_reflns_shell.Rmerge_F_gt                 ? 
_reflns_shell.Rmerge_I_gt                 ? 
_reflns_shell.pdbx_redundancy             ? 
_reflns_shell.pdbx_Rsym_value             ? 
_reflns_shell.pdbx_chi_squared            ? 
_reflns_shell.pdbx_netI_over_sigmaI_all   ? 
_reflns_shell.pdbx_netI_over_sigmaI_obs   ? 
_reflns_shell.pdbx_Rrim_I_all             ? 
_reflns_shell.pdbx_Rpim_I_all             ? 
_reflns_shell.pdbx_rejects                ? 
_reflns_shell.pdbx_ordinal                1 
_reflns_shell.pdbx_diffrn_id              1 
_reflns_shell.pdbx_CC_half                ? 
_reflns_shell.pdbx_R_split                ? 
# 
_refine.aniso_B[1][1]                            ? 
_refine.aniso_B[1][2]                            ? 
_refine.aniso_B[1][3]                            ? 
_refine.aniso_B[2][2]                            ? 
_refine.aniso_B[2][3]                            ? 
_refine.aniso_B[3][3]                            ? 
_refine.B_iso_max                                ? 
_refine.B_iso_mean                               ? 
_refine.B_iso_min                                ? 
_refine.correlation_coeff_Fo_to_Fc               ? 
_refine.correlation_coeff_Fo_to_Fc_free          ? 
_refine.details                                  ? 
_refine.diff_density_max                         ? 
_refine.diff_density_max_esd                     ? 
_refine.diff_density_min                         ? 
_refine.diff_density_min_esd                     ? 
_refine.diff_density_rms                         ? 
_refine.diff_density_rms_esd                     ? 
_refine.entry_id                                 6JYK 
_refine.pdbx_refine_id                           'X-RAY DIFFRACTION' 
_refine.ls_abs_structure_details                 ? 
_refine.ls_abs_structure_Flack                   ? 
_refine.ls_abs_structure_Flack_esd               ? 
_refine.ls_abs_structure_Rogers                  ? 
_refine.ls_abs_structure_Rogers_esd              ? 
_refine.ls_d_res_high                            2.000 
_refine.ls_d_res_low                             43.776 
_refine.ls_extinction_coef                       ? 
_refine.ls_extinction_coef_esd                   ? 
_refine.ls_extinction_expression                 ? 
_refine.ls_extinction_method                     ? 
_refine.ls_goodness_of_fit_all                   ? 
_refine.ls_goodness_of_fit_all_esd               ? 
_refine.ls_goodness_of_fit_obs                   ? 
_refine.ls_goodness_of_fit_obs_esd               ? 
_refine.ls_hydrogen_treatment                    ? 
_refine.ls_matrix_type                           ? 
_refine.ls_number_constraints                    ? 
_refine.ls_number_parameters                     ? 
_refine.ls_number_reflns_all                     ? 
_refine.ls_number_reflns_obs                     13439 
_refine.ls_number_reflns_R_free                  1347 
_refine.ls_number_reflns_R_work                  ? 
_refine.ls_number_restraints                     ? 
_refine.ls_percent_reflns_obs                    97.99 
_refine.ls_percent_reflns_R_free                 10.02 
_refine.ls_R_factor_all                          ? 
_refine.ls_R_factor_obs                          0.2040 
_refine.ls_R_factor_R_free                       0.2118 
_refine.ls_R_factor_R_free_error                 ? 
_refine.ls_R_factor_R_free_error_details         ? 
_refine.ls_R_factor_R_work                       0.2031 
_refine.ls_R_Fsqd_factor_obs                     ? 
_refine.ls_R_I_factor_obs                        ? 
_refine.ls_redundancy_reflns_all                 ? 
_refine.ls_redundancy_reflns_obs                 ? 
_refine.ls_restrained_S_all                      ? 
_refine.ls_restrained_S_obs                      ? 
_refine.ls_shift_over_esd_max                    ? 
_refine.ls_shift_over_esd_mean                   ? 
_refine.ls_structure_factor_coef                 ? 
_refine.ls_weighting_details                     ? 
_refine.ls_weighting_scheme                      ? 
_refine.ls_wR_factor_all                         ? 
_refine.ls_wR_factor_obs                         ? 
_refine.ls_wR_factor_R_free                      ? 
_refine.ls_wR_factor_R_work                      ? 
_refine.occupancy_max                            ? 
_refine.occupancy_min                            ? 
_refine.solvent_model_details                    'FLAT BULK SOLVENT MODEL' 
_refine.solvent_model_param_bsol                 ? 
_refine.solvent_model_param_ksol                 ? 
_refine.ls_R_factor_gt                           ? 
_refine.ls_goodness_of_fit_gt                    ? 
_refine.ls_goodness_of_fit_ref                   ? 
_refine.ls_shift_over_su_max                     ? 
_refine.ls_shift_over_su_max_lt                  ? 
_refine.ls_shift_over_su_mean                    ? 
_refine.ls_shift_over_su_mean_lt                 ? 
_refine.pdbx_ls_sigma_I                          ? 
_refine.pdbx_ls_sigma_F                          1.34 
_refine.pdbx_ls_sigma_Fsqd                       ? 
_refine.pdbx_data_cutoff_high_absF               ? 
_refine.pdbx_data_cutoff_high_rms_absF           ? 
_refine.pdbx_data_cutoff_low_absF                ? 
_refine.pdbx_isotropic_thermal_model             ? 
_refine.pdbx_ls_cross_valid_method               'FREE R-VALUE' 
_refine.pdbx_method_to_determine_struct          'MOLECULAR REPLACEMENT' 
_refine.pdbx_starting_model                      6K2J 
_refine.pdbx_stereochemistry_target_values       ML 
_refine.pdbx_R_Free_selection_details            ? 
_refine.pdbx_stereochem_target_val_spec_case     ? 
_refine.pdbx_overall_ESU_R                       ? 
_refine.pdbx_overall_ESU_R_Free                  ? 
_refine.pdbx_solvent_vdw_probe_radii             1.11 
_refine.pdbx_solvent_ion_probe_radii             ? 
_refine.pdbx_solvent_shrinkage_radii             0.90 
_refine.pdbx_real_space_R                        ? 
_refine.pdbx_density_correlation                 ? 
_refine.pdbx_pd_number_of_powder_patterns        ? 
_refine.pdbx_pd_number_of_points                 ? 
_refine.pdbx_pd_meas_number_of_points            ? 
_refine.pdbx_pd_proc_ls_prof_R_factor            ? 
_refine.pdbx_pd_proc_ls_prof_wR_factor           ? 
_refine.pdbx_pd_Marquardt_correlation_coeff      ? 
_refine.pdbx_pd_Fsqrd_R_factor                   ? 
_refine.pdbx_pd_ls_matrix_band_width             ? 
_refine.pdbx_overall_phase_error                 22.12 
_refine.pdbx_overall_SU_R_free_Cruickshank_DPI   ? 
_refine.pdbx_overall_SU_R_free_Blow_DPI          ? 
_refine.pdbx_overall_SU_R_Blow_DPI               ? 
_refine.pdbx_TLS_residual_ADP_flag               ? 
_refine.pdbx_diffrn_id                           1 
_refine.overall_SU_B                             ? 
_refine.overall_SU_ML                            0.21 
_refine.overall_SU_R_Cruickshank_DPI             ? 
_refine.overall_SU_R_free                        ? 
_refine.overall_FOM_free_R_set                   ? 
_refine.overall_FOM_work_R_set                   ? 
_refine.pdbx_average_fsc_overall                 ? 
_refine.pdbx_average_fsc_work                    ? 
_refine.pdbx_average_fsc_free                    ? 
# 
_refine_hist.pdbx_refine_id                   'X-RAY DIFFRACTION' 
_refine_hist.cycle_id                         LAST 
_refine_hist.pdbx_number_atoms_protein        615 
_refine_hist.pdbx_number_atoms_nucleic_acid   0 
_refine_hist.pdbx_number_atoms_ligand         0 
_refine_hist.number_atoms_solvent             82 
_refine_hist.number_atoms_total               697 
_refine_hist.d_res_high                       2.000 
_refine_hist.d_res_low                        43.776 
# 
loop_
_refine_ls_restr.pdbx_refine_id 
_refine_ls_restr.criterion 
_refine_ls_restr.dev_ideal 
_refine_ls_restr.dev_ideal_target 
_refine_ls_restr.number 
_refine_ls_restr.rejects 
_refine_ls_restr.type 
_refine_ls_restr.weight 
_refine_ls_restr.pdbx_restraint_function 
'X-RAY DIFFRACTION' ? 0.009  ? 617 ? f_bond_d           ? ? 
'X-RAY DIFFRACTION' ? 0.891  ? 822 ? f_angle_d          ? ? 
'X-RAY DIFFRACTION' ? 13.029 ? 249 ? f_dihedral_angle_d ? ? 
'X-RAY DIFFRACTION' ? 0.037  ? 95  ? f_chiral_restr     ? ? 
'X-RAY DIFFRACTION' ? 0.003  ? 106 ? f_plane_restr      ? ? 
# 
loop_
_refine_ls_shell.pdbx_refine_id 
_refine_ls_shell.d_res_high 
_refine_ls_shell.d_res_low 
_refine_ls_shell.number_reflns_all 
_refine_ls_shell.number_reflns_obs 
_refine_ls_shell.number_reflns_R_free 
_refine_ls_shell.number_reflns_R_work 
_refine_ls_shell.percent_reflns_obs 
_refine_ls_shell.percent_reflns_R_free 
_refine_ls_shell.R_factor_all 
_refine_ls_shell.R_factor_obs 
_refine_ls_shell.R_factor_R_free 
_refine_ls_shell.R_factor_R_free_error 
_refine_ls_shell.R_factor_R_work 
_refine_ls_shell.redundancy_reflns_all 
_refine_ls_shell.redundancy_reflns_obs 
_refine_ls_shell.wR_factor_all 
_refine_ls_shell.wR_factor_obs 
_refine_ls_shell.wR_factor_R_free 
_refine_ls_shell.wR_factor_R_work 
_refine_ls_shell.pdbx_total_number_of_bins_used 
_refine_ls_shell.pdbx_phase_error 
_refine_ls_shell.pdbx_fsc_work 
_refine_ls_shell.pdbx_fsc_free 
'X-RAY DIFFRACTION' 2.0001 2.0716  . . 128 1176 98.00  . . . 0.2983 . 0.2630 . . . . . . . . . . 
'X-RAY DIFFRACTION' 2.0716 2.1545  . . 130 1210 100.00 . . . 0.2664 . 0.2147 . . . . . . . . . . 
'X-RAY DIFFRACTION' 2.1545 2.2526  . . 127 1166 95.00  . . . 0.2060 . 0.2260 . . . . . . . . . . 
'X-RAY DIFFRACTION' 2.2526 2.3713  . . 136 1190 99.00  . . . 0.2056 . 0.1987 . . . . . . . . . . 
'X-RAY DIFFRACTION' 2.3713 2.5199  . . 132 1231 100.00 . . . 0.2387 . 0.1994 . . . . . . . . . . 
'X-RAY DIFFRACTION' 2.5199 2.7144  . . 134 1198 99.00  . . . 0.2414 . 0.1998 . . . . . . . . . . 
'X-RAY DIFFRACTION' 2.7144 2.9875  . . 141 1214 99.00  . . . 0.2084 . 0.2056 . . . . . . . . . . 
'X-RAY DIFFRACTION' 2.9875 3.4197  . . 133 1209 97.00  . . . 0.2176 . 0.2024 . . . . . . . . . . 
'X-RAY DIFFRACTION' 3.4197 4.3079  . . 142 1206 96.00  . . . 0.1974 . 0.1896 . . . . . . . . . . 
'X-RAY DIFFRACTION' 4.3079 43.7867 . . 144 1292 97.00  . . . 0.1967 . 0.2046 . . . . . . . . . . 
# 
_struct.entry_id                     6JYK 
_struct.title                        'Crystal Structure of C. crescentus free GapR' 
_struct.pdbx_model_details           ? 
_struct.pdbx_formula_weight          ? 
_struct.pdbx_formula_weight_method   ? 
_struct.pdbx_model_type_details      ? 
_struct.pdbx_CASP_flag               N 
# 
_struct_keywords.entry_id        6JYK 
_struct_keywords.text            'C. crescentus, free, NAPs, DNA BINDING PROTEIN' 
_struct_keywords.pdbx_keywords   'DNA BINDING PROTEIN' 
# 
loop_
_struct_asym.id 
_struct_asym.pdbx_blank_PDB_chainid_flag 
_struct_asym.pdbx_modified 
_struct_asym.entity_id 
_struct_asym.details 
A N N 1 ? 
B N N 2 ? 
# 
loop_
_struct_conf.conf_type_id 
_struct_conf.id 
_struct_conf.pdbx_PDB_helix_id 
_struct_conf.beg_label_comp_id 
_struct_conf.beg_label_asym_id 
_struct_conf.beg_label_seq_id 
_struct_conf.pdbx_beg_PDB_ins_code 
_struct_conf.end_label_comp_id 
_struct_conf.end_label_asym_id 
_struct_conf.end_label_seq_id 
_struct_conf.pdbx_end_PDB_ins_code 
_struct_conf.beg_auth_comp_id 
_struct_conf.beg_auth_asym_id 
_struct_conf.beg_auth_seq_id 
_struct_conf.end_auth_comp_id 
_struct_conf.end_auth_asym_id 
_struct_conf.end_auth_seq_id 
_struct_conf.pdbx_PDB_helix_class 
_struct_conf.details 
_struct_conf.pdbx_PDB_helix_length 
HELX_P HELX_P1 AA1 ASN A 13 ? ASN A 51 ? ASN A 13 ASN A 51 1 ? 39 
HELX_P HELX_P2 AA2 ASP A 54 ? GLY A 87 ? ASP A 54 GLY A 87 1 ? 34 
# 
_struct_conf_type.id          HELX_P 
_struct_conf_type.criteria    ? 
_struct_conf_type.reference   ? 
# 
_atom_sites.entry_id                    6JYK 
_atom_sites.fract_transf_matrix[1][1]   0.01868349 
_atom_sites.fract_transf_matrix[1][2]   -0.00185087 
_atom_sites.fract_transf_matrix[1][3]   -0.00939042 
_atom_sites.fract_transf_matrix[2][1]   0.01721118 
_atom_sites.fract_transf_matrix[2][2]   0.00764445 
_atom_sites.fract_transf_matrix[2][3]   0.00927371 
_atom_sites.fract_transf_matrix[3][1]   0.00128938 
_atom_sites.fract_transf_matrix[3][2]   -0.00790542 
_atom_sites.fract_transf_matrix[3][3]   0.00412357 
_atom_sites.fract_transf_vector[1]      -0.210744 
_atom_sites.fract_transf_vector[2]      0.102663 
_atom_sites.fract_transf_vector[3]      -0.140564 
# 
loop_
_atom_type.symbol 
C 
N 
O 
S 
# 
loop_
_atom_site.group_PDB 
_atom_site.id 
_atom_site.type_symbol 
_atom_site.label_atom_id 
_atom_site.label_alt_id 
_atom_site.label_comp_id 
_atom_site.label_asym_id 
_atom_site.label_entity_id 
_atom_site.label_seq_id 
_atom_site.pdbx_PDB_ins_code 
_atom_site.Cartn_x 
_atom_site.Cartn_y 
_atom_site.Cartn_z 
_atom_site.occupancy 
_atom_site.B_iso_or_equiv 
_atom_site.pdbx_formal_charge 
_atom_site.auth_seq_id 
_atom_site.auth_comp_id 
_atom_site.auth_asym_id 
_atom_site.auth_atom_id 
_atom_site.pdbx_PDB_model_num 
ATOM   1   N N   . VAL A 1 11 ? -6.231  33.231  -14.168 1.00 73.00  ? 11  VAL A N   1 
ATOM   2   C CA  . VAL A 1 11 ? -5.879  32.517  -15.395 1.00 73.82  ? 11  VAL A CA  1 
ATOM   3   C C   . VAL A 1 11 ? -4.578  31.724  -15.241 1.00 75.25  ? 11  VAL A C   1 
ATOM   4   O O   . VAL A 1 11 ? -3.628  32.180  -14.597 1.00 81.47  ? 11  VAL A O   1 
ATOM   5   C CB  . VAL A 1 11 ? -5.767  33.494  -16.562 1.00 75.04  ? 11  VAL A CB  1 
ATOM   6   N N   . LEU A 1 12 ? -4.539  30.536  -15.836 1.00 64.12  ? 12  LEU A N   1 
ATOM   7   C CA  . LEU A 1 12 ? -3.336  29.711  -15.809 1.00 59.18  ? 12  LEU A CA  1 
ATOM   8   C C   . LEU A 1 12 ? -2.572  29.846  -17.125 1.00 50.57  ? 12  LEU A C   1 
ATOM   9   O O   . LEU A 1 12 ? -3.158  29.690  -18.199 1.00 50.64  ? 12  LEU A O   1 
ATOM   10  C CB  . LEU A 1 12 ? -3.695  28.242  -15.553 1.00 52.45  ? 12  LEU A CB  1 
ATOM   11  C CG  . LEU A 1 12 ? -4.242  27.863  -14.171 1.00 50.41  ? 12  LEU A CG  1 
ATOM   12  C CD1 . LEU A 1 12 ? -4.639  26.402  -14.147 1.00 52.09  ? 12  LEU A CD1 1 
ATOM   13  C CD2 . LEU A 1 12 ? -3.223  28.150  -13.080 1.00 46.85  ? 12  LEU A CD2 1 
ATOM   14  N N   . ASN A 1 13 ? -1.271  30.129  -17.056 1.00 49.91  ? 13  ASN A N   1 
ATOM   15  C CA  . ASN A 1 13 ? -0.494  30.272  -18.292 1.00 56.87  ? 13  ASN A CA  1 
ATOM   16  C C   . ASN A 1 13 ? -0.271  28.902  -18.956 1.00 53.60  ? 13  ASN A C   1 
ATOM   17  O O   . ASN A 1 13 ? -0.688  27.875  -18.421 1.00 43.58  ? 13  ASN A O   1 
ATOM   18  C CB  . ASN A 1 13 ? 0.836   31.014  -18.036 1.00 58.35  ? 13  ASN A CB  1 
ATOM   19  C CG  . ASN A 1 13 ? 1.886   30.176  -17.281 1.00 75.54  ? 13  ASN A CG  1 
ATOM   20  O OD1 . ASN A 1 13 ? 1.678   29.012  -16.946 1.00 69.63  ? 13  ASN A OD1 1 
ATOM   21  N ND2 . ASN A 1 13 ? 3.031   30.798  -17.013 1.00 80.12  ? 13  ASN A ND2 1 
ATOM   22  N N   . SER A 1 14 ? 0.370   28.892  -20.120 1.00 52.87  ? 14  SER A N   1 
ATOM   23  C CA  . SER A 1 14 ? 0.475   27.680  -20.934 1.00 48.41  ? 14  SER A CA  1 
ATOM   24  C C   . SER A 1 14 ? 1.197   26.552  -20.214 1.00 37.82  ? 14  SER A C   1 
ATOM   25  O O   . SER A 1 14 ? 0.762   25.386  -20.246 1.00 39.21  ? 14  SER A O   1 
ATOM   26  C CB  . SER A 1 14 ? 1.196   27.989  -22.245 1.00 55.41  ? 14  SER A CB  1 
ATOM   27  O OG  . SER A 1 14 ? 0.449   28.923  -23.002 1.00 62.77  ? 14  SER A OG  1 
ATOM   28  N N   . THR A 1 15 ? 2.297   26.909  -19.555 1.00 34.56  ? 15  THR A N   1 
ATOM   29  C CA  . THR A 1 15 ? 3.104   25.911  -18.871 1.00 41.78  ? 15  THR A CA  1 
ATOM   30  C C   . THR A 1 15 ? 2.298   25.333  -17.706 1.00 44.48  ? 15  THR A C   1 
ATOM   31  O O   . THR A 1 15 ? 2.275   24.121  -17.531 1.00 35.73  ? 15  THR A O   1 
ATOM   32  C CB  . THR A 1 15 ? 4.466   26.490  -18.396 1.00 34.99  ? 15  THR A CB  1 
ATOM   33  O OG1 . THR A 1 15 ? 5.237   26.891  -19.547 1.00 42.17  ? 15  THR A OG1 1 
ATOM   34  C CG2 . THR A 1 15 ? 5.271   25.434  -17.615 1.00 41.56  ? 15  THR A CG2 1 
ATOM   35  N N   . ALA A 1 16 ? 1.603   26.188  -16.956 1.00 42.47  ? 16  ALA A N   1 
ATOM   36  C CA  . ALA A 1 16 ? 0.804   25.742  -15.805 1.00 41.25  ? 16  ALA A CA  1 
ATOM   37  C C   . ALA A 1 16 ? -0.384  24.872  -16.221 1.00 40.86  ? 16  ALA A C   1 
ATOM   38  O O   . ALA A 1 16 ? -0.752  23.924  -15.523 1.00 43.75  ? 16  ALA A O   1 
ATOM   39  C CB  . ALA A 1 16 ? 0.312   26.939  -15.003 1.00 42.10  ? 16  ALA A CB  1 
ATOM   40  N N   . GLN A 1 17 ? -0.994  25.203  -17.356 1.00 34.69  ? 17  GLN A N   1 
ATOM   41  C CA  . GLN A 1 17 ? -2.096  24.393  -17.866 1.00 45.08  ? 17  GLN A CA  1 
ATOM   42  C C   . GLN A 1 17 ? -1.599  22.997  -18.263 1.00 40.89  ? 17  GLN A C   1 
ATOM   43  O O   . GLN A 1 17 ? -2.254  21.978  -17.974 1.00 38.56  ? 17  GLN A O   1 
ATOM   44  C CB  . GLN A 1 17 ? -2.760  25.083  -19.057 1.00 46.92  ? 17  GLN A CB  1 
ATOM   45  C CG  . GLN A 1 17 ? -4.138  24.538  -19.398 1.00 57.47  ? 17  GLN A CG  1 
ATOM   46  C CD  . GLN A 1 17 ? -4.894  25.448  -20.350 1.00 76.78  ? 17  GLN A CD  1 
ATOM   47  O OE1 . GLN A 1 17 ? -4.365  26.468  -20.800 1.00 76.41  ? 17  GLN A OE1 1 
ATOM   48  N NE2 . GLN A 1 17 ? -6.136  25.082  -20.665 1.00 75.16  ? 17  GLN A NE2 1 
ATOM   49  N N   . GLY A 1 18 ? -0.441  22.956  -18.921 1.00 38.08  ? 18  GLY A N   1 
ATOM   50  C CA  . GLY A 1 18 ? 0.204   21.681  -19.195 1.00 36.07  ? 18  GLY A CA  1 
ATOM   51  C C   . GLY A 1 18 ? 0.514   20.894  -17.927 1.00 42.68  ? 18  GLY A C   1 
ATOM   52  O O   . GLY A 1 18 ? 0.270   19.673  -17.851 1.00 33.66  ? 18  GLY A O   1 
ATOM   53  N N   . GLN A 1 19 ? 1.054   21.583  -16.919 1.00 30.62  ? 19  GLN A N   1 
ATOM   54  C CA  . GLN A 1 19 ? 1.362   20.927  -15.649 1.00 30.83  ? 19  GLN A CA  1 
ATOM   55  C C   . GLN A 1 19 ? 0.117   20.330  -15.009 1.00 31.57  ? 19  GLN A C   1 
ATOM   56  O O   . GLN A 1 19 ? 0.137   19.185  -14.553 1.00 33.46  ? 19  GLN A O   1 
ATOM   57  C CB  . GLN A 1 19 ? 2.019   21.901  -14.675 1.00 31.63  ? 19  GLN A CB  1 
ATOM   58  C CG  . GLN A 1 19 ? 3.392   22.391  -15.115 1.00 37.55  ? 19  GLN A CG  1 
ATOM   59  C CD  . GLN A 1 19 ? 3.912   23.537  -14.261 1.00 42.95  ? 19  GLN A CD  1 
ATOM   60  O OE1 . GLN A 1 19 ? 3.145   24.235  -13.603 1.00 46.53  ? 19  GLN A OE1 1 
ATOM   61  N NE2 . GLN A 1 19 ? 5.220   23.759  -14.305 1.00 36.42  ? 19  GLN A NE2 1 
ATOM   62  N N   . LEU A 1 20 ? -0.958  21.110  -14.975 1.00 32.11  ? 20  LEU A N   1 
ATOM   63  C CA  . LEU A 1 20 ? -2.206  20.654  -14.368 1.00 34.50  ? 20  LEU A CA  1 
ATOM   64  C C   . LEU A 1 20 ? -2.718  19.404  -15.078 1.00 32.16  ? 20  LEU A C   1 
ATOM   65  O O   . LEU A 1 20 ? -3.107  18.416  -14.434 1.00 30.98  ? 20  LEU A O   1 
ATOM   66  C CB  . LEU A 1 20 ? -3.268  21.755  -14.414 1.00 32.42  ? 20  LEU A CB  1 
ATOM   67  C CG  . LEU A 1 20 ? -4.646  21.339  -13.900 1.00 31.24  ? 20  LEU A CG  1 
ATOM   68  C CD1 . LEU A 1 20 ? -4.559  20.935  -12.456 1.00 34.32  ? 20  LEU A CD1 1 
ATOM   69  C CD2 . LEU A 1 20 ? -5.643  22.483  -14.064 1.00 35.84  ? 20  LEU A CD2 1 
ATOM   70  N N   . LYS A 1 21 ? -2.712  19.454  -16.410 1.00 32.28  ? 21  LYS A N   1 
ATOM   71  C CA  . LYS A 1 21 ? -3.224  18.329  -17.183 1.00 35.03  ? 21  LYS A CA  1 
ATOM   72  C C   . LYS A 1 21 ? -2.375  17.072  -16.942 1.00 34.00  ? 21  LYS A C   1 
ATOM   73  O O   . LYS A 1 21 ? -2.916  15.977  -16.782 1.00 31.81  ? 21  LYS A O   1 
ATOM   74  C CB  . LYS A 1 21 ? -3.295  18.689  -18.671 1.00 35.61  ? 21  LYS A CB  1 
ATOM   75  C CG  . LYS A 1 21 ? -4.265  19.855  -18.951 1.00 57.34  ? 21  LYS A CG  1 
ATOM   76  C CD  . LYS A 1 21 ? -5.086  19.687  -20.238 1.00 60.22  ? 21  LYS A CD  1 
ATOM   77  C CE  . LYS A 1 21 ? -6.038  20.870  -20.441 1.00 64.78  ? 21  LYS A CE  1 
ATOM   78  N NZ  . LYS A 1 21 ? -6.923  20.710  -21.635 1.00 71.56  ? 21  LYS A NZ  1 
ATOM   79  N N   . SER A 1 22 ? -1.060  17.241  -16.881 1.00 29.91  ? 22  SER A N   1 
ATOM   80  C CA  . SER A 1 22 ? -0.166  16.129  -16.563 1.00 33.65  ? 22  SER A CA  1 
ATOM   81  C C   . SER A 1 22 ? -0.387  15.534  -15.163 1.00 36.69  ? 22  SER A C   1 
ATOM   82  O O   . SER A 1 22 ? -0.327  14.314  -14.976 1.00 29.14  ? 22  SER A O   1 
ATOM   83  C CB  . SER A 1 22 ? 1.290   16.573  -16.689 1.00 33.00  ? 22  SER A CB  1 
ATOM   84  O OG  . SER A 1 22 ? 2.154   15.537  -16.245 1.00 37.43  ? 22  SER A OG  1 
ATOM   85  N N   . ILE A 1 23 ? -0.608  16.400  -14.173 1.00 30.04  ? 23  ILE A N   1 
ATOM   86  C CA  . ILE A 1 23 ? -0.887  15.939  -12.813 1.00 30.01  ? 23  ILE A CA  1 
ATOM   87  C C   . ILE A 1 23 ? -2.153  15.087  -12.774 1.00 28.04  ? 23  ILE A C   1 
ATOM   88  O O   . ILE A 1 23 ? -2.145  13.959  -12.266 1.00 29.09  ? 23  ILE A O   1 
ATOM   89  C CB  . ILE A 1 23 ? -1.042  17.121  -11.841 1.00 32.82  ? 23  ILE A CB  1 
ATOM   90  C CG1 . ILE A 1 23 ? 0.303   17.833  -11.652 1.00 34.89  ? 23  ILE A CG1 1 
ATOM   91  C CG2 . ILE A 1 23 ? -1.629  16.655  -10.510 1.00 30.94  ? 23  ILE A CG2 1 
ATOM   92  C CD1 . ILE A 1 23 ? 0.169   19.298  -11.253 1.00 29.45  ? 23  ILE A CD1 1 
ATOM   93  N N   . ILE A 1 24 ? -3.243  15.625  -13.332 1.00 26.23  ? 24  ILE A N   1 
ATOM   94  C CA  . ILE A 1 24 ? -4.520  14.910  -13.311 1.00 31.80  ? 24  ILE A CA  1 
ATOM   95  C C   . ILE A 1 24 ? -4.422  13.584  -14.062 1.00 30.76  ? 24  ILE A C   1 
ATOM   96  O O   . ILE A 1 24 ? -4.884  12.553  -13.588 1.00 28.77  ? 24  ILE A O   1 
ATOM   97  C CB  . ILE A 1 24 ? -5.658  15.755  -13.929 1.00 31.33  ? 24  ILE A CB  1 
ATOM   98  C CG1 . ILE A 1 24 ? -5.898  17.024  -13.105 1.00 30.02  ? 24  ILE A CG1 1 
ATOM   99  C CG2 . ILE A 1 24 ? -6.946  14.927  -14.056 1.00 32.49  ? 24  ILE A CG2 1 
ATOM   100 C CD1 . ILE A 1 24 ? -6.127  16.768  -11.621 1.00 33.93  ? 24  ILE A CD1 1 
ATOM   101 N N   . GLU A 1 25 ? -3.813  13.627  -15.238 1.00 26.99  ? 25  GLU A N   1 
ATOM   102 C CA  . GLU A 1 25 ? -3.582  12.431  -16.041 1.00 27.92  ? 25  GLU A CA  1 
ATOM   103 C C   . GLU A 1 25 ? -2.828  11.324  -15.284 1.00 29.13  ? 25  GLU A C   1 
ATOM   104 O O   . GLU A 1 25 ? -3.241  10.143  -15.271 1.00 28.51  ? 25  GLU A O   1 
ATOM   105 C CB  . GLU A 1 25 ? -2.811  12.855  -17.287 1.00 35.63  ? 25  GLU A CB  1 
ATOM   106 C CG  . GLU A 1 25 ? -2.313  11.786  -18.200 1.00 53.39  ? 25  GLU A CG  1 
ATOM   107 C CD  . GLU A 1 25 ? -1.468  12.397  -19.307 1.00 74.52  ? 25  GLU A CD  1 
ATOM   108 O OE1 . GLU A 1 25 ? -1.914  13.415  -19.905 1.00 60.92  ? 25  GLU A OE1 1 
ATOM   109 O OE2 . GLU A 1 25 ? -0.352  11.878  -19.548 1.00 80.13  ? 25  GLU A OE2 1 
ATOM   110 N N   . ARG A 1 26 ? -1.720  11.706  -14.639 1.00 27.59  ? 26  ARG A N   1 
ATOM   111 C CA  . ARG A 1 26 ? -0.912  10.706  -13.929 1.00 28.30  ? 26  ARG A CA  1 
ATOM   112 C C   . ARG A 1 26 ? -1.623  10.167  -12.674 1.00 32.23  ? 26  ARG A C   1 
ATOM   113 O O   . ARG A 1 26 ? -1.639  8.948   -12.439 1.00 29.48  ? 26  ARG A O   1 
ATOM   114 C CB  . ARG A 1 26 ? 0.462   11.283  -13.564 1.00 25.29  ? 26  ARG A CB  1 
ATOM   115 C CG  . ARG A 1 26 ? 1.422   11.325  -14.765 1.00 32.29  ? 26  ARG A CG  1 
ATOM   116 C CD  . ARG A 1 26 ? 2.757   11.980  -14.421 1.00 33.53  ? 26  ARG A CD  1 
ATOM   117 N NE  . ARG A 1 26 ? 2.626   13.413  -14.184 1.00 34.70  ? 26  ARG A NE  1 
ATOM   118 C CZ  . ARG A 1 26 ? 3.388   14.113  -13.345 1.00 37.31  ? 26  ARG A CZ  1 
ATOM   119 N NH1 . ARG A 1 26 ? 4.340   13.513  -12.636 1.00 30.59  ? 26  ARG A NH1 1 
ATOM   120 N NH2 . ARG A 1 26 ? 3.181   15.418  -13.206 1.00 34.65  ? 26  ARG A NH2 1 
ATOM   121 N N   . VAL A 1 27 ? -2.215  11.054  -11.882 1.00 28.11  ? 27  VAL A N   1 
ATOM   122 C CA  . VAL A 1 27 ? -2.940  10.594  -10.698 1.00 26.47  ? 27  VAL A CA  1 
ATOM   123 C C   . VAL A 1 27 ? -4.093  9.672   -11.110 1.00 30.44  ? 27  VAL A C   1 
ATOM   124 O O   . VAL A 1 27 ? -4.309  8.644   -10.479 1.00 30.45  ? 27  VAL A O   1 
ATOM   125 C CB  . VAL A 1 27 ? -3.490  11.773  -9.838  1.00 25.70  ? 27  VAL A CB  1 
ATOM   126 C CG1 . VAL A 1 27 ? -4.399  11.246  -8.706  1.00 25.76  ? 27  VAL A CG1 1 
ATOM   127 C CG2 . VAL A 1 27 ? -2.344  12.587  -9.232  1.00 23.11  ? 27  VAL A CG2 1 
ATOM   128 N N   . GLU A 1 28 ? -4.828  10.025  -12.157 1.00 24.57  ? 28  GLU A N   1 
ATOM   129 C CA  . GLU A 1 28 ? -5.970  9.202   -12.558 1.00 24.40  ? 28  GLU A CA  1 
ATOM   130 C C   . GLU A 1 28 ? -5.522  7.831   -13.081 1.00 25.02  ? 28  GLU A C   1 
ATOM   131 O O   . GLU A 1 28 ? -6.161  6.820   -12.785 1.00 24.87  ? 28  GLU A O   1 
ATOM   132 C CB  . GLU A 1 28 ? -6.841  9.941   -13.588 1.00 25.90  ? 28  GLU A CB  1 
ATOM   133 C CG  . GLU A 1 28 ? -7.679  11.049  -12.905 1.00 27.34  ? 28  GLU A CG  1 
ATOM   134 C CD  . GLU A 1 28 ? -8.706  11.713  -13.831 1.00 33.39  ? 28  GLU A CD  1 
ATOM   135 O OE1 . GLU A 1 28 ? -9.707  12.239  -13.309 1.00 33.43  ? 28  GLU A OE1 1 
ATOM   136 O OE2 . GLU A 1 28 ? -8.511  11.731  -15.060 1.00 33.09  ? 28  GLU A OE2 1 
ATOM   137 N N   . ARG A 1 29 ? -4.428  7.790   -13.850 1.00 22.26  ? 29  ARG A N   1 
ATOM   138 C CA  . ARG A 1 29 ? -3.871  6.501   -14.284 1.00 29.86  ? 29  ARG A CA  1 
ATOM   139 C C   . ARG A 1 29 ? -3.449  5.637   -13.073 1.00 32.66  ? 29  ARG A C   1 
ATOM   140 O O   . ARG A 1 29 ? -3.759  4.436   -13.004 1.00 31.08  ? 29  ARG A O   1 
ATOM   141 C CB  . ARG A 1 29 ? -2.671  6.716   -15.216 1.00 31.42  ? 29  ARG A CB  1 
ATOM   142 C CG  . ARG A 1 29 ? -1.936  5.434   -15.619 1.00 41.86  ? 29  ARG A CG  1 
ATOM   143 C CD  . ARG A 1 29 ? -2.902  4.412   -16.206 1.00 63.84  ? 29  ARG A CD  1 
ATOM   144 N NE  . ARG A 1 29 ? -2.307  3.086   -16.364 1.00 80.89  ? 29  ARG A NE  1 
ATOM   145 C CZ  . ARG A 1 29 ? -3.010  1.961   -16.451 1.00 81.34  ? 29  ARG A CZ  1 
ATOM   146 N NH1 . ARG A 1 29 ? -4.335  2.002   -16.388 1.00 80.07  ? 29  ARG A NH1 1 
ATOM   147 N NH2 . ARG A 1 29 ? -2.393  0.792   -16.597 1.00 78.89  ? 29  ARG A NH2 1 
ATOM   148 N N   . LEU A 1 30 ? -2.764  6.259   -12.114 1.00 30.97  ? 30  LEU A N   1 
ATOM   149 C CA  . LEU A 1 30 ? -2.345  5.528   -10.910 1.00 33.23  ? 30  LEU A CA  1 
ATOM   150 C C   . LEU A 1 30 ? -3.556  5.034   -10.116 1.00 36.29  ? 30  LEU A C   1 
ATOM   151 O O   . LEU A 1 30 ? -3.535  3.929   -9.575  1.00 28.29  ? 30  LEU A O   1 
ATOM   152 C CB  . LEU A 1 30 ? -1.441  6.401   -10.028 1.00 23.80  ? 30  LEU A CB  1 
ATOM   153 C CG  . LEU A 1 30 ? -0.046  6.636   -10.630 1.00 30.54  ? 30  LEU A CG  1 
ATOM   154 C CD1 . LEU A 1 30 ? 0.683   7.780   -9.919  1.00 27.84  ? 30  LEU A CD1 1 
ATOM   155 C CD2 . LEU A 1 30 ? 0.808   5.336   -10.599 1.00 32.11  ? 30  LEU A CD2 1 
ATOM   156 N N   . GLU A 1 31 ? -4.624  5.835   -10.055 1.00 25.66  ? 31  GLU A N   1 
ATOM   157 C CA  . GLU A 1 31 ? -5.810  5.417   -9.310  1.00 24.46  ? 31  GLU A CA  1 
ATOM   158 C C   . GLU A 1 31 ? -6.532  4.265   -10.015 1.00 29.75  ? 31  GLU A C   1 
ATOM   159 O O   . GLU A 1 31 ? -7.090  3.377   -9.351  1.00 28.67  ? 31  GLU A O   1 
ATOM   160 C CB  . GLU A 1 31 ? -6.744  6.619   -9.060  1.00 25.97  ? 31  GLU A CB  1 
ATOM   161 C CG  . GLU A 1 31 ? -6.064  7.575   -8.074  1.00 37.09  ? 31  GLU A CG  1 
ATOM   162 C CD  . GLU A 1 31 ? -6.994  8.361   -7.181  1.00 59.04  ? 31  GLU A CD  1 
ATOM   163 O OE1 . GLU A 1 31 ? -6.496  8.815   -6.128  1.00 54.94  ? 31  GLU A OE1 1 
ATOM   164 O OE2 . GLU A 1 31 ? -8.191  8.549   -7.522  1.00 61.99  ? 31  GLU A OE2 1 
ATOM   165 N N   . VAL A 1 32 ? -6.504  4.252   -11.348 1.00 30.57  ? 32  VAL A N   1 
ATOM   166 C CA  . VAL A 1 32 ? -6.990  3.076   -12.075 1.00 30.52  ? 32  VAL A CA  1 
ATOM   167 C C   . VAL A 1 32 ? -6.143  1.824   -11.725 1.00 31.39  ? 32  VAL A C   1 
ATOM   168 O O   . VAL A 1 32 ? -6.694  0.754   -11.453 1.00 27.33  ? 32  VAL A O   1 
ATOM   169 C CB  . VAL A 1 32 ? -6.982  3.304   -13.612 1.00 34.78  ? 32  VAL A CB  1 
ATOM   170 C CG1 . VAL A 1 32 ? -7.126  1.984   -14.357 1.00 34.27  ? 32  VAL A CG1 1 
ATOM   171 C CG2 . VAL A 1 32 ? -8.098  4.287   -14.021 1.00 32.87  ? 32  VAL A CG2 1 
ATOM   172 N N   . GLU A 1 33 ? -4.819  1.950   -11.729 1.00 27.86  ? 33  GLU A N   1 
ATOM   173 C CA  . GLU A 1 33 ? -3.985  0.792   -11.358 1.00 32.73  ? 33  GLU A CA  1 
ATOM   174 C C   . GLU A 1 33 ? -4.283  0.303   -9.937  1.00 33.08  ? 33  GLU A C   1 
ATOM   175 O O   . GLU A 1 33 ? -4.376  -0.904  -9.678  1.00 32.02  ? 33  GLU A O   1 
ATOM   176 C CB  . GLU A 1 33 ? -2.501  1.129   -11.490 1.00 34.45  ? 33  GLU A CB  1 
ATOM   177 C CG  . GLU A 1 33 ? -2.092  1.507   -12.912 1.00 41.99  ? 33  GLU A CG  1 
ATOM   178 C CD  . GLU A 1 33 ? -0.618  1.832   -13.022 1.00 62.60  ? 33  GLU A CD  1 
ATOM   179 O OE1 . GLU A 1 33 ? 0.171   1.286   -12.223 1.00 82.44  ? 33  GLU A OE1 1 
ATOM   180 O OE2 . GLU A 1 33 ? -0.250  2.635   -13.904 1.00 78.56  ? 33  GLU A OE2 1 
ATOM   181 N N   . LYS A 1 34 ? -4.448  1.248   -9.021  1.00 26.58  ? 34  LYS A N   1 
ATOM   182 C CA  . LYS A 1 34 ? -4.768  0.923   -7.629  1.00 28.54  ? 34  LYS A CA  1 
ATOM   183 C C   . LYS A 1 34 ? -6.089  0.149   -7.537  1.00 31.69  ? 34  LYS A C   1 
ATOM   184 O O   . LYS A 1 34 ? -6.188  -0.858  -6.804  1.00 29.36  ? 34  LYS A O   1 
ATOM   185 C CB  . LYS A 1 34 ? -4.834  2.203   -6.801  1.00 32.91  ? 34  LYS A CB  1 
ATOM   186 C CG  . LYS A 1 34 ? -5.056  2.014   -5.306  1.00 31.05  ? 34  LYS A CG  1 
ATOM   187 C CD  . LYS A 1 34 ? -5.011  3.399   -4.627  1.00 43.05  ? 34  LYS A CD  1 
ATOM   188 C CE  . LYS A 1 34 ? -6.218  3.644   -3.740  1.00 48.21  ? 34  LYS A CE  1 
ATOM   189 N NZ  . LYS A 1 34 ? -5.880  3.368   -2.324  1.00 57.13  ? 34  LYS A NZ  1 
ATOM   190 N N   . ALA A 1 35 ? -7.094  0.601   -8.289  1.00 28.16  ? 35  ALA A N   1 
ATOM   191 C CA  . ALA A 1 35 ? -8.385  -0.096  -8.311  1.00 28.15  ? 35  ALA A CA  1 
ATOM   192 C C   . ALA A 1 35 ? -8.255  -1.512  -8.897  1.00 28.83  ? 35  ALA A C   1 
ATOM   193 O O   . ALA A 1 35 ? -8.892  -2.451  -8.422  1.00 30.86  ? 35  ALA A O   1 
ATOM   194 C CB  . ALA A 1 35 ? -9.439  0.728   -9.105  1.00 32.83  ? 35  ALA A CB  1 
ATOM   195 N N   . GLU A 1 36 ? -7.447  -1.646  -9.946  1.00 28.16  ? 36  GLU A N   1 
ATOM   196 C CA  . GLU A 1 36 ? -7.173  -2.955  -10.530 1.00 30.16  ? 36  GLU A CA  1 
ATOM   197 C C   . GLU A 1 36 ? -6.531  -3.905  -9.491  1.00 32.29  ? 36  GLU A C   1 
ATOM   198 O O   . GLU A 1 36 ? -6.900  -5.080  -9.388  1.00 32.02  ? 36  GLU A O   1 
ATOM   199 C CB  . GLU A 1 36 ? -6.265  -2.803  -11.760 1.00 29.88  ? 36  GLU A CB  1 
ATOM   200 C CG  . GLU A 1 36 ? -6.963  -2.149  -12.966 1.00 51.92  ? 36  GLU A CG  1 
ATOM   201 C CD  . GLU A 1 36 ? -6.014  -1.823  -14.124 1.00 58.30  ? 36  GLU A CD  1 
ATOM   202 O OE1 . GLU A 1 36 ? -4.780  -1.893  -13.945 1.00 60.65  ? 36  GLU A OE1 1 
ATOM   203 O OE2 . GLU A 1 36 ? -6.511  -1.496  -15.224 1.00 63.05  ? 36  GLU A OE2 1 
ATOM   204 N N   . ILE A 1 37 ? -5.577  -3.389  -8.721  1.00 31.38  ? 37  ILE A N   1 
ATOM   205 C CA  . ILE A 1 37 ? -4.910  -4.210  -7.701  1.00 29.85  ? 37  ILE A CA  1 
ATOM   206 C C   . ILE A 1 37 ? -5.919  -4.643  -6.635  1.00 32.63  ? 37  ILE A C   1 
ATOM   207 O O   . ILE A 1 37 ? -5.950  -5.814  -6.235  1.00 31.07  ? 37  ILE A O   1 
ATOM   208 C CB  . ILE A 1 37 ? -3.744  -3.461  -7.023  1.00 30.85  ? 37  ILE A CB  1 
ATOM   209 C CG1 . ILE A 1 37 ? -2.678  -3.059  -8.041  1.00 31.52  ? 37  ILE A CG1 1 
ATOM   210 C CG2 . ILE A 1 37 ? -3.113  -4.310  -5.905  1.00 29.02  ? 37  ILE A CG2 1 
ATOM   211 C CD1 . ILE A 1 37 ? -2.089  -4.214  -8.767  1.00 42.03  ? 37  ILE A CD1 1 
ATOM   212 N N   . MET A 1 38 ? -6.743  -3.695  -6.185  1.00 27.59  ? 38  MET A N   1 
ATOM   213 C CA  . MET A 1 38 ? -7.756  -3.993  -5.184  1.00 30.80  ? 38  MET A CA  1 
ATOM   214 C C   . MET A 1 38 ? -8.712  -5.078  -5.683  1.00 35.77  ? 38  MET A C   1 
ATOM   215 O O   . MET A 1 38 ? -9.141  -5.956  -4.912  1.00 30.64  ? 38  MET A O   1 
ATOM   216 C CB  . MET A 1 38 ? -8.529  -2.723  -4.812  1.00 26.91  ? 38  MET A CB  1 
ATOM   217 C CG  . MET A 1 38 ? -7.688  -1.738  -3.980  1.00 33.12  ? 38  MET A CG  1 
ATOM   218 S SD  . MET A 1 38 ? -8.470  -0.101  -3.807  1.00 37.78  ? 38  MET A SD  1 
ATOM   219 C CE  . MET A 1 38 ? -9.941  -0.578  -2.892  1.00 36.87  ? 38  MET A CE  1 
ATOM   220 N N   . GLU A 1 39 ? -9.030  -5.019  -6.972  1.00 29.98  ? 39  GLU A N   1 
ATOM   221 C CA  . GLU A 1 39 ? -9.920  -6.015  -7.554  1.00 34.07  ? 39  GLU A CA  1 
ATOM   222 C C   . GLU A 1 39 ? -9.230  -7.378  -7.567  1.00 32.16  ? 39  GLU A C   1 
ATOM   223 O O   . GLU A 1 39 ? -9.846  -8.385  -7.258  1.00 29.23  ? 39  GLU A O   1 
ATOM   224 C CB  . GLU A 1 39 ? -10.355 -5.612  -8.963  1.00 31.43  ? 39  GLU A CB  1 
ATOM   225 C CG  . GLU A 1 39 ? -11.356 -6.564  -9.611  1.00 48.07  ? 39  GLU A CG  1 
ATOM   226 C CD  . GLU A 1 39 ? -12.659 -6.688  -8.826  1.00 59.15  ? 39  GLU A CD  1 
ATOM   227 O OE1 . GLU A 1 39 ? -13.272 -7.774  -8.875  1.00 69.50  ? 39  GLU A OE1 1 
ATOM   228 O OE2 . GLU A 1 39 ? -13.074 -5.711  -8.164  1.00 54.65  ? 39  GLU A OE2 1 
ATOM   229 N N   . GLN A 1 40 ? -7.947  -7.408  -7.912  1.00 28.51  ? 40  GLN A N   1 
ATOM   230 C CA  . GLN A 1 40 ? -7.211  -8.674  -7.893  1.00 32.16  ? 40  GLN A CA  1 
ATOM   231 C C   . GLN A 1 40 ? -7.150  -9.307  -6.492  1.00 33.32  ? 40  GLN A C   1 
ATOM   232 O O   . GLN A 1 40 ? -7.294  -10.521 -6.352  1.00 30.26  ? 40  GLN A O   1 
ATOM   233 C CB  . GLN A 1 40 ? -5.805  -8.475  -8.450  1.00 31.70  ? 40  GLN A CB  1 
ATOM   234 C CG  . GLN A 1 40 ? -5.805  -8.313  -9.955  1.00 36.90  ? 40  GLN A CG  1 
ATOM   235 C CD  . GLN A 1 40 ? -4.423  -8.074  -10.521 1.00 45.91  ? 40  GLN A CD  1 
ATOM   236 O OE1 . GLN A 1 40 ? -4.180  -7.059  -11.167 1.00 54.88  ? 40  GLN A OE1 1 
ATOM   237 N NE2 . GLN A 1 40 ? -3.513  -9.011  -10.287 1.00 44.58  ? 40  GLN A NE2 1 
ATOM   238 N N   . ILE A 1 41 ? -6.958  -8.482  -5.465  1.00 26.18  ? 41  ILE A N   1 
ATOM   239 C CA  . ILE A 1 41 ? -6.965  -8.954  -4.084  1.00 30.18  ? 41  ILE A CA  1 
ATOM   240 C C   . ILE A 1 41 ? -8.317  -9.583  -3.758  1.00 32.19  ? 41  ILE A C   1 
ATOM   241 O O   . ILE A 1 41 ? -8.369  -10.698 -3.196  1.00 30.31  ? 41  ILE A O   1 
ATOM   242 C CB  . ILE A 1 41 ? -6.652  -7.793  -3.107  1.00 24.66  ? 41  ILE A CB  1 
ATOM   243 C CG1 . ILE A 1 41 ? -5.214  -7.300  -3.345  1.00 23.21  ? 41  ILE A CG1 1 
ATOM   244 C CG2 . ILE A 1 41 ? -6.886  -8.209  -1.649  1.00 27.22  ? 41  ILE A CG2 1 
ATOM   245 C CD1 . ILE A 1 41 ? -4.823  -6.050  -2.545  1.00 24.64  ? 41  ILE A CD1 1 
ATOM   246 N N   . LYS A 1 42 ? -9.393  -8.886  -4.135  1.00 25.28  ? 42  LYS A N   1 
ATOM   247 C CA  . LYS A 1 42 ? -10.738 -9.435  -3.993  1.00 33.88  ? 42  LYS A CA  1 
ATOM   248 C C   . LYS A 1 42 ? -10.879 -10.791 -4.685  1.00 27.22  ? 42  LYS A C   1 
ATOM   249 O O   . LYS A 1 42 ? -11.502 -11.711 -4.154  1.00 31.61  ? 42  LYS A O   1 
ATOM   250 C CB  . LYS A 1 42 ? -11.792 -8.470  -4.548  1.00 32.08  ? 42  LYS A CB  1 
ATOM   251 C CG  . LYS A 1 42 ? -12.346 -7.505  -3.525  1.00 42.65  ? 42  LYS A CG  1 
ATOM   252 C CD  . LYS A 1 42 ? -13.393 -6.583  -4.157  1.00 59.94  ? 42  LYS A CD  1 
ATOM   253 C CE  . LYS A 1 42 ? -14.727 -7.300  -4.362  1.00 68.64  ? 42  LYS A CE  1 
ATOM   254 N NZ  . LYS A 1 42 ? -15.891 -6.367  -4.252  1.00 72.68  ? 42  LYS A NZ  1 
ATOM   255 N N   . GLU A 1 43 ? -10.310 -10.908 -5.877  1.00 29.96  ? 43  GLU A N   1 
ATOM   256 C CA  . GLU A 1 43 ? -10.393 -12.158 -6.630  1.00 32.70  ? 43  GLU A CA  1 
ATOM   257 C C   . GLU A 1 43 ? -9.641  -13.294 -5.923  1.00 31.83  ? 43  GLU A C   1 
ATOM   258 O O   . GLU A 1 43 ? -10.098 -14.441 -5.911  1.00 28.97  ? 43  GLU A O   1 
ATOM   259 C CB  . GLU A 1 43 ? -9.854  -11.956 -8.050  1.00 33.91  ? 43  GLU A CB  1 
ATOM   260 C CG  . GLU A 1 43 ? -10.748 -11.048 -8.925  1.00 32.00  ? 43  GLU A CG  1 
ATOM   261 C CD  . GLU A 1 43 ? -10.108 -10.684 -10.255 1.00 41.73  ? 43  GLU A CD  1 
ATOM   262 O OE1 . GLU A 1 43 ? -10.818 -10.131 -11.120 1.00 54.63  ? 43  GLU A OE1 1 
ATOM   263 O OE2 . GLU A 1 43 ? -8.903  -10.944 -10.435 1.00 43.15  ? 43  GLU A OE2 1 
ATOM   264 N N   . VAL A 1 44 ? -8.492  -12.980 -5.337  1.00 27.00  ? 44  VAL A N   1 
ATOM   265 C CA  . VAL A 1 44 ? -7.737  -14.014 -4.635  1.00 27.43  ? 44  VAL A CA  1 
ATOM   266 C C   . VAL A 1 44 ? -8.530  -14.485 -3.409  1.00 30.57  ? 44  VAL A C   1 
ATOM   267 O O   . VAL A 1 44 ? -8.633  -15.694 -3.144  1.00 28.77  ? 44  VAL A O   1 
ATOM   268 C CB  . VAL A 1 44 ? -6.334  -13.531 -4.218  1.00 30.95  ? 44  VAL A CB  1 
ATOM   269 C CG1 . VAL A 1 44 ? -5.642  -14.570 -3.314  1.00 31.33  ? 44  VAL A CG1 1 
ATOM   270 C CG2 . VAL A 1 44 ? -5.475  -13.268 -5.463  1.00 30.78  ? 44  VAL A CG2 1 
ATOM   271 N N   . TYR A 1 45 ? -9.113  -13.545 -2.669  1.00 27.90  ? 45  TYR A N   1 
ATOM   272 C CA  . TYR A 1 45 ? -9.926  -13.941 -1.518  1.00 26.23  ? 45  TYR A CA  1 
ATOM   273 C C   . TYR A 1 45 ? -11.162 -14.747 -1.959  1.00 30.46  ? 45  TYR A C   1 
ATOM   274 O O   . TYR A 1 45 ? -11.545 -15.709 -1.298  1.00 31.85  ? 45  TYR A O   1 
ATOM   275 C CB  . TYR A 1 45 ? -10.339 -12.712 -0.709  1.00 29.76  ? 45  TYR A CB  1 
ATOM   276 C CG  . TYR A 1 45 ? -9.240  -12.194 0.210   1.00 33.08  ? 45  TYR A CG  1 
ATOM   277 C CD1 . TYR A 1 45 ? -8.607  -13.031 1.136   1.00 32.58  ? 45  TYR A CD1 1 
ATOM   278 C CD2 . TYR A 1 45 ? -8.827  -10.866 0.140   1.00 30.64  ? 45  TYR A CD2 1 
ATOM   279 C CE1 . TYR A 1 45 ? -7.598  -12.547 1.980   1.00 32.06  ? 45  TYR A CE1 1 
ATOM   280 C CE2 . TYR A 1 45 ? -7.836  -10.374 0.978   1.00 31.54  ? 45  TYR A CE2 1 
ATOM   281 C CZ  . TYR A 1 45 ? -7.222  -11.211 1.886   1.00 31.57  ? 45  TYR A CZ  1 
ATOM   282 O OH  . TYR A 1 45 ? -6.248  -10.695 2.699   1.00 29.50  ? 45  TYR A OH  1 
ATOM   283 N N   . ALA A 1 46 ? -11.764 -14.383 -3.087  1.00 29.83  ? 46  ALA A N   1 
ATOM   284 C CA  . ALA A 1 46 ? -12.924 -15.131 -3.586  1.00 31.55  ? 46  ALA A CA  1 
ATOM   285 C C   . ALA A 1 46 ? -12.519 -16.567 -3.929  1.00 33.60  ? 46  ALA A C   1 
ATOM   286 O O   . ALA A 1 46 ? -13.224 -17.531 -3.590  1.00 33.06  ? 46  ALA A O   1 
ATOM   287 C CB  . ALA A 1 46 ? -13.543 -14.437 -4.793  1.00 29.10  ? 46  ALA A CB  1 
ATOM   288 N N   . GLU A 1 47 ? -11.361 -16.704 -4.581  1.00 30.15  ? 47  GLU A N   1 
ATOM   289 C CA  . GLU A 1 47 ? -10.782 -18.017 -4.858  1.00 32.54  ? 47  GLU A CA  1 
ATOM   290 C C   . GLU A 1 47 ? -10.563 -18.822 -3.570  1.00 36.36  ? 47  GLU A C   1 
ATOM   291 O O   . GLU A 1 47 ? -10.860 -20.022 -3.514  1.00 37.49  ? 47  GLU A O   1 
ATOM   292 C CB  . GLU A 1 47 ? -9.453  -17.867 -5.607  1.00 35.64  ? 47  GLU A CB  1 
ATOM   293 C CG  . GLU A 1 47 ? -8.705  -19.182 -5.845  1.00 38.55  ? 47  GLU A CG  1 
ATOM   294 C CD  . GLU A 1 47 ? -7.247  -18.963 -6.270  1.00 45.01  ? 47  GLU A CD  1 
ATOM   295 O OE1 . GLU A 1 47 ? -6.958  -17.968 -6.976  1.00 36.29  ? 47  GLU A OE1 1 
ATOM   296 O OE2 . GLU A 1 47 ? -6.384  -19.778 -5.876  1.00 41.08  ? 47  GLU A OE2 1 
ATOM   297 N N   . ALA A 1 48 ? -10.041 -18.164 -2.540  1.00 28.97  ? 48  ALA A N   1 
ATOM   298 C CA  . ALA A 1 48 ? -9.797  -18.823 -1.257  1.00 30.40  ? 48  ALA A CA  1 
ATOM   299 C C   . ALA A 1 48 ? -11.113 -19.317 -0.644  1.00 31.68  ? 48  ALA A C   1 
ATOM   300 O O   . ALA A 1 48 ? -11.201 -20.451 -0.148  1.00 33.64  ? 48  ALA A O   1 
ATOM   301 C CB  . ALA A 1 48 ? -9.091  -17.882 -0.303  1.00 35.23  ? 48  ALA A CB  1 
ATOM   302 N N   . LYS A 1 49 ? -12.131 -18.469 -0.697  1.00 33.42  ? 49  LYS A N   1 
ATOM   303 C CA  . LYS A 1 49 ? -13.448 -18.841 -0.194  1.00 34.21  ? 49  LYS A CA  1 
ATOM   304 C C   . LYS A 1 49 ? -13.950 -20.080 -0.922  1.00 35.80  ? 49  LYS A C   1 
ATOM   305 O O   . LYS A 1 49 ? -14.503 -20.988 -0.301  1.00 33.91  ? 49  LYS A O   1 
ATOM   306 C CB  . LYS A 1 49 ? -14.431 -17.685 -0.353  1.00 33.84  ? 49  LYS A CB  1 
ATOM   307 C CG  . LYS A 1 49 ? -15.812 -17.926 0.255   1.00 36.07  ? 49  LYS A CG  1 
ATOM   308 C CD  . LYS A 1 49 ? -16.681 -16.693 0.016   1.00 41.28  ? 49  LYS A CD  1 
ATOM   309 C CE  . LYS A 1 49 ? -18.112 -16.912 0.448   1.00 57.96  ? 49  LYS A CE  1 
ATOM   310 N NZ  . LYS A 1 49 ? -18.189 -17.082 1.918   1.00 71.22  ? 49  LYS A NZ  1 
ATOM   311 N N   . GLY A 1 50 ? -13.740 -20.121 -2.238  1.00 39.27  ? 50  GLY A N   1 
ATOM   312 C CA  . GLY A 1 50 ? -14.060 -21.306 -3.020  1.00 42.64  ? 50  GLY A CA  1 
ATOM   313 C C   . GLY A 1 50 ? -13.348 -22.577 -2.566  1.00 41.12  ? 50  GLY A C   1 
ATOM   314 O O   . GLY A 1 50 ? -13.899 -23.674 -2.659  1.00 38.71  ? 50  GLY A O   1 
ATOM   315 N N   . ASN A 1 51 ? -12.117 -22.441 -2.086  1.00 33.05  ? 51  ASN A N   1 
ATOM   316 C CA  . ASN A 1 51 ? -11.374 -23.596 -1.582  1.00 36.01  ? 51  ASN A CA  1 
ATOM   317 C C   . ASN A 1 51 ? -11.774 -24.002 -0.162  1.00 39.11  ? 51  ASN A C   1 
ATOM   318 O O   . ASN A 1 51 ? -11.266 -24.980 0.366   1.00 40.78  ? 51  ASN A O   1 
ATOM   319 C CB  . ASN A 1 51 ? -9.870  -23.326 -1.606  1.00 40.64  ? 51  ASN A CB  1 
ATOM   320 C CG  . ASN A 1 51 ? -9.334  -23.150 -3.011  1.00 51.10  ? 51  ASN A CG  1 
ATOM   321 O OD1 . ASN A 1 51 ? -9.843  -23.750 -3.954  1.00 58.41  ? 51  ASN A OD1 1 
ATOM   322 N ND2 . ASN A 1 51 ? -8.289  -22.338 -3.150  1.00 52.69  ? 51  ASN A ND2 1 
ATOM   323 N N   . GLY A 1 52 ? -12.664 -23.244 0.460   1.00 37.69  ? 52  GLY A N   1 
ATOM   324 C CA  . GLY A 1 52 ? -13.117 -23.576 1.801   1.00 37.45  ? 52  GLY A CA  1 
ATOM   325 C C   . GLY A 1 52 ? -12.426 -22.807 2.910   1.00 38.92  ? 52  GLY A C   1 
ATOM   326 O O   . GLY A 1 52 ? -12.584 -23.143 4.088   1.00 35.47  ? 52  GLY A O   1 
ATOM   327 N N   . PHE A 1 53 ? -11.659 -21.776 2.561   1.00 33.71  ? 53  PHE A N   1 
ATOM   328 C CA  . PHE A 1 53 ? -10.993 -20.972 3.587   1.00 31.82  ? 53  PHE A CA  1 
ATOM   329 C C   . PHE A 1 53 ? -11.936 -19.909 4.151   1.00 34.18  ? 53  PHE A C   1 
ATOM   330 O O   . PHE A 1 53 ? -12.918 -19.521 3.514   1.00 34.77  ? 53  PHE A O   1 
ATOM   331 C CB  . PHE A 1 53 ? -9.723  -20.315 3.036   1.00 35.36  ? 53  PHE A CB  1 
ATOM   332 C CG  . PHE A 1 53 ? -8.603  -21.293 2.779   1.00 34.83  ? 53  PHE A CG  1 
ATOM   333 C CD1 . PHE A 1 53 ? -8.484  -21.917 1.542   1.00 30.05  ? 53  PHE A CD1 1 
ATOM   334 C CD2 . PHE A 1 53 ? -7.680  -21.595 3.778   1.00 33.65  ? 53  PHE A CD2 1 
ATOM   335 C CE1 . PHE A 1 53 ? -7.447  -22.844 1.302   1.00 35.49  ? 53  PHE A CE1 1 
ATOM   336 C CE2 . PHE A 1 53 ? -6.644  -22.506 3.552   1.00 39.51  ? 53  PHE A CE2 1 
ATOM   337 C CZ  . PHE A 1 53 ? -6.528  -23.133 2.308   1.00 34.66  ? 53  PHE A CZ  1 
ATOM   338 N N   . ASP A 1 54 ? -11.625 -19.463 5.363   1.00 30.92  ? 54  ASP A N   1 
ATOM   339 C CA  . ASP A 1 54 ? -12.362 -18.400 6.032   1.00 34.60  ? 54  ASP A CA  1 
ATOM   340 C C   . ASP A 1 54 ? -11.702 -17.068 5.671   1.00 34.49  ? 54  ASP A C   1 
ATOM   341 O O   . ASP A 1 54 ? -10.591 -16.767 6.122   1.00 30.30  ? 54  ASP A O   1 
ATOM   342 C CB  . ASP A 1 54 ? -12.379 -18.633 7.549   1.00 31.17  ? 54  ASP A CB  1 
ATOM   343 C CG  . ASP A 1 54 ? -13.295 -17.659 8.296   1.00 41.84  ? 54  ASP A CG  1 
ATOM   344 O OD1 . ASP A 1 54 ? -13.306 -16.455 7.970   1.00 36.96  ? 54  ASP A OD1 1 
ATOM   345 O OD2 . ASP A 1 54 ? -13.997 -18.107 9.230   1.00 46.35  ? 54  ASP A OD2 1 
ATOM   346 N N   . VAL A 1 55 ? -12.385 -16.275 4.856   1.00 25.49  ? 55  VAL A N   1 
ATOM   347 C CA  . VAL A 1 55 ? -11.786 -15.042 4.339   1.00 30.79  ? 55  VAL A CA  1 
ATOM   348 C C   . VAL A 1 55 ? -11.490 -14.018 5.441   1.00 34.83  ? 55  VAL A C   1 
ATOM   349 O O   . VAL A 1 55 ? -10.453 -13.363 5.426   1.00 28.56  ? 55  VAL A O   1 
ATOM   350 C CB  . VAL A 1 55 ? -12.682 -14.404 3.262   1.00 32.95  ? 55  VAL A CB  1 
ATOM   351 C CG1 . VAL A 1 55 ? -12.190 -12.988 2.881   1.00 29.63  ? 55  VAL A CG1 1 
ATOM   352 C CG2 . VAL A 1 55 ? -12.731 -15.303 2.034   1.00 33.42  ? 55  VAL A CG2 1 
ATOM   353 N N   . LYS A 1 56 ? -12.401 -13.877 6.398   1.00 32.67  ? 56  LYS A N   1 
ATOM   354 C CA  . LYS A 1 56 ? -12.196 -12.928 7.490   1.00 33.73  ? 56  LYS A CA  1 
ATOM   355 C C   . LYS A 1 56 ? -10.907 -13.287 8.250   1.00 28.29  ? 56  LYS A C   1 
ATOM   356 O O   . LYS A 1 56 ? -10.084 -12.424 8.594   1.00 29.34  ? 56  LYS A O   1 
ATOM   357 C CB  . LYS A 1 56 ? -13.411 -12.940 8.423   1.00 36.29  ? 56  LYS A CB  1 
ATOM   358 C CG  . LYS A 1 56 ? -13.414 -11.897 9.523   1.00 44.00  ? 56  LYS A CG  1 
ATOM   359 C CD  . LYS A 1 56 ? -14.733 -11.994 10.328  1.00 43.32  ? 56  LYS A CD  1 
ATOM   360 C CE  . LYS A 1 56 ? -14.586 -11.425 11.729  1.00 54.56  ? 56  LYS A CE  1 
ATOM   361 N NZ  . LYS A 1 56 ? -14.533 -9.932  11.720  1.00 67.46  ? 56  LYS A NZ  1 
ATOM   362 N N   . VAL A 1 57 ? -10.723 -14.576 8.481   1.00 28.95  ? 57  VAL A N   1 
ATOM   363 C CA  . VAL A 1 57 ? -9.544  -15.015 9.205   1.00 31.49  ? 57  VAL A CA  1 
ATOM   364 C C   . VAL A 1 57 ? -8.294  -14.806 8.340   1.00 28.47  ? 57  VAL A C   1 
ATOM   365 O O   . VAL A 1 57 ? -7.263  -14.365 8.856   1.00 31.78  ? 57  VAL A O   1 
ATOM   366 C CB  . VAL A 1 57 ? -9.677  -16.476 9.660   1.00 31.47  ? 57  VAL A CB  1 
ATOM   367 C CG1 . VAL A 1 57 ? -8.417  -16.929 10.396  1.00 29.20  ? 57  VAL A CG1 1 
ATOM   368 C CG2 . VAL A 1 57 ? -10.897 -16.630 10.572  1.00 37.93  ? 57  VAL A CG2 1 
ATOM   369 N N   . LEU A 1 58 ? -8.383  -15.088 7.037   1.00 27.44  ? 58  LEU A N   1 
ATOM   370 C CA  . LEU A 1 58 ? -7.238  -14.844 6.153   1.00 31.09  ? 58  LEU A CA  1 
ATOM   371 C C   . LEU A 1 58 ? -6.811  -13.373 6.206   1.00 29.56  ? 58  LEU A C   1 
ATOM   372 O O   . LEU A 1 58 ? -5.611  -13.050 6.293   1.00 29.90  ? 58  LEU A O   1 
ATOM   373 C CB  . LEU A 1 58 ? -7.564  -15.242 4.712   1.00 30.14  ? 58  LEU A CB  1 
ATOM   374 C CG  . LEU A 1 58 ? -7.654  -16.743 4.411   1.00 32.71  ? 58  LEU A CG  1 
ATOM   375 C CD1 . LEU A 1 58 ? -8.202  -16.977 3.010   1.00 28.76  ? 58  LEU A CD1 1 
ATOM   376 C CD2 . LEU A 1 58 ? -6.286  -17.428 4.566   1.00 27.73  ? 58  LEU A CD2 1 
ATOM   377 N N   . LYS A 1 59 ? -7.796  -12.479 6.164   1.00 28.50  ? 59  LYS A N   1 
ATOM   378 C CA  . LYS A 1 59 ? -7.496  -11.050 6.165   1.00 31.32  ? 59  LYS A CA  1 
ATOM   379 C C   . LYS A 1 59 ? -6.811  -10.675 7.469   1.00 32.91  ? 59  LYS A C   1 
ATOM   380 O O   . LYS A 1 59 ? -5.869  -9.870  7.485   1.00 31.45  ? 59  LYS A O   1 
ATOM   381 C CB  . LYS A 1 59 ? -8.770  -10.226 5.959   1.00 30.68  ? 59  LYS A CB  1 
ATOM   382 C CG  . LYS A 1 59 ? -9.311  -10.343 4.550   1.00 29.57  ? 59  LYS A CG  1 
ATOM   383 C CD  . LYS A 1 59 ? -10.630 -9.585  4.402   1.00 34.80  ? 59  LYS A CD  1 
ATOM   384 C CE  . LYS A 1 59 ? -11.045 -9.494  2.939   1.00 34.56  ? 59  LYS A CE  1 
ATOM   385 N NZ  . LYS A 1 59 ? -12.406 -8.898  2.824   1.00 44.36  ? 59  LYS A NZ  1 
ATOM   386 N N   . LYS A 1 60 ? -7.267  -11.279 8.556   1.00 29.15  ? 60  LYS A N   1 
ATOM   387 C CA  . LYS A 1 60 ? -6.623  -11.045 9.846   1.00 33.25  ? 60  LYS A CA  1 
ATOM   388 C C   . LYS A 1 60 ? -5.174  -11.562 9.866   1.00 31.27  ? 60  LYS A C   1 
ATOM   389 O O   . LYS A 1 60 ? -4.285  -10.915 10.428  1.00 31.99  ? 60  LYS A O   1 
ATOM   390 C CB  . LYS A 1 60 ? -7.433  -11.687 10.976  1.00 28.28  ? 60  LYS A CB  1 
ATOM   391 C CG  . LYS A 1 60 ? -6.931  -11.315 12.371  1.00 41.26  ? 60  LYS A CG  1 
ATOM   392 C CD  . LYS A 1 60 ? -7.959  -11.682 13.448  1.00 45.99  ? 60  LYS A CD  1 
ATOM   393 C CE  . LYS A 1 60 ? -7.516  -11.200 14.825  1.00 48.45  ? 60  LYS A CE  1 
ATOM   394 N NZ  . LYS A 1 60 ? -8.426  -11.696 15.903  1.00 53.11  ? 60  LYS A NZ  1 
ATOM   395 N N   . VAL A 1 61 ? -4.935  -12.723 9.258   1.00 28.11  ? 61  VAL A N   1 
ATOM   396 C CA  . VAL A 1 61 ? -3.569  -13.239 9.126   1.00 32.51  ? 61  VAL A CA  1 
ATOM   397 C C   . VAL A 1 61 ? -2.682  -12.209 8.398   1.00 34.71  ? 61  VAL A C   1 
ATOM   398 O O   . VAL A 1 61 ? -1.564  -11.894 8.838   1.00 29.95  ? 61  VAL A O   1 
ATOM   399 C CB  . VAL A 1 61 ? -3.536  -14.580 8.356   1.00 31.91  ? 61  VAL A CB  1 
ATOM   400 C CG1 . VAL A 1 61 ? -2.106  -14.966 8.011   1.00 30.46  ? 61  VAL A CG1 1 
ATOM   401 C CG2 . VAL A 1 61 ? -4.223  -15.701 9.156   1.00 33.50  ? 61  VAL A CG2 1 
ATOM   402 N N   . VAL A 1 62 ? -3.197  -11.679 7.293   1.00 30.39  ? 62  VAL A N   1 
ATOM   403 C CA  . VAL A 1 62 ? -2.457  -10.686 6.515   1.00 28.98  ? 62  VAL A CA  1 
ATOM   404 C C   . VAL A 1 62 ? -2.171  -9.419  7.335   1.00 26.70  ? 62  VAL A C   1 
ATOM   405 O O   . VAL A 1 62 ? -1.046  -8.903  7.304   1.00 31.70  ? 62  VAL A O   1 
ATOM   406 C CB  . VAL A 1 62 ? -3.218  -10.327 5.217   1.00 30.31  ? 62  VAL A CB  1 
ATOM   407 C CG1 . VAL A 1 62 ? -2.502  -9.190  4.449   1.00 29.49  ? 62  VAL A CG1 1 
ATOM   408 C CG2 . VAL A 1 62 ? -3.324  -11.570 4.334   1.00 29.27  ? 62  VAL A CG2 1 
ATOM   409 N N   . ARG A 1 63 ? -3.168  -8.939  8.086   1.00 27.73  ? 63  ARG A N   1 
ATOM   410 C CA  . ARG A 1 63 ? -2.982  -7.761  8.945   1.00 31.47  ? 63  ARG A CA  1 
ATOM   411 C C   . ARG A 1 63 ? -1.931  -8.006  10.024  1.00 32.85  ? 63  ARG A C   1 
ATOM   412 O O   . ARG A 1 63 ? -1.086  -7.153  10.277  1.00 37.56  ? 63  ARG A O   1 
ATOM   413 C CB  . ARG A 1 63 ? -4.291  -7.343  9.638   1.00 38.88  ? 63  ARG A CB  1 
ATOM   414 C CG  . ARG A 1 63 ? -5.352  -6.733  8.736   1.00 47.53  ? 63  ARG A CG  1 
ATOM   415 C CD  . ARG A 1 63 ? -6.420  -5.972  9.552   1.00 52.49  ? 63  ARG A CD  1 
ATOM   416 N NE  . ARG A 1 63 ? -6.998  -6.776  10.632  1.00 53.06  ? 63  ARG A NE  1 
ATOM   417 C CZ  . ARG A 1 63 ? -8.009  -7.630  10.478  1.00 50.73  ? 63  ARG A CZ  1 
ATOM   418 N NH1 . ARG A 1 63 ? -8.568  -7.805  9.285   1.00 40.53  ? 63  ARG A NH1 1 
ATOM   419 N NH2 . ARG A 1 63 ? -8.468  -8.309  11.522  1.00 48.24  ? 63  ARG A NH2 1 
ATOM   420 N N   . ILE A 1 64 ? -2.011  -9.164  10.673  1.00 31.77  ? 64  ILE A N   1 
ATOM   421 C CA  . ILE A 1 64 ? -1.044  -9.521  11.718  1.00 37.96  ? 64  ILE A CA  1 
ATOM   422 C C   . ILE A 1 64 ? 0.380   -9.551  11.163  1.00 37.42  ? 64  ILE A C   1 
ATOM   423 O O   . ILE A 1 64 ? 1.307   -8.997  11.756  1.00 34.12  ? 64  ILE A O   1 
ATOM   424 C CB  . ILE A 1 64 ? -1.388  -10.880 12.354  1.00 31.83  ? 64  ILE A CB  1 
ATOM   425 C CG1 . ILE A 1 64 ? -2.635  -10.732 13.238  1.00 33.62  ? 64  ILE A CG1 1 
ATOM   426 C CG2 . ILE A 1 64 ? -0.198  -11.429 13.160  1.00 35.44  ? 64  ILE A CG2 1 
ATOM   427 C CD1 . ILE A 1 64 ? -3.174  -12.061 13.749  1.00 35.06  ? 64  ILE A CD1 1 
ATOM   428 N N   . ARG A 1 65 ? 0.560   -10.190 10.019  1.00 34.08  ? 65  ARG A N   1 
ATOM   429 C CA  . ARG A 1 65 ? 1.884   -10.231 9.422   1.00 34.67  ? 65  ARG A CA  1 
ATOM   430 C C   . ARG A 1 65 ? 2.371   -8.830  9.032   1.00 34.78  ? 65  ARG A C   1 
ATOM   431 O O   . ARG A 1 65 ? 3.564   -8.504  9.174   1.00 33.58  ? 65  ARG A O   1 
ATOM   432 C CB  . ARG A 1 65 ? 1.880   -11.172 8.226   1.00 30.28  ? 65  ARG A CB  1 
ATOM   433 C CG  . ARG A 1 65 ? 1.873   -12.639 8.671   1.00 33.60  ? 65  ARG A CG  1 
ATOM   434 C CD  . ARG A 1 65 ? 1.542   -13.566 7.534   1.00 30.64  ? 65  ARG A CD  1 
ATOM   435 N NE  . ARG A 1 65 ? 2.470   -13.404 6.423   1.00 28.93  ? 65  ARG A NE  1 
ATOM   436 C CZ  . ARG A 1 65 ? 3.600   -14.084 6.302   1.00 40.47  ? 65  ARG A CZ  1 
ATOM   437 N NH1 . ARG A 1 65 ? 3.947   -14.975 7.231   1.00 36.34  ? 65  ARG A NH1 1 
ATOM   438 N NH2 . ARG A 1 65 ? 4.381   -13.878 5.251   1.00 35.75  ? 65  ARG A NH2 1 
ATOM   439 N N   . LYS A 1 66 ? 1.449   -7.996  8.557   1.00 30.57  ? 66  LYS A N   1 
ATOM   440 C CA  . LYS A 1 66 ? 1.798   -6.625  8.216   1.00 34.69  ? 66  LYS A CA  1 
ATOM   441 C C   . LYS A 1 66 ? 2.255   -5.851  9.461   1.00 34.21  ? 66  LYS A C   1 
ATOM   442 O O   . LYS A 1 66 ? 3.240   -5.105  9.414   1.00 39.19  ? 66  LYS A O   1 
ATOM   443 C CB  . LYS A 1 66 ? 0.611   -5.916  7.549   1.00 34.36  ? 66  LYS A CB  1 
ATOM   444 C CG  . LYS A 1 66 ? 0.966   -4.562  6.958   1.00 41.84  ? 66  LYS A CG  1 
ATOM   445 C CD  . LYS A 1 66 ? -0.186  -4.015  6.102   1.00 54.13  ? 66  LYS A CD  1 
ATOM   446 C CE  . LYS A 1 66 ? -1.223  -3.281  6.934   1.00 63.30  ? 66  LYS A CE  1 
ATOM   447 N NZ  . LYS A 1 66 ? -1.941  -2.232  6.147   1.00 72.84  ? 66  LYS A NZ  1 
ATOM   448 N N   . GLN A 1 67 ? 1.534   -6.036  10.563  1.00 34.19  ? 67  GLN A N   1 
ATOM   449 C CA  . GLN A 1 67 ? 1.885   -5.426  11.847  1.00 35.74  ? 67  GLN A CA  1 
ATOM   450 C C   . GLN A 1 67 ? 3.253   -5.905  12.349  1.00 38.51  ? 67  GLN A C   1 
ATOM   451 O O   . GLN A 1 67 ? 4.037   -5.113  12.872  1.00 38.47  ? 67  GLN A O   1 
ATOM   452 C CB  . GLN A 1 67 ? 0.807   -5.732  12.894  1.00 41.95  ? 67  GLN A CB  1 
ATOM   453 C CG  . GLN A 1 67 ? -0.511  -5.011  12.643  1.00 53.80  ? 67  GLN A CG  1 
ATOM   454 C CD  . GLN A 1 67 ? -1.619  -5.458  13.581  1.00 69.69  ? 67  GLN A CD  1 
ATOM   455 O OE1 . GLN A 1 67 ? -1.437  -6.367  14.395  1.00 77.38  ? 67  GLN A OE1 1 
ATOM   456 N NE2 . GLN A 1 67 ? -2.779  -4.816  13.470  1.00 69.00  ? 67  GLN A NE2 1 
ATOM   457 N N   . ASP A 1 68 ? 3.530   -7.200  12.197  1.00 39.83  ? 68  ASP A N   1 
ATOM   458 C CA  . ASP A 1 68 ? 4.835   -7.760  12.558  1.00 38.40  ? 68  ASP A CA  1 
ATOM   459 C C   . ASP A 1 68 ? 5.954   -7.101  11.752  1.00 45.66  ? 68  ASP A C   1 
ATOM   460 O O   . ASP A 1 68 ? 6.975   -6.691  12.317  1.00 37.46  ? 68  ASP A O   1 
ATOM   461 C CB  . ASP A 1 68 ? 4.863   -9.276  12.338  1.00 38.89  ? 68  ASP A CB  1 
ATOM   462 C CG  . ASP A 1 68 ? 3.991   -10.030 13.336  1.00 58.78  ? 68  ASP A CG  1 
ATOM   463 O OD1 . ASP A 1 68 ? 3.626   -9.451  14.384  1.00 65.50  ? 68  ASP A OD1 1 
ATOM   464 O OD2 . ASP A 1 68 ? 3.668   -11.208 13.067  1.00 59.59  ? 68  ASP A OD2 1 
ATOM   465 N N   . ARG A 1 69 ? 5.765   -6.990  10.434  1.00 36.76  ? 69  ARG A N   1 
ATOM   466 C CA  . ARG A 1 69 ? 6.784   -6.331  9.606   1.00 42.74  ? 69  ARG A CA  1 
ATOM   467 C C   . ARG A 1 69 ? 6.986   -4.868  10.020  1.00 37.70  ? 69  ARG A C   1 
ATOM   468 O O   . ARG A 1 69 ? 8.129   -4.389  10.112  1.00 39.34  ? 69  ARG A O   1 
ATOM   469 C CB  . ARG A 1 69 ? 6.427   -6.413  8.120   1.00 41.10  ? 69  ARG A CB  1 
ATOM   470 C CG  . ARG A 1 69 ? 6.698   -7.780  7.502   1.00 51.16  ? 69  ARG A CG  1 
ATOM   471 C CD  . ARG A 1 69 ? 6.590   -7.735  5.975   1.00 50.12  ? 69  ARG A CD  1 
ATOM   472 N NE  . ARG A 1 69 ? 5.266   -7.302  5.544   1.00 49.80  ? 69  ARG A NE  1 
ATOM   473 C CZ  . ARG A 1 69 ? 4.218   -8.114  5.429   1.00 38.23  ? 69  ARG A CZ  1 
ATOM   474 N NH1 . ARG A 1 69 ? 4.345   -9.410  5.699   1.00 42.26  ? 69  ARG A NH1 1 
ATOM   475 N NH2 . ARG A 1 69 ? 3.051   -7.627  5.040   1.00 43.05  ? 69  ARG A NH2 1 
ATOM   476 N N   . ALA A 1 70 ? 5.884   -4.161  10.275  1.00 35.28  ? 70  ALA A N   1 
ATOM   477 C CA  . ALA A 1 70 ? 5.964   -2.768  10.723  1.00 39.43  ? 70  ALA A CA  1 
ATOM   478 C C   . ALA A 1 70 ? 6.741   -2.639  12.045  1.00 41.49  ? 70  ALA A C   1 
ATOM   479 O O   . ALA A 1 70 ? 7.593   -1.749  12.203  1.00 41.86  ? 70  ALA A O   1 
ATOM   480 C CB  . ALA A 1 70 ? 4.579   -2.184  10.871  1.00 39.17  ? 70  ALA A CB  1 
ATOM   481 N N   . LYS A 1 71 ? 6.444   -3.538  12.982  1.00 36.82  ? 71  LYS A N   1 
ATOM   482 C CA  . LYS A 1 71 ? 7.135   -3.572  14.261  1.00 39.03  ? 71  LYS A CA  1 
ATOM   483 C C   . LYS A 1 71 ? 8.630   -3.783  14.056  1.00 39.00  ? 71  LYS A C   1 
ATOM   484 O O   . LYS A 1 71 ? 9.445   -3.107  14.689  1.00 41.62  ? 71  LYS A O   1 
ATOM   485 C CB  . LYS A 1 71 ? 6.567   -4.665  15.164  1.00 43.27  ? 71  LYS A CB  1 
ATOM   486 C CG  . LYS A 1 71 ? 7.070   -4.579  16.608  1.00 57.85  ? 71  LYS A CG  1 
ATOM   487 C CD  . LYS A 1 71 ? 6.830   -3.175  17.176  1.00 70.69  ? 71  LYS A CD  1 
ATOM   488 C CE  . LYS A 1 71 ? 7.523   -2.958  18.523  1.00 76.89  ? 71  LYS A CE  1 
ATOM   489 N NZ  . LYS A 1 71 ? 7.642   -1.505  18.866  1.00 72.34  ? 71  LYS A NZ  1 
ATOM   490 N N   . ARG A 1 72 ? 8.990   -4.713  13.166  1.00 35.81  ? 72  ARG A N   1 
ATOM   491 C CA  . ARG A 1 72 ? 10.407  -4.986  12.920  1.00 34.89  ? 72  ARG A CA  1 
ATOM   492 C C   . ARG A 1 72 ? 11.116  -3.762  12.330  1.00 42.17  ? 72  ARG A C   1 
ATOM   493 O O   . ARG A 1 72 ? 12.265  -3.461  12.702  1.00 34.01  ? 72  ARG A O   1 
ATOM   494 C CB  . ARG A 1 72 ? 10.585  -6.202  12.005  1.00 37.23  ? 72  ARG A CB  1 
ATOM   495 C CG  . ARG A 1 72 ? 10.348  -7.526  12.737  1.00 58.12  ? 72  ARG A CG  1 
ATOM   496 C CD  . ARG A 1 72 ? 10.824  -8.742  11.944  1.00 72.39  ? 72  ARG A CD  1 
ATOM   497 N NE  . ARG A 1 72 ? 9.961   -9.058  10.807  1.00 84.80  ? 72  ARG A NE  1 
ATOM   498 C CZ  . ARG A 1 72 ? 8.796   -9.696  10.901  1.00 86.87  ? 72  ARG A CZ  1 
ATOM   499 N NH1 . ARG A 1 72 ? 8.334   -10.082 12.086  1.00 88.12  ? 72  ARG A NH1 1 
ATOM   500 N NH2 . ARG A 1 72 ? 8.084   -9.943  9.808   1.00 87.68  ? 72  ARG A NH2 1 
ATOM   501 N N   . GLN A 1 73 ? 10.433  -3.054  11.432  1.00 34.75  ? 73  GLN A N   1 
ATOM   502 C CA  . GLN A 1 73 ? 11.009  -1.827  10.869  1.00 41.22  ? 73  GLN A CA  1 
ATOM   503 C C   . GLN A 1 73 ? 11.218  -0.751  11.926  1.00 39.19  ? 73  GLN A C   1 
ATOM   504 O O   . GLN A 1 73 ? 12.252  -0.048  11.925  1.00 42.28  ? 73  GLN A O   1 
ATOM   505 C CB  . GLN A 1 73 ? 10.127  -1.269  9.749   1.00 47.33  ? 73  GLN A CB  1 
ATOM   506 C CG  . GLN A 1 73 ? 9.961   -2.207  8.569   1.00 69.39  ? 73  GLN A CG  1 
ATOM   507 C CD  . GLN A 1 73 ? 9.091   -1.606  7.471   1.00 81.32  ? 73  GLN A CD  1 
ATOM   508 O OE1 . GLN A 1 73 ? 7.973   -2.067  7.218   1.00 84.84  ? 73  GLN A OE1 1 
ATOM   509 N NE2 . GLN A 1 73 ? 9.601   -0.561  6.824   1.00 77.96  ? 73  GLN A NE2 1 
ATOM   510 N N   . GLU A 1 74 ? 10.252  -0.608  12.830  1.00 36.91  ? 74  GLU A N   1 
ATOM   511 C CA  . GLU A 1 74 ? 10.430  0.405   13.863  1.00 39.97  ? 74  GLU A CA  1 
ATOM   512 C C   . GLU A 1 74 ? 11.519  -0.013  14.849  1.00 36.57  ? 74  GLU A C   1 
ATOM   513 O O   . GLU A 1 74 ? 12.219  0.835   15.393  1.00 39.63  ? 74  GLU A O   1 
ATOM   514 C CB  . GLU A 1 74 ? 9.113   0.708   14.581  1.00 52.43  ? 74  GLU A CB  1 
ATOM   515 C CG  . GLU A 1 74 ? 8.068   1.443   13.713  1.00 81.59  ? 74  GLU A CG  1 
ATOM   516 C CD  . GLU A 1 74 ? 8.623   2.582   12.823  1.00 99.18  ? 74  GLU A CD  1 
ATOM   517 O OE1 . GLU A 1 74 ? 9.708   3.151   13.100  1.00 105.84 ? 74  GLU A OE1 1 
ATOM   518 O OE2 . GLU A 1 74 ? 7.955   2.901   11.812  1.00 102.22 ? 74  GLU A OE2 1 
ATOM   519 N N   . GLU A 1 75 ? 11.699  -1.320  15.042  1.00 35.34  ? 75  GLU A N   1 
ATOM   520 C CA  . GLU A 1 75 ? 12.783  -1.812  15.890  1.00 41.22  ? 75  GLU A CA  1 
ATOM   521 C C   . GLU A 1 75 ? 14.150  -1.547  15.249  1.00 36.60  ? 75  GLU A C   1 
ATOM   522 O O   . GLU A 1 75 ? 15.131  -1.281  15.948  1.00 38.14  ? 75  GLU A O   1 
ATOM   523 C CB  . GLU A 1 75 ? 12.593  -3.300  16.173  1.00 41.50  ? 75  GLU A CB  1 
ATOM   524 C CG  . GLU A 1 75 ? 11.441  -3.572  17.125  1.00 43.94  ? 75  GLU A CG  1 
ATOM   525 C CD  . GLU A 1 75 ? 11.149  -5.054  17.292  1.00 53.27  ? 75  GLU A CD  1 
ATOM   526 O OE1 . GLU A 1 75 ? 11.587  -5.856  16.440  1.00 58.43  ? 75  GLU A OE1 1 
ATOM   527 O OE2 . GLU A 1 75 ? 10.465  -5.420  18.268  1.00 62.97  ? 75  GLU A OE2 1 
ATOM   528 N N   . ASP A 1 76 ? 14.207  -1.596  13.924  1.00 39.47  ? 76  ASP A N   1 
ATOM   529 C CA  . ASP A 1 76 ? 15.432  -1.218  13.214  1.00 46.11  ? 76  ASP A CA  1 
ATOM   530 C C   . ASP A 1 76 ? 15.723  0.281   13.379  1.00 41.62  ? 76  ASP A C   1 
ATOM   531 O O   . ASP A 1 76 ? 16.885  0.692   13.573  1.00 40.39  ? 76  ASP A O   1 
ATOM   532 C CB  . ASP A 1 76 ? 15.333  -1.584  11.730  1.00 56.38  ? 76  ASP A CB  1 
ATOM   533 C CG  . ASP A 1 76 ? 15.180  -3.081  11.511  1.00 68.98  ? 76  ASP A CG  1 
ATOM   534 O OD1 . ASP A 1 76 ? 15.619  -3.854  12.391  1.00 73.46  ? 76  ASP A OD1 1 
ATOM   535 O OD2 . ASP A 1 76 ? 14.616  -3.479  10.469  1.00 74.04  ? 76  ASP A OD2 1 
ATOM   536 N N   . ALA A 1 77 ? 14.667  1.096   13.304  1.00 38.67  ? 77  ALA A N   1 
ATOM   537 C CA  . ALA A 1 77 ? 14.825  2.538   13.521  1.00 41.36  ? 77  ALA A CA  1 
ATOM   538 C C   . ALA A 1 77 ? 15.348  2.815   14.935  1.00 38.88  ? 77  ALA A C   1 
ATOM   539 O O   . ALA A 1 77 ? 16.316  3.562   15.127  1.00 46.13  ? 77  ALA A O   1 
ATOM   540 C CB  . ALA A 1 77 ? 13.506  3.262   13.284  1.00 39.38  ? 77  ALA A CB  1 
ATOM   541 N N   . ILE A 1 78 ? 14.713  2.180   15.919  1.00 33.55  ? 78  ILE A N   1 
ATOM   542 C CA  . ILE A 1 78 ? 15.101  2.337   17.318  1.00 34.19  ? 78  ILE A CA  1 
ATOM   543 C C   . ILE A 1 78 ? 16.540  1.865   17.551  1.00 43.10  ? 78  ILE A C   1 
ATOM   544 O O   . ILE A 1 78 ? 17.300  2.502   18.283  1.00 38.11  ? 78  ILE A O   1 
ATOM   545 C CB  . ILE A 1 78 ? 14.140  1.575   18.246  1.00 41.73  ? 78  ILE A CB  1 
ATOM   546 C CG1 . ILE A 1 78 ? 12.733  2.160   18.157  1.00 42.20  ? 78  ILE A CG1 1 
ATOM   547 C CG2 . ILE A 1 78 ? 14.630  1.615   19.683  1.00 35.87  ? 78  ILE A CG2 1 
ATOM   548 C CD1 . ILE A 1 78 ? 11.774  1.576   19.166  1.00 41.29  ? 78  ILE A CD1 1 
ATOM   549 N N   . LEU A 1 79 ? 16.916  0.761   16.911  1.00 42.92  ? 79  LEU A N   1 
ATOM   550 C CA  . LEU A 1 79 ? 18.292  0.277   16.984  1.00 37.46  ? 79  LEU A CA  1 
ATOM   551 C C   . LEU A 1 79 ? 19.269  1.349   16.492  1.00 40.14  ? 79  LEU A C   1 
ATOM   552 O O   . LEU A 1 79 ? 20.273  1.621   17.145  1.00 39.34  ? 79  LEU A O   1 
ATOM   553 C CB  . LEU A 1 79 ? 18.467  -1.009  16.171  1.00 38.40  ? 79  LEU A CB  1 
ATOM   554 C CG  . LEU A 1 79 ? 19.899  -1.554  16.089  1.00 39.94  ? 79  LEU A CG  1 
ATOM   555 C CD1 . LEU A 1 79 ? 20.412  -1.963  17.453  1.00 44.42  ? 79  LEU A CD1 1 
ATOM   556 C CD2 . LEU A 1 79 ? 19.979  -2.729  15.130  1.00 49.36  ? 79  LEU A CD2 1 
ATOM   557 N N   . ASP A 1 80 ? 18.967  1.965   15.348  1.00 44.66  ? 80  ASP A N   1 
ATOM   558 C CA  . ASP A 1 80 ? 19.851  3.025   14.847  1.00 57.04  ? 80  ASP A CA  1 
ATOM   559 C C   . ASP A 1 80 ? 19.904  4.213   15.809  1.00 48.36  ? 80  ASP A C   1 
ATOM   560 O O   . ASP A 1 80 ? 20.964  4.801   16.019  1.00 45.77  ? 80  ASP A O   1 
ATOM   561 C CB  . ASP A 1 80 ? 19.422  3.486   13.450  1.00 59.54  ? 80  ASP A CB  1 
ATOM   562 C CG  . ASP A 1 80 ? 19.715  2.446   12.382  1.00 74.75  ? 80  ASP A CG  1 
ATOM   563 O OD1 . ASP A 1 80 ? 20.712  1.703   12.535  1.00 81.84  ? 80  ASP A OD1 1 
ATOM   564 O OD2 . ASP A 1 80 ? 18.950  2.366   11.399  1.00 81.66  ? 80  ASP A OD2 1 
ATOM   565 N N   . LEU A 1 81 ? 18.766  4.556   16.405  1.00 41.46  ? 81  LEU A N   1 
ATOM   566 C CA  . LEU A 1 81 ? 18.739  5.596   17.431  1.00 43.33  ? 81  LEU A CA  1 
ATOM   567 C C   . LEU A 1 81 ? 19.670  5.277   18.619  1.00 47.43  ? 81  LEU A C   1 
ATOM   568 O O   . LEU A 1 81 ? 20.485  6.119   19.014  1.00 45.13  ? 81  LEU A O   1 
ATOM   569 C CB  . LEU A 1 81 ? 17.308  5.806   17.929  1.00 47.00  ? 81  LEU A CB  1 
ATOM   570 C CG  . LEU A 1 81 ? 17.086  6.867   19.009  1.00 58.30  ? 81  LEU A CG  1 
ATOM   571 C CD1 . LEU A 1 81 ? 17.413  8.271   18.493  1.00 55.64  ? 81  LEU A CD1 1 
ATOM   572 C CD2 . LEU A 1 81 ? 15.659  6.800   19.537  1.00 57.94  ? 81  LEU A CD2 1 
ATOM   573 N N   . TYR A 1 82 ? 19.548  4.070   19.184  1.00 42.65  ? 82  TYR A N   1 
ATOM   574 C CA  . TYR A 1 82 ? 20.367  3.682   20.337  1.00 41.10  ? 82  TYR A CA  1 
ATOM   575 C C   . TYR A 1 82 ? 21.855  3.659   19.985  1.00 40.55  ? 82  TYR A C   1 
ATOM   576 O O   . TYR A 1 82 ? 22.692  4.170   20.744  1.00 42.12  ? 82  TYR A O   1 
ATOM   577 C CB  . TYR A 1 82 ? 19.967  2.299   20.890  1.00 40.59  ? 82  TYR A CB  1 
ATOM   578 C CG  . TYR A 1 82 ? 18.598  2.201   21.539  1.00 38.62  ? 82  TYR A CG  1 
ATOM   579 C CD1 . TYR A 1 82 ? 17.777  3.317   21.680  1.00 47.27  ? 82  TYR A CD1 1 
ATOM   580 C CD2 . TYR A 1 82 ? 18.126  0.978   22.022  1.00 38.66  ? 82  TYR A CD2 1 
ATOM   581 C CE1 . TYR A 1 82 ? 16.520  3.219   22.263  1.00 41.34  ? 82  TYR A CE1 1 
ATOM   582 C CE2 . TYR A 1 82 ? 16.882  0.872   22.613  1.00 38.08  ? 82  TYR A CE2 1 
ATOM   583 C CZ  . TYR A 1 82 ? 16.079  1.994   22.731  1.00 47.78  ? 82  TYR A CZ  1 
ATOM   584 O OH  . TYR A 1 82 ? 14.834  1.887   23.318  1.00 40.52  ? 82  TYR A OH  1 
ATOM   585 N N   . LEU A 1 83 ? 22.181  3.040   18.849  1.00 42.98  ? 83  LEU A N   1 
ATOM   586 C CA  . LEU A 1 83 ? 23.578  2.943   18.415  1.00 47.65  ? 83  LEU A CA  1 
ATOM   587 C C   . LEU A 1 83 ? 24.170  4.335   18.206  1.00 45.43  ? 83  LEU A C   1 
ATOM   588 O O   . LEU A 1 83 ? 25.288  4.620   18.633  1.00 52.07  ? 83  LEU A O   1 
ATOM   589 C CB  . LEU A 1 83 ? 23.693  2.121   17.130  1.00 50.40  ? 83  LEU A CB  1 
ATOM   590 C CG  . LEU A 1 83 ? 23.537  0.606   17.288  1.00 45.44  ? 83  LEU A CG  1 
ATOM   591 C CD1 . LEU A 1 83 ? 23.535  -0.083  15.932  1.00 44.58  ? 83  LEU A CD1 1 
ATOM   592 C CD2 . LEU A 1 83 ? 24.630  0.042   18.182  1.00 44.94  ? 83  LEU A CD2 1 
ATOM   593 N N   . SER A 1 84 ? 23.395  5.191   17.551  1.00 46.95  ? 84  SER A N   1 
ATOM   594 C CA  . SER A 1 84 ? 23.770  6.586   17.340  1.00 51.81  ? 84  SER A CA  1 
ATOM   595 C C   . SER A 1 84 ? 24.074  7.284   18.660  1.00 53.79  ? 84  SER A C   1 
ATOM   596 O O   . SER A 1 84 ? 25.125  7.911   18.825  1.00 56.05  ? 84  SER A O   1 
ATOM   597 C CB  . SER A 1 84 ? 22.650  7.326   16.600  1.00 48.05  ? 84  SER A CB  1 
ATOM   598 O OG  . SER A 1 84 ? 22.962  8.699   16.479  1.00 69.56  ? 84  SER A OG  1 
ATOM   599 N N   . ALA A 1 85 ? 23.150  7.153   19.607  1.00 43.57  ? 85  ALA A N   1 
ATOM   600 C CA  . ALA A 1 85 ? 23.287  7.783   20.911  1.00 43.07  ? 85  ALA A CA  1 
ATOM   601 C C   . ALA A 1 85 ? 24.520  7.284   21.663  1.00 57.07  ? 85  ALA A C   1 
ATOM   602 O O   . ALA A 1 85 ? 25.146  8.037   22.414  1.00 59.73  ? 85  ALA A O   1 
ATOM   603 C CB  . ALA A 1 85 ? 22.029  7.546   21.739  1.00 48.19  ? 85  ALA A CB  1 
ATOM   604 N N   . ILE A 1 86 ? 24.868  6.015   21.460  1.00 59.95  ? 86  ILE A N   1 
ATOM   605 C CA  . ILE A 1 86 ? 25.982  5.410   22.197  1.00 65.94  ? 86  ILE A CA  1 
ATOM   606 C C   . ILE A 1 86 ? 27.357  5.859   21.694  1.00 70.67  ? 86  ILE A C   1 
ATOM   607 O O   . ILE A 1 86 ? 28.244  6.152   22.495  1.00 71.99  ? 86  ILE A O   1 
ATOM   608 C CB  . ILE A 1 86 ? 25.913  3.873   22.146  1.00 61.81  ? 86  ILE A CB  1 
ATOM   609 C CG1 . ILE A 1 86 ? 24.791  3.373   23.050  1.00 63.35  ? 86  ILE A CG1 1 
ATOM   610 C CG2 . ILE A 1 86 ? 27.224  3.258   22.598  1.00 72.08  ? 86  ILE A CG2 1 
ATOM   611 C CD1 . ILE A 1 86 ? 24.579  1.895   22.965  1.00 73.05  ? 86  ILE A CD1 1 
ATOM   612 N N   . GLY A 1 87 ? 27.519  5.922   20.374  1.00 70.99  ? 87  GLY A N   1 
ATOM   613 C CA  . GLY A 1 87 ? 28.798  6.246   19.763  1.00 76.56  ? 87  GLY A CA  1 
ATOM   614 C C   . GLY A 1 87 ? 29.392  7.572   20.202  1.00 80.23  ? 87  GLY A C   1 
ATOM   615 O O   . GLY A 1 87 ? 28.671  8.479   20.622  1.00 86.05  ? 87  GLY A O   1 
HETATM 616 O O   . HOH B 2 .  ? 13.648  -6.589  15.699  1.00 56.40  ? 101 HOH A O   1 
HETATM 617 O O   . HOH B 2 .  ? -12.931 -9.311  -10.606 1.00 50.92  ? 102 HOH A O   1 
HETATM 618 O O   . HOH B 2 .  ? -7.654  -7.796  13.918  1.00 61.86  ? 103 HOH A O   1 
HETATM 619 O O   . HOH B 2 .  ? -5.965  -8.110  2.804   1.00 29.78  ? 104 HOH A O   1 
HETATM 620 O O   . HOH B 2 .  ? -4.352  -20.351 -7.410  1.00 39.03  ? 105 HOH A O   1 
HETATM 621 O O   . HOH B 2 .  ? 2.715   1.945   -12.077 1.00 60.09  ? 106 HOH A O   1 
HETATM 622 O O   . HOH B 2 .  ? 0.776   -9.103  5.414   1.00 27.18  ? 107 HOH A O   1 
HETATM 623 O O   . HOH B 2 .  ? -7.169  11.067  -17.230 1.00 41.75  ? 108 HOH A O   1 
HETATM 624 O O   . HOH B 2 .  ? 3.468   26.649  -12.585 1.00 64.82  ? 109 HOH A O   1 
HETATM 625 O O   . HOH B 2 .  ? -5.115  9.236   -16.921 1.00 32.98  ? 110 HOH A O   1 
HETATM 626 O O   . HOH B 2 .  ? -7.501  -22.184 -6.097  0.50 36.98  ? 111 HOH A O   1 
HETATM 627 O O   . HOH B 2 .  ? 9.905   -4.772  20.792  1.00 63.05  ? 112 HOH A O   1 
HETATM 628 O O   . HOH B 2 .  ? 3.098   -11.746 15.681  1.00 70.53  ? 113 HOH A O   1 
HETATM 629 O O   . HOH B 2 .  ? -3.985  -11.510 -9.404  1.00 39.67  ? 114 HOH A O   1 
HETATM 630 O O   . HOH B 2 .  ? -5.523  8.017   -3.738  1.00 43.10  ? 115 HOH A O   1 
HETATM 631 O O   . HOH B 2 .  ? 2.648   13.350  -17.761 1.00 48.09  ? 116 HOH A O   1 
HETATM 632 O O   . HOH B 2 .  ? -11.690 -15.241 -7.952  1.00 41.71  ? 117 HOH A O   1 
HETATM 633 O O   . HOH B 2 .  ? -10.583 -9.846  9.310   1.00 36.46  ? 118 HOH A O   1 
HETATM 634 O O   . HOH B 2 .  ? -8.056  3.960   -6.870  1.00 38.83  ? 119 HOH A O   1 
HETATM 635 O O   . HOH B 2 .  ? -9.541  -5.585  -2.239  1.00 32.52  ? 120 HOH A O   1 
HETATM 636 O O   . HOH B 2 .  ? -7.284  -10.631 -12.639 1.00 48.02  ? 121 HOH A O   1 
HETATM 637 O O   . HOH B 2 .  ? 3.774   22.426  -19.102 1.00 38.19  ? 122 HOH A O   1 
HETATM 638 O O   . HOH B 2 .  ? -8.814  7.189   -12.135 1.00 29.39  ? 123 HOH A O   1 
HETATM 639 O O   . HOH B 2 .  ? 4.706   16.621  -16.355 0.50 40.14  ? 124 HOH A O   1 
HETATM 640 O O   . HOH B 2 .  ? 16.351  -4.644  14.948  1.00 54.12  ? 125 HOH A O   1 
HETATM 641 O O   . HOH B 2 .  ? -15.145 -20.914 2.556   1.00 42.27  ? 126 HOH A O   1 
HETATM 642 O O   . HOH B 2 .  ? -9.250  8.949   -10.102 1.00 31.46  ? 127 HOH A O   1 
HETATM 643 O O   . HOH B 2 .  ? -16.019 -17.176 -3.861  1.00 52.09  ? 128 HOH A O   1 
HETATM 644 O O   . HOH B 2 .  ? -12.418 -6.312  3.996   1.00 66.66  ? 129 HOH A O   1 
HETATM 645 O O   . HOH B 2 .  ? 13.418  1.328   9.726   1.00 55.45  ? 130 HOH A O   1 
HETATM 646 O O   . HOH B 2 .  ? 1.340   4.963   -14.322 1.00 59.69  ? 131 HOH A O   1 
HETATM 647 O O   . HOH B 2 .  ? -5.856  -7.819  5.502   1.00 32.54  ? 132 HOH A O   1 
HETATM 648 O O   . HOH B 2 .  ? -0.075  30.426  -14.471 1.00 55.87  ? 133 HOH A O   1 
HETATM 649 O O   . HOH B 2 .  ? -11.848 -21.561 -5.718  1.00 41.87  ? 134 HOH A O   1 
HETATM 650 O O   . HOH B 2 .  ? -11.392 -1.913  -7.084  1.00 43.47  ? 135 HOH A O   1 
HETATM 651 O O   . HOH B 2 .  ? 12.745  3.724   22.541  1.00 58.28  ? 136 HOH A O   1 
HETATM 652 O O   . HOH B 2 .  ? -13.425 -11.288 -2.030  1.00 40.05  ? 137 HOH A O   1 
HETATM 653 O O   . HOH B 2 .  ? -15.148 -15.020 6.184   1.00 48.70  ? 138 HOH A O   1 
HETATM 654 O O   . HOH B 2 .  ? 2.894   18.520  -13.739 1.00 40.70  ? 139 HOH A O   1 
HETATM 655 O O   . HOH B 2 .  ? -8.059  -6.317  6.781   1.00 48.60  ? 140 HOH A O   1 
HETATM 656 O O   . HOH B 2 .  ? 5.709   -10.564 3.337   1.00 59.79  ? 141 HOH A O   1 
HETATM 657 O O   . HOH B 2 .  ? 7.214   -14.743 5.013   1.00 58.14  ? 142 HOH A O   1 
HETATM 658 O O   . HOH B 2 .  ? 0.820   31.580  -21.348 1.00 56.76  ? 143 HOH A O   1 
HETATM 659 O O   . HOH B 2 .  ? -12.534 -8.952  -0.163  1.00 47.39  ? 144 HOH A O   1 
HETATM 660 O O   . HOH B 2 .  ? -15.294 -16.691 4.243   1.00 39.68  ? 145 HOH A O   1 
HETATM 661 O O   . HOH B 2 .  ? 0.848   -8.424  15.040  1.00 60.22  ? 146 HOH A O   1 
HETATM 662 O O   . HOH B 2 .  ? 27.439  2.481   18.503  1.00 52.74  ? 147 HOH A O   1 
HETATM 663 O O   . HOH B 2 .  ? -5.828  4.498   -17.329 1.00 46.35  ? 148 HOH A O   1 
HETATM 664 O O   . HOH B 2 .  ? -9.953  10.164  -5.556  1.00 50.98  ? 149 HOH A O   1 
HETATM 665 O O   . HOH B 2 .  ? 4.316   -3.350  7.071   1.00 55.57  ? 150 HOH A O   1 
HETATM 666 O O   . HOH B 2 .  ? 10.234  -5.485  8.079   1.00 53.62  ? 151 HOH A O   1 
HETATM 667 O O   . HOH B 2 .  ? -12.569 -3.712  -5.802  1.00 68.36  ? 152 HOH A O   1 
HETATM 668 O O   . HOH B 2 .  ? -13.661 -22.245 6.913   1.00 65.61  ? 153 HOH A O   1 
HETATM 669 O O   . HOH B 2 .  ? -9.636  -7.920  -13.036 1.00 57.33  ? 154 HOH A O   1 
HETATM 670 O O   . HOH B 2 .  ? -5.228  -6.850  13.700  1.00 62.52  ? 155 HOH A O   1 
HETATM 671 O O   . HOH B 2 .  ? 1.650   18.040  -20.239 1.00 43.90  ? 156 HOH A O   1 
HETATM 672 O O   . HOH B 2 .  ? -9.630  0.111   -12.713 1.00 64.96  ? 157 HOH A O   1 
HETATM 673 O O   . HOH B 2 .  ? 7.012   25.514  -12.180 1.00 54.15  ? 158 HOH A O   1 
HETATM 674 O O   . HOH B 2 .  ? -4.320  -7.485  15.698  1.00 74.94  ? 159 HOH A O   1 
HETATM 675 O O   . HOH B 2 .  ? 1.137   7.591   -13.942 1.00 48.76  ? 160 HOH A O   1 
HETATM 676 O O   . HOH B 2 .  ? -11.880 -26.582 -4.070  1.00 74.29  ? 161 HOH A O   1 
HETATM 677 O O   . HOH B 2 .  ? -6.730  6.858   -16.458 1.00 37.26  ? 162 HOH A O   1 
HETATM 678 O O   . HOH B 2 .  ? 4.295   28.556  -14.492 1.00 64.99  ? 163 HOH A O   1 
HETATM 679 O O   . HOH B 2 .  ? -7.758  -6.154  -12.724 1.00 64.65  ? 164 HOH A O   1 
HETATM 680 O O   . HOH B 2 .  ? 5.257   -8.193  2.005   1.00 44.90  ? 165 HOH A O   1 
HETATM 681 O O   . HOH B 2 .  ? -5.697  -9.770  17.524  1.00 71.54  ? 166 HOH A O   1 
HETATM 682 O O   . HOH B 2 .  ? -6.116  -12.778 18.641  1.00 67.75  ? 167 HOH A O   1 
HETATM 683 O O   . HOH B 2 .  ? -14.744 -13.349 -0.996  1.00 53.73  ? 168 HOH A O   1 
HETATM 684 O O   . HOH B 2 .  ? -14.621 -19.630 -6.470  1.00 74.78  ? 169 HOH A O   1 
HETATM 685 O O   . HOH B 2 .  ? -3.628  6.645   -2.444  1.00 38.90  ? 170 HOH A O   1 
HETATM 686 O O   . HOH B 2 .  ? 7.121   -6.740  2.066   1.00 51.52  ? 171 HOH A O   1 
HETATM 687 O O   . HOH B 2 .  ? -12.701 -1.631  -9.754  1.00 67.24  ? 172 HOH A O   1 
HETATM 688 O O   . HOH B 2 .  ? -10.011 -7.296  -0.264  1.00 38.12  ? 173 HOH A O   1 
HETATM 689 O O   . HOH B 2 .  ? -4.882  10.828  -2.675  1.00 41.28  ? 174 HOH A O   1 
HETATM 690 O O   . HOH B 2 .  ? -12.799 -8.284  7.835   1.00 55.27  ? 175 HOH A O   1 
HETATM 691 O O   . HOH B 2 .  ? -11.537 -1.376  -11.952 1.00 64.36  ? 176 HOH A O   1 
HETATM 692 O O   . HOH B 2 .  ? -9.558  2.791   -5.076  1.00 56.62  ? 177 HOH A O   1 
HETATM 693 O O   . HOH B 2 .  ? -16.109 -12.956 1.442   1.00 51.00  ? 178 HOH A O   1 
HETATM 694 O O   . HOH B 2 .  ? 4.115   22.866  -22.322 1.00 46.56  ? 179 HOH A O   1 
HETATM 695 O O   . HOH B 2 .  ? 1.019   8.047   -17.006 1.00 53.13  ? 180 HOH A O   1 
HETATM 696 O O   . HOH B 2 .  ? -3.778  -12.074 17.629  1.00 66.00  ? 181 HOH A O   1 
HETATM 697 O O   . HOH B 2 .  ? -16.745 -14.143 -2.637  1.00 56.37  ? 182 HOH A O   1 
# 
loop_
_atom_site_anisotrop.id 
_atom_site_anisotrop.type_symbol 
_atom_site_anisotrop.pdbx_label_atom_id 
_atom_site_anisotrop.pdbx_label_alt_id 
_atom_site_anisotrop.pdbx_label_comp_id 
_atom_site_anisotrop.pdbx_label_asym_id 
_atom_site_anisotrop.pdbx_label_seq_id 
_atom_site_anisotrop.pdbx_PDB_ins_code 
_atom_site_anisotrop.U[1][1] 
_atom_site_anisotrop.U[2][2] 
_atom_site_anisotrop.U[3][3] 
_atom_site_anisotrop.U[1][2] 
_atom_site_anisotrop.U[1][3] 
_atom_site_anisotrop.U[2][3] 
_atom_site_anisotrop.pdbx_auth_seq_id 
_atom_site_anisotrop.pdbx_auth_comp_id 
_atom_site_anisotrop.pdbx_auth_asym_id 
_atom_site_anisotrop.pdbx_auth_atom_id 
1   N N   . VAL A 11 ? 1.0881 0.7823 0.9033 -0.0136 -0.0596 0.0429  11 VAL A N   
2   C CA  . VAL A 11 ? 1.1038 0.7999 0.9008 -0.0179 -0.0639 0.0484  11 VAL A CA  
3   C C   . VAL A 11 ? 1.1191 0.8340 0.9059 -0.0267 -0.0516 0.0459  11 VAL A C   
4   O O   . VAL A 11 ? 1.1983 0.9159 0.9814 -0.0340 -0.0424 0.0438  11 VAL A O   
5   C CB  . VAL A 11 ? 1.1365 0.8050 0.9095 -0.0233 -0.0732 0.0577  11 VAL A CB  
6   N N   . LEU A 12 ? 0.9750 0.7029 0.7584 -0.0259 -0.0520 0.0461  12 LEU A N   
7   C CA  . LEU A 12 ? 0.9092 0.6549 0.6846 -0.0332 -0.0407 0.0440  12 LEU A CA  
8   C C   . LEU A 12 ? 0.8139 0.5472 0.5603 -0.0422 -0.0410 0.0509  12 LEU A C   
9   O O   . LEU A 12 ? 0.8233 0.5437 0.5572 -0.0403 -0.0506 0.0557  12 LEU A O   
10  C CB  . LEU A 12 ? 0.8116 0.5797 0.6016 -0.0268 -0.0388 0.0389  12 LEU A CB  
11  C CG  . LEU A 12 ? 0.7713 0.5556 0.5885 -0.0195 -0.0349 0.0314  12 LEU A CG  
12  C CD1 . LEU A 12 ? 0.7825 0.5857 0.6109 -0.0138 -0.0346 0.0279  12 LEU A CD1 
13  C CD2 . LEU A 12 ? 0.7221 0.5161 0.5419 -0.0255 -0.0235 0.0273  12 LEU A CD2 
14  N N   . ASN A 13 ? 0.8081 0.5449 0.5435 -0.0525 -0.0305 0.0517  13 ASN A N   
15  C CA  . ASN A 13 ? 0.9093 0.6343 0.6172 -0.0618 -0.0284 0.0582  13 ASN A CA  
16  C C   . ASN A 13 ? 0.8657 0.6039 0.5671 -0.0609 -0.0246 0.0569  13 ASN A C   
17  O O   . ASN A 13 ? 0.7266 0.4833 0.4460 -0.0535 -0.0241 0.0512  13 ASN A O   
18  C CB  . ASN A 13 ? 0.9304 0.6558 0.6309 -0.0736 -0.0178 0.0597  13 ASN A CB  
19  C CG  . ASN A 13 ? 1.1340 0.8879 0.8480 -0.0768 -0.0046 0.0542  13 ASN A CG  
20  O OD1 . ASN A 13 ? 1.0484 0.8216 0.7758 -0.0704 -0.0026 0.0492  13 ASN A OD1 
21  N ND2 . ASN A 13 ? 1.1923 0.9484 0.9034 -0.0873 0.0037  0.0556  13 ASN A ND2 
22  N N   . SER A 14 ? 0.8688 0.5962 0.5438 -0.0687 -0.0214 0.0621  14 SER A N   
23  C CA  . SER A 14 ? 0.8141 0.5475 0.4778 -0.0678 -0.0187 0.0612  14 SER A CA  
24  C C   . SER A 14 ? 0.6640 0.4274 0.3456 -0.0665 -0.0062 0.0543  14 SER A C   
25  O O   . SER A 14 ? 0.6754 0.4500 0.3641 -0.0598 -0.0075 0.0503  14 SER A O   
26  C CB  . SER A 14 ? 0.9202 0.6352 0.5498 -0.0778 -0.0145 0.0677  14 SER A CB  
27  O OG  . SER A 14 ? 1.0299 0.7151 0.6402 -0.0786 -0.0280 0.0748  14 SER A OG  
28  N N   . THR A 15 ? 0.6160 0.3915 0.3057 -0.0732 0.0050  0.0532  15 THR A N   
29  C CA  . THR A 15 ? 0.6922 0.4957 0.3996 -0.0729 0.0164  0.0476  15 THR A CA  
30  C C   . THR A 15 ? 0.7125 0.5312 0.4462 -0.0628 0.0115  0.0413  15 THR A C   
31  O O   . THR A 15 ? 0.5928 0.4284 0.3364 -0.0578 0.0146  0.0370  15 THR A O   
32  C CB  . THR A 15 ? 0.6014 0.4145 0.3136 -0.0829 0.0278  0.0485  15 THR A CB  
33  O OG1 . THR A 15 ? 0.7047 0.5049 0.3926 -0.0924 0.0344  0.0543  15 THR A OG1 
34  C CG2 . THR A 15 ? 0.6676 0.5105 0.4011 -0.0817 0.0378  0.0430  15 THR A CG2 
35  N N   . ALA A 16 ? 0.6862 0.4976 0.4300 -0.0599 0.0042  0.0410  16 ALA A N   
36  C CA  . ALA A 16 ? 0.6584 0.4825 0.4264 -0.0509 0.0007  0.0350  16 ALA A CA  
37  C C   . ALA A 16 ? 0.6527 0.4758 0.4239 -0.0415 -0.0077 0.0337  16 ALA A C   
38  O O   . ALA A 16 ? 0.6777 0.5177 0.4667 -0.0351 -0.0066 0.0285  16 ALA A O   
39  C CB  . ALA A 16 ? 0.6703 0.4832 0.4460 -0.0501 -0.0040 0.0348  16 ALA A CB  
40  N N   . GLN A 17 ? 0.5872 0.3899 0.3410 -0.0410 -0.0168 0.0387  17 GLN A N   
41  C CA  . GLN A 17 ? 0.7190 0.5194 0.4746 -0.0332 -0.0264 0.0382  17 GLN A CA  
42  C C   . GLN A 17 ? 0.6626 0.4771 0.4138 -0.0332 -0.0197 0.0354  17 GLN A C   
43  O O   . GLN A 17 ? 0.6246 0.4506 0.3899 -0.0263 -0.0225 0.0313  17 GLN A O   
44  C CB  . GLN A 17 ? 0.7579 0.5316 0.4931 -0.0340 -0.0388 0.0451  17 GLN A CB  
45  C CG  . GLN A 17 ? 0.8905 0.6597 0.6333 -0.0253 -0.0526 0.0450  17 GLN A CG  
46  C CD  . GLN A 17 ? 1.1495 0.8912 0.8768 -0.0254 -0.0675 0.0523  17 GLN A CD  
47  O OE1 . GLN A 17 ? 1.1568 0.8814 0.8650 -0.0323 -0.0669 0.0576  17 GLN A OE1 
48  N NE2 . GLN A 17 ? 1.1275 0.8647 0.8635 -0.0181 -0.0814 0.0533  17 GLN A NE2 
49  N N   . GLY A 18 ? 0.6337 0.4470 0.3661 -0.0414 -0.0103 0.0374  18 GLY A N   
50  C CA  . GLY A 18 ? 0.6043 0.4319 0.3343 -0.0415 -0.0013 0.0340  18 GLY A CA  
51  C C   . GLY A 18 ? 0.6701 0.5245 0.4272 -0.0376 0.0059  0.0279  18 GLY A C   
52  O O   . GLY A 18 ? 0.5495 0.4153 0.3143 -0.0322 0.0066  0.0239  18 GLY A O   
53  N N   . GLN A 19 ? 0.5102 0.3729 0.2804 -0.0405 0.0107  0.0272  19 GLN A N   
54  C CA  . GLN A 19 ? 0.4972 0.3831 0.2911 -0.0376 0.0163  0.0218  19 GLN A CA  
55  C C   . GLN A 19 ? 0.4996 0.3901 0.3100 -0.0282 0.0087  0.0180  19 GLN A C   
56  O O   . GLN A 19 ? 0.5140 0.4208 0.3366 -0.0239 0.0118  0.0140  19 GLN A O   
57  C CB  . GLN A 19 ? 0.5031 0.3929 0.3056 -0.0431 0.0202  0.0220  19 GLN A CB  
58  C CG  . GLN A 19 ? 0.5814 0.4718 0.3733 -0.0532 0.0291  0.0254  19 GLN A CG  
59  C CD  . GLN A 19 ? 0.6483 0.5376 0.4460 -0.0597 0.0304  0.0264  19 GLN A CD  
60  O OE1 . GLN A 19 ? 0.6949 0.5755 0.4976 -0.0569 0.0237  0.0253  19 GLN A OE1 
61  N NE2 . GLN A 19 ? 0.5632 0.4605 0.3601 -0.0685 0.0390  0.0283  19 GLN A NE2 
62  N N   . LEU A 20 ? 0.5107 0.3870 0.3225 -0.0247 -0.0009 0.0195  20 LEU A N   
63  C CA  . LEU A 20 ? 0.5335 0.4140 0.3636 -0.0159 -0.0075 0.0162  20 LEU A CA  
64  C C   . LEU A 20 ? 0.5035 0.3869 0.3314 -0.0115 -0.0114 0.0151  20 LEU A C   
65  O O   . LEU A 20 ? 0.4784 0.3760 0.3227 -0.0062 -0.0104 0.0109  20 LEU A O   
66  C CB  . LEU A 20 ? 0.5122 0.3752 0.3444 -0.0130 -0.0173 0.0186  20 LEU A CB  
67  C CG  . LEU A 20 ? 0.4891 0.3559 0.3422 -0.0037 -0.0241 0.0157  20 LEU A CG  
68  C CD1 . LEU A 20 ? 0.5156 0.4000 0.3884 -0.0014 -0.0162 0.0099  20 LEU A CD1 
69  C CD2 . LEU A 20 ? 0.5521 0.4010 0.4086 -0.0005 -0.0339 0.0187  20 LEU A CD2 
70  N N   . LYS A 21 ? 0.5172 0.3856 0.3235 -0.0141 -0.0159 0.0191  21 LYS A N   
71  C CA  . LYS A 21 ? 0.5545 0.4217 0.3549 -0.0105 -0.0208 0.0183  21 LYS A CA  
72  C C   . LYS A 21 ? 0.5342 0.4197 0.3381 -0.0107 -0.0100 0.0139  21 LYS A C   
73  O O   . LYS A 21 ? 0.5004 0.3941 0.3141 -0.0055 -0.0122 0.0106  21 LYS A O   
74  C CB  . LYS A 21 ? 0.5789 0.4235 0.3505 -0.0146 -0.0276 0.0236  21 LYS A CB  
75  C CG  . LYS A 21 ? 0.8611 0.6865 0.6310 -0.0134 -0.0408 0.0284  21 LYS A CG  
76  C CD  . LYS A 21 ? 0.9104 0.7159 0.6616 -0.0127 -0.0549 0.0324  21 LYS A CD  
77  C CE  . LYS A 21 ? 0.9737 0.7612 0.7267 -0.0108 -0.0689 0.0378  21 LYS A CE  
78  N NZ  . LYS A 21 ? 1.0713 0.8393 0.8083 -0.0100 -0.0852 0.0423  21 LYS A NZ  
79  N N   . SER A 22 ? 0.4824 0.3742 0.2801 -0.0167 0.0015  0.0142  22 SER A N   
80  C CA  . SER A 22 ? 0.5213 0.4315 0.3256 -0.0165 0.0121  0.0105  22 SER A CA  
81  C C   . SER A 22 ? 0.5445 0.4740 0.3754 -0.0114 0.0135  0.0061  22 SER A C   
82  O O   . SER A 22 ? 0.4426 0.3837 0.2810 -0.0077 0.0164  0.0027  22 SER A O   
83  C CB  . SER A 22 ? 0.5141 0.4286 0.3111 -0.0241 0.0239  0.0122  22 SER A CB  
84  O OG  . SER A 22 ? 0.5597 0.4939 0.3686 -0.0231 0.0336  0.0087  22 SER A OG  
85  N N   . ILE A 23 ? 0.4556 0.3869 0.2987 -0.0116 0.0120  0.0061  23 ILE A N   
86  C CA  . ILE A 23 ? 0.4430 0.3894 0.3079 -0.0075 0.0133  0.0022  23 ILE A CA  
87  C C   . ILE A 23 ? 0.4148 0.3616 0.2891 -0.0001 0.0064  -0.0002 23 ILE A C   
88  O O   . ILE A 23 ? 0.4201 0.3800 0.3051 0.0032  0.0092  -0.0033 23 ILE A O   
89  C CB  . ILE A 23 ? 0.4771 0.4206 0.3494 -0.0092 0.0126  0.0023  23 ILE A CB  
90  C CG1 . ILE A 23 ? 0.5044 0.4505 0.3709 -0.0173 0.0197  0.0041  23 ILE A CG1 
91  C CG2 . ILE A 23 ? 0.4431 0.3976 0.3348 -0.0044 0.0130  -0.0019 23 ILE A CG2 
92  C CD1 . ILE A 23 ? 0.4402 0.3745 0.3045 -0.0209 0.0173  0.0058  23 ILE A CD1 
93  N N   . ILE A 24 ? 0.3978 0.3300 0.2689 0.0023  -0.0033 0.0019  24 ILE A N   
94  C CA  . ILE A 24 ? 0.4642 0.3969 0.3473 0.0088  -0.0110 0.0002  24 ILE A CA  
95  C C   . ILE A 24 ? 0.4525 0.3879 0.3283 0.0100  -0.0114 -0.0011 24 ILE A C   
96  O O   . ILE A 24 ? 0.4195 0.3649 0.3087 0.0142  -0.0116 -0.0041 24 ILE A O   
97  C CB  . ILE A 24 ? 0.4643 0.3802 0.3458 0.0110  -0.0228 0.0036  24 ILE A CB  
98  C CG1 . ILE A 24 ? 0.4456 0.3580 0.3370 0.0111  -0.0222 0.0040  24 ILE A CG1 
99  C CG2 . ILE A 24 ? 0.4741 0.3915 0.3691 0.0171  -0.0316 0.0023  24 ILE A CG2 
100 C CD1 . ILE A 24 ? 0.4832 0.4100 0.3961 0.0143  -0.0158 -0.0006 24 ILE A CD1 
101 N N   . GLU A 25 ? 0.4158 0.3408 0.2691 0.0060  -0.0109 0.0013  25 GLU A N   
102 C CA  . GLU A 25 ? 0.4314 0.3561 0.2734 0.0065  -0.0097 -0.0003 25 GLU A CA  
103 C C   . GLU A 25 ? 0.4365 0.3801 0.2901 0.0081  0.0004  -0.0045 25 GLU A C   
104 O O   . GLU A 25 ? 0.4253 0.3735 0.2846 0.0120  -0.0013 -0.0074 25 GLU A O   
105 C CB  . GLU A 25 ? 0.5433 0.4534 0.3570 0.0007  -0.0071 0.0027  25 GLU A CB  
106 C CG  . GLU A 25 ? 0.7749 0.6819 0.5719 0.0000  -0.0027 0.0008  25 GLU A CG  
107 C CD  . GLU A 25 ? 1.0567 0.9491 0.8258 -0.0067 0.0024  0.0039  25 GLU A CD  
108 O OE1 . GLU A 25 ? 0.8949 0.7699 0.6500 -0.0096 -0.0056 0.0085  25 GLU A OE1 
109 O OE2 . GLU A 25 ? 1.1279 1.0265 0.8903 -0.0090 0.0149  0.0022  25 GLU A OE2 
110 N N   . ARG A 26 ? 0.4121 0.3662 0.2698 0.0048  0.0101  -0.0044 26 ARG A N   
111 C CA  . ARG A 26 ? 0.4114 0.3832 0.2806 0.0061  0.0188  -0.0075 26 ARG A CA  
112 C C   . ARG A 26 ? 0.4501 0.4332 0.3412 0.0108  0.0164  -0.0102 26 ARG A C   
113 O O   . ARG A 26 ? 0.4101 0.4015 0.3083 0.0143  0.0181  -0.0129 26 ARG A O   
114 C CB  . ARG A 26 ? 0.3702 0.3506 0.2401 0.0009  0.0284  -0.0062 26 ARG A CB  
115 C CG  . ARG A 26 ? 0.4673 0.4413 0.3182 -0.0035 0.0352  -0.0045 26 ARG A CG  
116 C CD  . ARG A 26 ? 0.4786 0.4621 0.3331 -0.0094 0.0444  -0.0027 26 ARG A CD  
117 N NE  . ARG A 26 ? 0.4971 0.4726 0.3486 -0.0141 0.0408  0.0005  26 ARG A NE  
118 C CZ  . ARG A 26 ? 0.5240 0.5083 0.3852 -0.0187 0.0446  0.0016  26 ARG A CZ  
119 N NH1 . ARG A 26 ? 0.4278 0.4305 0.3038 -0.0191 0.0512  0.0003  26 ARG A NH1 
120 N NH2 . ARG A 26 ? 0.4953 0.4694 0.3518 -0.0228 0.0410  0.0042  26 ARG A NH2 
121 N N   . VAL A 27 ? 0.3951 0.3772 0.2956 0.0109  0.0130  -0.0095 27 VAL A N   
122 C CA  . VAL A 27 ? 0.3651 0.3563 0.2844 0.0150  0.0121  -0.0121 27 VAL A CA  
123 C C   . VAL A 27 ? 0.4148 0.4030 0.3387 0.0198  0.0052  -0.0134 27 VAL A C   
124 O O   . VAL A 27 ? 0.4080 0.4056 0.3434 0.0227  0.0068  -0.0158 27 VAL A O   
125 C CB  . VAL A 27 ? 0.3538 0.3417 0.2811 0.0145  0.0105  -0.0117 27 VAL A CB  
126 C CG1 . VAL A 27 ? 0.3460 0.3412 0.2915 0.0187  0.0103  -0.0145 27 VAL A CG1 
127 C CG2 . VAL A 27 ? 0.3208 0.3125 0.2449 0.0090  0.0169  -0.0108 27 VAL A CG2 
128 N N   . GLU A 28 ? 0.3481 0.3224 0.2632 0.0203  -0.0031 -0.0115 28 GLU A N   
129 C CA  . GLU A 28 ? 0.3450 0.3162 0.2658 0.0242  -0.0114 -0.0125 28 GLU A CA  
130 C C   . GLU A 28 ? 0.3546 0.3283 0.2677 0.0248  -0.0091 -0.0146 28 GLU A C   
131 O O   . GLU A 28 ? 0.3473 0.3259 0.2716 0.0280  -0.0115 -0.0168 28 GLU A O   
132 C CB  . GLU A 28 ? 0.3723 0.3268 0.2848 0.0241  -0.0228 -0.0093 28 GLU A CB  
133 C CG  . GLU A 28 ? 0.3858 0.3389 0.3140 0.0260  -0.0262 -0.0080 28 GLU A CG  
134 C CD  . GLU A 28 ? 0.4684 0.4063 0.3940 0.0271  -0.0395 -0.0044 28 GLU A CD  
135 O OE1 . GLU A 28 ? 0.4623 0.4007 0.4072 0.0305  -0.0438 -0.0040 28 GLU A OE1 
136 O OE2 . GLU A 28 ? 0.4760 0.4007 0.3804 0.0244  -0.0453 -0.0019 28 GLU A OE2 
137 N N   . ARG A 29 ? 0.3272 0.2970 0.2216 0.0217  -0.0037 -0.0142 29 ARG A N   
138 C CA  . ARG A 29 ? 0.4248 0.3971 0.3125 0.0227  0.0007  -0.0169 29 ARG A CA  
139 C C   . ARG A 29 ? 0.4485 0.4382 0.3542 0.0253  0.0077  -0.0194 29 ARG A C   
140 O O   . ARG A 29 ? 0.4259 0.4184 0.3366 0.0283  0.0067  -0.0218 29 ARG A O   
141 C CB  . ARG A 29 ? 0.4536 0.4200 0.3202 0.0189  0.0080  -0.0161 29 ARG A CB  
142 C CG  . ARG A 29 ? 0.5870 0.5561 0.4473 0.0204  0.0153  -0.0194 29 ARG A CG  
143 C CD  . ARG A 29 ? 0.8702 0.8298 0.7256 0.0232  0.0070  -0.0217 29 ARG A CD  
144 N NE  . ARG A 29 ? 1.0856 1.0486 0.9390 0.0258  0.0138  -0.0255 29 ARG A NE  
145 C CZ  . ARG A 29 ? 1.0916 1.0514 0.9475 0.0288  0.0085  -0.0283 29 ARG A CZ  
146 N NH1 . ARG A 29 ? 1.0751 1.0299 0.9374 0.0295  -0.0037 -0.0275 29 ARG A NH1 
147 N NH2 . ARG A 29 ? 1.0608 1.0224 0.9142 0.0312  0.0155  -0.0318 29 ARG A NH2 
148 N N   . LEU A 30 ? 0.4208 0.4209 0.3351 0.0235  0.0138  -0.0185 30 LEU A N   
149 C CA  . LEU A 30 ? 0.4391 0.4544 0.3690 0.0253  0.0192  -0.0201 30 LEU A CA  
150 C C   . LEU A 30 ? 0.4720 0.4899 0.4169 0.0286  0.0142  -0.0214 30 LEU A C   
151 O O   . LEU A 30 ? 0.3655 0.3907 0.3187 0.0310  0.0160  -0.0231 30 LEU A O   
152 C CB  . LEU A 30 ? 0.3154 0.3391 0.2500 0.0219  0.0248  -0.0186 30 LEU A CB  
153 C CG  . LEU A 30 ? 0.4030 0.4291 0.3282 0.0183  0.0318  -0.0174 30 LEU A CG  
154 C CD1 . LEU A 30 ? 0.3661 0.3972 0.2943 0.0134  0.0350  -0.0152 30 LEU A CD1 
155 C CD2 . LEU A 30 ? 0.4181 0.4541 0.3480 0.0208  0.0378  -0.0190 30 LEU A CD2 
156 N N   . GLU A 31 ? 0.3381 0.3495 0.2872 0.0289  0.0081  -0.0205 31 GLU A N   
157 C CA  . GLU A 31 ? 0.3164 0.3310 0.2820 0.0318  0.0047  -0.0216 31 GLU A CA  
158 C C   . GLU A 31 ? 0.3846 0.3951 0.3506 0.0342  -0.0013 -0.0229 31 GLU A C   
159 O O   . GLU A 31 ? 0.3646 0.3812 0.3437 0.0363  -0.0012 -0.0243 31 GLU A O   
160 C CB  . GLU A 31 ? 0.3348 0.3442 0.3078 0.0319  0.0008  -0.0204 31 GLU A CB  
161 C CG  . GLU A 31 ? 0.4740 0.4875 0.4477 0.0293  0.0075  -0.0202 31 GLU A CG  
162 C CD  . GLU A 31 ? 0.7480 0.7605 0.7347 0.0305  0.0076  -0.0208 31 GLU A CD  
163 O OE1 . GLU A 31 ? 0.6944 0.7110 0.6822 0.0285  0.0139  -0.0216 31 GLU A OE1 
164 O OE2 . GLU A 31 ? 0.7841 0.7913 0.7798 0.0333  0.0015  -0.0204 31 GLU A OE2 
165 N N   . VAL A 32 ? 0.4039 0.4032 0.3543 0.0335  -0.0063 -0.0223 32 VAL A N   
166 C CA  . VAL A 32 ? 0.4062 0.4002 0.3531 0.0351  -0.0118 -0.0240 32 VAL A CA  
167 C C   . VAL A 32 ? 0.4147 0.4164 0.3615 0.0364  -0.0042 -0.0264 32 VAL A C   
168 O O   . VAL A 32 ? 0.3597 0.3635 0.3153 0.0383  -0.0064 -0.0282 32 VAL A O   
169 C CB  . VAL A 32 ? 0.4732 0.4508 0.3977 0.0332  -0.0182 -0.0231 32 VAL A CB  
170 C CG1 . VAL A 32 ? 0.4719 0.4427 0.3874 0.0341  -0.0214 -0.0256 32 VAL A CG1 
171 C CG2 . VAL A 32 ? 0.4512 0.4195 0.3783 0.0327  -0.0293 -0.0202 32 VAL A CG2 
172 N N   . GLU A 33 ? 0.3714 0.3772 0.3098 0.0353  0.0043  -0.0264 33 GLU A N   
173 C CA  . GLU A 33 ? 0.4295 0.4433 0.3709 0.0372  0.0112  -0.0285 33 GLU A CA  
174 C C   . GLU A 33 ? 0.4238 0.4491 0.3841 0.0388  0.0126  -0.0285 33 GLU A C   
175 O O   . GLU A 33 ? 0.4077 0.4353 0.3735 0.0411  0.0129  -0.0301 33 GLU A O   
176 C CB  . GLU A 33 ? 0.4520 0.4708 0.3863 0.0357  0.0202  -0.0279 33 GLU A CB  
177 C CG  . GLU A 33 ? 0.5586 0.5651 0.4716 0.0337  0.0212  -0.0279 33 GLU A CG  
178 C CD  . GLU A 33 ? 0.8190 0.8319 0.7277 0.0319  0.0315  -0.0272 33 GLU A CD  
179 O OE1 . GLU A 33 ? 1.0615 1.0878 0.9832 0.0336  0.0375  -0.0276 33 GLU A OE1 
180 O OE2 . GLU A 33 ? 1.0290 1.0336 0.9223 0.0285  0.0335  -0.0260 33 GLU A OE2 
181 N N   . LYS A 34 ? 0.3366 0.3676 0.3056 0.0372  0.0136  -0.0268 34 LYS A N   
182 C CA  . LYS A 34 ? 0.3536 0.3933 0.3375 0.0378  0.0156  -0.0268 34 LYS A CA  
183 C C   . LYS A 34 ? 0.3911 0.4281 0.3847 0.0397  0.0103  -0.0279 34 LYS A C   
184 O O   . LYS A 34 ? 0.3573 0.3991 0.3591 0.0409  0.0122  -0.0284 34 LYS A O   
185 C CB  . LYS A 34 ? 0.4068 0.4491 0.3947 0.0354  0.0174  -0.0254 34 LYS A CB  
186 C CG  . LYS A 34 ? 0.3772 0.4265 0.3762 0.0351  0.0208  -0.0254 34 LYS A CG  
187 C CD  . LYS A 34 ? 0.5294 0.5782 0.5282 0.0322  0.0232  -0.0248 34 LYS A CD  
188 C CE  . LYS A 34 ? 0.5914 0.6390 0.6012 0.0328  0.0238  -0.0256 34 LYS A CE  
189 N NZ  . LYS A 34 ? 0.7020 0.7549 0.7137 0.0310  0.0292  -0.0258 34 LYS A NZ  
190 N N   . ALA A 35 ? 0.3491 0.3781 0.3427 0.0397  0.0033  -0.0277 35 ALA A N   
191 C CA  . ALA A 35 ? 0.3458 0.3727 0.3509 0.0409  -0.0027 -0.0283 35 ALA A CA  
192 C C   . ALA A 35 ? 0.3575 0.3807 0.3572 0.0422  -0.0048 -0.0301 35 ALA A C   
193 O O   . ALA A 35 ? 0.3789 0.4044 0.3895 0.0428  -0.0060 -0.0308 35 ALA A O   
194 C CB  . ALA A 35 ? 0.4072 0.4260 0.4143 0.0407  -0.0116 -0.0273 35 ALA A CB  
195 N N   . GLU A 36 ? 0.3573 0.3735 0.3392 0.0421  -0.0048 -0.0310 36 GLU A N   
196 C CA  . GLU A 36 ? 0.3869 0.3979 0.3612 0.0435  -0.0053 -0.0334 36 GLU A CA  
197 C C   . GLU A 36 ? 0.4079 0.4284 0.3907 0.0453  0.0018  -0.0339 36 GLU A C   
198 O O   . GLU A 36 ? 0.4036 0.4222 0.3907 0.0465  0.0000  -0.0352 36 GLU A O   
199 C CB  . GLU A 36 ? 0.3937 0.3955 0.3462 0.0432  -0.0035 -0.0346 36 GLU A CB  
200 C CG  . GLU A 36 ? 0.6818 0.6696 0.6212 0.0410  -0.0126 -0.0341 36 GLU A CG  
201 C CD  . GLU A 36 ? 0.7742 0.7517 0.6891 0.0396  -0.0091 -0.0347 36 GLU A CD  
202 O OE1 . GLU A 36 ? 0.8031 0.7869 0.7145 0.0404  0.0014  -0.0353 36 GLU A OE1 
203 O OE2 . GLU A 36 ? 0.8445 0.8073 0.7438 0.0376  -0.0169 -0.0344 36 GLU A OE2 
204 N N   . ILE A 37 ? 0.3925 0.4225 0.3775 0.0451  0.0090  -0.0325 37 ILE A N   
205 C CA  . ILE A 37 ? 0.3677 0.4063 0.3602 0.0466  0.0143  -0.0320 37 ILE A CA  
206 C C   . ILE A 37 ? 0.3971 0.4389 0.4037 0.0461  0.0125  -0.0312 37 ILE A C   
207 O O   . ILE A 37 ? 0.3759 0.4178 0.3869 0.0474  0.0129  -0.0315 37 ILE A O   
208 C CB  . ILE A 37 ? 0.3771 0.4251 0.3700 0.0456  0.0206  -0.0301 37 ILE A CB  
209 C CG1 . ILE A 37 ? 0.3902 0.4364 0.3712 0.0456  0.0240  -0.0307 37 ILE A CG1 
210 C CG2 . ILE A 37 ? 0.3483 0.4046 0.3496 0.0468  0.0241  -0.0289 37 ILE A CG2 
211 C CD1 . ILE A 37 ? 0.5263 0.5689 0.5019 0.0489  0.0264  -0.0330 37 ILE A CD1 
212 N N   . MET A 38 ? 0.3305 0.3739 0.3440 0.0441  0.0112  -0.0301 38 MET A N   
213 C CA  . MET A 38 ? 0.3656 0.4117 0.3929 0.0432  0.0113  -0.0295 38 MET A CA  
214 C C   . MET A 38 ? 0.4285 0.4691 0.4613 0.0439  0.0056  -0.0306 38 MET A C   
215 O O   . MET A 38 ? 0.3600 0.4026 0.4015 0.0435  0.0070  -0.0302 38 MET A O   
216 C CB  . MET A 38 ? 0.3136 0.3610 0.3480 0.0416  0.0114  -0.0288 38 MET A CB  
217 C CG  . MET A 38 ? 0.3920 0.4444 0.4222 0.0401  0.0175  -0.0277 38 MET A CG  
218 S SD  . MET A 38 ? 0.4498 0.5004 0.4852 0.0389  0.0177  -0.0276 38 MET A SD  
219 C CE  . MET A 38 ? 0.4316 0.4840 0.4854 0.0389  0.0195  -0.0280 38 MET A CE  
220 N N   . GLU A 39 ? 0.3601 0.3927 0.3861 0.0443  -0.0010 -0.0320 39 GLU A N   
221 C CA  . GLU A 39 ? 0.4131 0.4389 0.4426 0.0441  -0.0080 -0.0331 39 GLU A CA  
222 C C   . GLU A 39 ? 0.3918 0.4148 0.4151 0.0457  -0.0057 -0.0346 39 GLU A C   
223 O O   . GLU A 39 ? 0.3527 0.3740 0.3840 0.0451  -0.0077 -0.0349 39 GLU A O   
224 C CB  . GLU A 39 ? 0.3862 0.4017 0.4065 0.0436  -0.0169 -0.0341 39 GLU A CB  
225 C CG  . GLU A 39 ? 0.5986 0.6057 0.6222 0.0424  -0.0262 -0.0353 39 GLU A CG  
226 C CD  . GLU A 39 ? 0.7287 0.7425 0.7764 0.0408  -0.0287 -0.0337 39 GLU A CD  
227 O OE1 . GLU A 39 ? 0.8587 0.8692 0.9128 0.0397  -0.0329 -0.0344 39 GLU A OE1 
228 O OE2 . GLU A 39 ? 0.6649 0.6864 0.7252 0.0407  -0.0258 -0.0319 39 GLU A OE2 
229 N N   . GLN A 40 ? 0.3504 0.3727 0.3604 0.0477  -0.0012 -0.0355 40 GLN A N   
230 C CA  . GLN A 40 ? 0.3988 0.4186 0.4047 0.0501  0.0017  -0.0368 40 GLN A CA  
231 C C   . GLN A 40 ? 0.4068 0.4344 0.4249 0.0503  0.0056  -0.0346 40 GLN A C   
232 O O   . GLN A 40 ? 0.3688 0.3919 0.3890 0.0512  0.0046  -0.0352 40 GLN A O   
233 C CB  . GLN A 40 ? 0.3970 0.4171 0.3904 0.0526  0.0073  -0.0379 40 GLN A CB  
234 C CG  . GLN A 40 ? 0.4725 0.4803 0.4492 0.0525  0.0042  -0.0408 40 GLN A CG  
235 C CD  . GLN A 40 ? 0.5904 0.5985 0.5552 0.0545  0.0116  -0.0419 40 GLN A CD  
236 O OE1 . GLN A 40 ? 0.7080 0.7141 0.6630 0.0527  0.0124  -0.0416 40 GLN A OE1 
237 N NE2 . GLN A 40 ? 0.5724 0.5827 0.5389 0.0580  0.0175  -0.0430 40 GLN A NE2 
238 N N   . ILE A 41 ? 0.3113 0.3483 0.3353 0.0489  0.0098  -0.0320 41 ILE A N   
239 C CA  . ILE A 41 ? 0.3573 0.3996 0.3897 0.0480  0.0132  -0.0295 41 ILE A CA  
240 C C   . ILE A 41 ? 0.3805 0.4195 0.4232 0.0458  0.0103  -0.0293 41 ILE A C   
241 O O   . ILE A 41 ? 0.3564 0.3933 0.4020 0.0458  0.0109  -0.0283 41 ILE A O   
242 C CB  . ILE A 41 ? 0.2843 0.3347 0.3182 0.0459  0.0176  -0.0273 41 ILE A CB  
243 C CG1 . ILE A 41 ? 0.2671 0.3217 0.2931 0.0474  0.0203  -0.0270 41 ILE A CG1 
244 C CG2 . ILE A 41 ? 0.3138 0.3669 0.3536 0.0438  0.0209  -0.0247 41 ILE A CG2 
245 C CD1 . ILE A 41 ? 0.2833 0.3443 0.3087 0.0447  0.0236  -0.0252 41 ILE A CD1 
246 N N   . LYS A 42 ? 0.2911 0.3294 0.3399 0.0439  0.0070  -0.0300 42 LYS A N   
247 C CA  . LYS A 42 ? 0.3964 0.4327 0.4583 0.0416  0.0036  -0.0298 42 LYS A CA  
248 C C   . LYS A 42 ? 0.3160 0.3434 0.3749 0.0422  -0.0016 -0.0314 42 LYS A C   
249 O O   . LYS A 42 ? 0.3692 0.3951 0.4368 0.0403  -0.0019 -0.0304 42 LYS A O   
250 C CB  . LYS A 42 ? 0.3705 0.4074 0.4409 0.0403  -0.0010 -0.0303 42 LYS A CB  
251 C CG  . LYS A 42 ? 0.4979 0.5424 0.5800 0.0388  0.0047  -0.0287 42 LYS A CG  
252 C CD  . LYS A 42 ? 0.7133 0.7580 0.8063 0.0385  -0.0007 -0.0291 42 LYS A CD  
253 C CE  . LYS A 42 ? 0.8179 0.8616 0.9284 0.0365  -0.0063 -0.0289 42 LYS A CE  
254 N NZ  . LYS A 42 ? 0.8607 0.9097 0.9912 0.0361  -0.0073 -0.0281 42 LYS A NZ  
255 N N   . GLU A 43 ? 0.3575 0.3777 0.4032 0.0445  -0.0054 -0.0339 43 GLU A N   
256 C CA  . GLU A 43 ? 0.3978 0.4071 0.4376 0.0451  -0.0103 -0.0362 43 GLU A CA  
257 C C   . GLU A 43 ? 0.3875 0.3958 0.4260 0.0471  -0.0056 -0.0355 43 GLU A C   
258 O O   . GLU A 43 ? 0.3527 0.3540 0.3940 0.0462  -0.0085 -0.0359 43 GLU A O   
259 C CB  . GLU A 43 ? 0.4219 0.4220 0.4443 0.0470  -0.0138 -0.0395 43 GLU A CB  
260 C CG  . GLU A 43 ? 0.3992 0.3958 0.4211 0.0445  -0.0216 -0.0399 43 GLU A CG  
261 C CD  . GLU A 43 ? 0.5328 0.5193 0.5335 0.0458  -0.0238 -0.0426 43 GLU A CD  
262 O OE1 . GLU A 43 ? 0.6997 0.6796 0.6962 0.0436  -0.0322 -0.0428 43 GLU A OE1 
263 O OE2 . GLU A 43 ? 0.5553 0.5403 0.5438 0.0488  -0.0171 -0.0441 43 GLU A OE2 
264 N N   . VAL A 44 ? 0.3253 0.3405 0.3601 0.0496  0.0010  -0.0340 44 VAL A N   
265 C CA  . VAL A 44 ? 0.3311 0.3455 0.3657 0.0519  0.0044  -0.0326 44 VAL A CA  
266 C C   . VAL A 44 ? 0.3664 0.3829 0.4122 0.0484  0.0051  -0.0292 44 VAL A C   
267 O O   . VAL A 44 ? 0.3454 0.3552 0.3925 0.0485  0.0040  -0.0286 44 VAL A O   
268 C CB  . VAL A 44 ? 0.3742 0.3968 0.4051 0.0550  0.0100  -0.0311 44 VAL A CB  
269 C CG1 . VAL A 44 ? 0.3783 0.4007 0.4117 0.0571  0.0120  -0.0283 44 VAL A CG1 
270 C CG2 . VAL A 44 ? 0.3766 0.3962 0.3966 0.0584  0.0109  -0.0345 44 VAL A CG2 
271 N N   . TYR A 45 ? 0.3275 0.3518 0.3805 0.0450  0.0075  -0.0272 45 TYR A N   
272 C CA  . TYR A 45 ? 0.3029 0.3283 0.3655 0.0410  0.0101  -0.0242 45 TYR A CA  
273 C C   . TYR A 45 ? 0.3557 0.3746 0.4271 0.0383  0.0052  -0.0252 45 TYR A C   
274 O O   . TYR A 45 ? 0.3731 0.3881 0.4490 0.0360  0.0060  -0.0231 45 TYR A O   
275 C CB  . TYR A 45 ? 0.3430 0.3767 0.4108 0.0382  0.0149  -0.0227 45 TYR A CB  
276 C CG  . TYR A 45 ? 0.3862 0.4247 0.4459 0.0388  0.0199  -0.0204 45 TYR A CG  
277 C CD1 . TYR A 45 ? 0.3821 0.4183 0.4373 0.0386  0.0217  -0.0172 45 TYR A CD1 
278 C CD2 . TYR A 45 ? 0.3544 0.3990 0.4107 0.0393  0.0219  -0.0211 45 TYR A CD2 
279 C CE1 . TYR A 45 ? 0.3767 0.4168 0.4246 0.0387  0.0244  -0.0147 45 TYR A CE1 
280 C CE2 . TYR A 45 ? 0.3670 0.4155 0.4161 0.0390  0.0253  -0.0190 45 TYR A CE2 
281 C CZ  . TYR A 45 ? 0.3694 0.4159 0.4143 0.0386  0.0261  -0.0158 45 TYR A CZ  
282 O OH  . TYR A 45 ? 0.3443 0.3944 0.3822 0.0378  0.0278  -0.0134 45 TYR A OH  
283 N N   . ALA A 46 ? 0.3478 0.3645 0.4211 0.0382  -0.0008 -0.0281 46 ALA A N   
284 C CA  . ALA A 46 ? 0.3687 0.3790 0.4510 0.0350  -0.0073 -0.0291 46 ALA A CA  
285 C C   . ALA A 46 ? 0.4013 0.3999 0.4755 0.0363  -0.0103 -0.0303 46 ALA A C   
286 O O   . ALA A 46 ? 0.3935 0.3873 0.4755 0.0328  -0.0120 -0.0290 46 ALA A O   
287 C CB  . ALA A 46 ? 0.3378 0.3466 0.4214 0.0346  -0.0150 -0.0316 46 ALA A CB  
288 N N   . GLU A 47 ? 0.3642 0.3580 0.4232 0.0412  -0.0102 -0.0326 47 GLU A N   
289 C CA  . GLU A 47 ? 0.4013 0.3833 0.4517 0.0437  -0.0114 -0.0341 47 GLU A CA  
290 C C   . GLU A 47 ? 0.4477 0.4307 0.5032 0.0432  -0.0069 -0.0299 47 GLU A C   
291 O O   . GLU A 47 ? 0.4650 0.4379 0.5216 0.0420  -0.0095 -0.0298 47 GLU A O   
292 C CB  . GLU A 47 ? 0.4463 0.4258 0.4820 0.0497  -0.0091 -0.0370 47 GLU A CB  
293 C CG  . GLU A 47 ? 0.4896 0.4575 0.5177 0.0539  -0.0086 -0.0388 47 GLU A CG  
294 C CD  . GLU A 47 ? 0.5743 0.5436 0.5924 0.0603  -0.0033 -0.0408 47 GLU A CD  
295 O OE1 . GLU A 47 ? 0.4647 0.4378 0.4764 0.0610  -0.0021 -0.0428 47 GLU A OE1 
296 O OE2 . GLU A 47 ? 0.5251 0.4922 0.5434 0.0646  0.0000  -0.0399 47 GLU A OE2 
297 N N   . ALA A 48 ? 0.3501 0.3434 0.4074 0.0436  -0.0009 -0.0264 48 ALA A N   
298 C CA  . ALA A 48 ? 0.3677 0.3606 0.4269 0.0425  0.0028  -0.0219 48 ALA A CA  
299 C C   . ALA A 48 ? 0.3811 0.3716 0.4509 0.0360  0.0026  -0.0196 48 ALA A C   
300 O O   . ALA A 48 ? 0.4086 0.3909 0.4787 0.0346  0.0022  -0.0171 48 ALA A O   
301 C CB  . ALA A 48 ? 0.4259 0.4293 0.4832 0.0429  0.0083  -0.0187 48 ALA A CB  
302 N N   . LYS A 49 ? 0.3976 0.3950 0.4773 0.0322  0.0031  -0.0202 49 LYS A N   
303 C CA  . LYS A 49 ? 0.4032 0.4001 0.4966 0.0259  0.0039  -0.0181 49 LYS A CA  
304 C C   . LYS A 49 ? 0.4265 0.4119 0.5221 0.0243  -0.0033 -0.0198 49 LYS A C   
305 O O   . LYS A 49 ? 0.4023 0.3824 0.5036 0.0200  -0.0022 -0.0169 49 LYS A O   
306 C CB  . LYS A 49 ? 0.3908 0.3977 0.4973 0.0233  0.0047  -0.0192 49 LYS A CB  
307 C CG  . LYS A 49 ? 0.4121 0.4215 0.5369 0.0167  0.0074  -0.0170 49 LYS A CG  
308 C CD  . LYS A 49 ? 0.4696 0.4895 0.6095 0.0157  0.0081  -0.0182 49 LYS A CD  
309 C CE  . LYS A 49 ? 0.6718 0.6958 0.8345 0.0096  0.0106  -0.0165 49 LYS A CE  
310 N NZ  . LYS A 49 ? 0.8393 0.8647 1.0022 0.0061  0.0226  -0.0129 49 LYS A NZ  
311 N N   . GLY A 50 ? 0.4745 0.4541 0.5635 0.0274  -0.0104 -0.0243 50 GLY A N   
312 C CA  . GLY A 50 ? 0.5226 0.4883 0.6093 0.0264  -0.0178 -0.0267 50 GLY A CA  
313 C C   . GLY A 50 ? 0.5097 0.4644 0.5881 0.0283  -0.0162 -0.0251 50 GLY A C   
314 O O   . GLY A 50 ? 0.4821 0.4257 0.5631 0.0250  -0.0202 -0.0250 50 GLY A O   
315 N N   . ASN A 51 ? 0.4098 0.3670 0.4790 0.0338  -0.0111 -0.0238 51 ASN A N   
316 C CA  . ASN A 51 ? 0.4526 0.3999 0.5156 0.0364  -0.0101 -0.0216 51 ASN A CA  
317 C C   . ASN A 51 ? 0.4896 0.4377 0.5585 0.0314  -0.0061 -0.0152 51 ASN A C   
318 O O   . ASN A 51 ? 0.5154 0.4543 0.5796 0.0328  -0.0060 -0.0122 51 ASN A O   
319 C CB  . ASN A 51 ? 0.5134 0.4638 0.5668 0.0442  -0.0070 -0.0220 51 ASN A CB  
320 C CG  . ASN A 51 ? 0.6502 0.5965 0.6949 0.0495  -0.0094 -0.0283 51 ASN A CG  
321 O OD1 . ASN A 51 ? 0.7479 0.6824 0.7891 0.0485  -0.0145 -0.0324 51 ASN A OD1 
322 N ND2 . ASN A 51 ? 0.6688 0.6241 0.7091 0.0545  -0.0056 -0.0289 51 ASN A ND2 
323 N N   . GLY A 52 ? 0.4650 0.4233 0.5438 0.0257  -0.0023 -0.0129 52 GLY A N   
324 C CA  . GLY A 52 ? 0.4609 0.4186 0.5434 0.0200  0.0031  -0.0071 52 GLY A CA  
325 C C   . GLY A 52 ? 0.4790 0.4446 0.5550 0.0208  0.0097  -0.0033 52 GLY A C   
326 O O   . GLY A 52 ? 0.4371 0.3996 0.5110 0.0165  0.0143  0.0018  52 GLY A O   
327 N N   . PHE A 53 ? 0.4115 0.3863 0.4832 0.0257  0.0101  -0.0057 53 PHE A N   
328 C CA  . PHE A 53 ? 0.3874 0.3692 0.4523 0.0259  0.0154  -0.0025 53 PHE A CA  
329 C C   . PHE A 53 ? 0.4120 0.4027 0.4840 0.0205  0.0221  -0.0023 53 PHE A C   
330 O O   . PHE A 53 ? 0.4141 0.4091 0.4980 0.0186  0.0217  -0.0053 53 PHE A O   
331 C CB  . PHE A 53 ? 0.4326 0.4201 0.4907 0.0328  0.0135  -0.0048 53 PHE A CB  
332 C CG  . PHE A 53 ? 0.4305 0.4104 0.4824 0.0388  0.0093  -0.0041 53 PHE A CG  
333 C CD1 . PHE A 53 ? 0.3719 0.3454 0.4244 0.0432  0.0050  -0.0087 53 PHE A CD1 
334 C CD2 . PHE A 53 ? 0.4184 0.3966 0.4639 0.0401  0.0094  0.0011  53 PHE A CD2 
335 C CE1 . PHE A 53 ? 0.4449 0.4107 0.4930 0.0494  0.0023  -0.0085 53 PHE A CE1 
336 C CE2 . PHE A 53 ? 0.4955 0.4673 0.5385 0.0464  0.0054  0.0020  53 PHE A CE2 
337 C CZ  . PHE A 53 ? 0.4353 0.4011 0.4805 0.0514  0.0026  -0.0031 53 PHE A CZ  
338 N N   . ASP A 54 ? 0.3729 0.3651 0.4369 0.0180  0.0279  0.0015  54 ASP A N   
339 C CA  . ASP A 54 ? 0.4158 0.4151 0.4837 0.0135  0.0359  0.0015  54 ASP A CA  
340 C C   . ASP A 54 ? 0.4123 0.4210 0.4769 0.0175  0.0358  -0.0015 54 ASP A C   
341 O O   . ASP A 54 ? 0.3632 0.3723 0.4156 0.0195  0.0352  0.0003  54 ASP A O   
342 C CB  . ASP A 54 ? 0.3780 0.3709 0.4355 0.0078  0.0427  0.0068  54 ASP A CB  
343 C CG  . ASP A 54 ? 0.5103 0.5081 0.5716 0.0025  0.0533  0.0063  54 ASP A CG  
344 O OD1 . ASP A 54 ? 0.4442 0.4509 0.5091 0.0047  0.0550  0.0027  54 ASP A OD1 
345 O OD2 . ASP A 54 ? 0.5697 0.5613 0.6300 -0.0039 0.0605  0.0094  54 ASP A OD2 
346 N N   . VAL A 55 ? 0.2922 0.3082 0.3682 0.0182  0.0357  -0.0056 55 VAL A N   
347 C CA  . VAL A 55 ? 0.3578 0.3814 0.4307 0.0220  0.0347  -0.0085 55 VAL A CA  
348 C C   . VAL A 55 ? 0.4107 0.4374 0.4754 0.0197  0.0418  -0.0071 55 VAL A C   
349 O O   . VAL A 55 ? 0.3335 0.3630 0.3886 0.0224  0.0402  -0.0073 55 VAL A O   
350 C CB  . VAL A 55 ? 0.3787 0.4077 0.4654 0.0229  0.0322  -0.0126 55 VAL A CB  
351 C CG1 . VAL A 55 ? 0.3356 0.3715 0.4186 0.0257  0.0325  -0.0150 55 VAL A CG1 
352 C CG2 . VAL A 55 ? 0.3854 0.4095 0.4748 0.0254  0.0235  -0.0146 55 VAL A CG2 
353 N N   . LYS A 56 ? 0.3827 0.4081 0.4507 0.0144  0.0499  -0.0057 56 LYS A N   
354 C CA  . LYS A 56 ? 0.3996 0.4250 0.4570 0.0115  0.0575  -0.0049 56 LYS A CA  
355 C C   . LYS A 56 ? 0.3391 0.3587 0.3771 0.0113  0.0547  -0.0010 56 LYS A C   
356 O O   . LYS A 56 ? 0.3555 0.3767 0.3826 0.0118  0.0546  -0.0011 56 LYS A O   
357 C CB  . LYS A 56 ? 0.4309 0.4536 0.4942 0.0054  0.0682  -0.0041 56 LYS A CB  
358 C CG  . LYS A 56 ? 0.5330 0.5538 0.5850 0.0021  0.0779  -0.0044 56 LYS A CG  
359 C CD  . LYS A 56 ? 0.5225 0.5407 0.5829 -0.0036 0.0904  -0.0041 56 LYS A CD  
360 C CE  . LYS A 56 ? 0.6741 0.6841 0.7149 -0.0086 0.1010  -0.0032 56 LYS A CE  
361 N NZ  . LYS A 56 ? 0.8365 0.8506 0.8763 -0.0067 0.1052  -0.0074 56 LYS A NZ  
362 N N   . VAL A 57 ? 0.3510 0.3634 0.3857 0.0107  0.0513  0.0026  57 VAL A N   
363 C CA  . VAL A 57 ? 0.3906 0.3969 0.4092 0.0107  0.0473  0.0070  57 VAL A CA  
364 C C   . VAL A 57 ? 0.3501 0.3628 0.3688 0.0174  0.0391  0.0058  57 VAL A C   
365 O O   . VAL A 57 ? 0.3954 0.4088 0.4033 0.0176  0.0367  0.0079  57 VAL A O   
366 C CB  . VAL A 57 ? 0.3948 0.3905 0.4103 0.0086  0.0454  0.0117  57 VAL A CB  
367 C CG1 . VAL A 57 ? 0.3735 0.3627 0.3735 0.0092  0.0396  0.0170  57 VAL A CG1 
368 C CG2 . VAL A 57 ? 0.4790 0.4684 0.4939 0.0011  0.0553  0.0132  57 VAL A CG2 
369 N N   . LEU A 58 ? 0.3319 0.3486 0.3621 0.0223  0.0349  0.0023  58 LEU A N   
370 C CA  . LEU A 58 ? 0.3761 0.3986 0.4064 0.0285  0.0293  0.0006  58 LEU A CA  
371 C C   . LEU A 58 ? 0.3554 0.3858 0.3820 0.0281  0.0313  -0.0012 58 LEU A C   
372 O O   . LEU A 58 ? 0.3602 0.3944 0.3815 0.0302  0.0281  0.0002  58 LEU A O   
373 C CB  . LEU A 58 ? 0.3603 0.3839 0.4007 0.0328  0.0259  -0.0037 58 LEU A CB  
374 C CG  . LEU A 58 ? 0.3950 0.4099 0.4378 0.0347  0.0220  -0.0027 58 LEU A CG  
375 C CD1 . LEU A 58 ? 0.3428 0.3568 0.3932 0.0373  0.0191  -0.0076 58 LEU A CD1 
376 C CD2 . LEU A 58 ? 0.3344 0.3470 0.3719 0.0393  0.0178  0.0002  58 LEU A CD2 
377 N N   . LYS A 59 ? 0.3396 0.3726 0.3706 0.0254  0.0366  -0.0040 59 LYS A N   
378 C CA  . LYS A 59 ? 0.3745 0.4134 0.4022 0.0250  0.0388  -0.0061 59 LYS A CA  
379 C C   . LYS A 59 ? 0.4004 0.4363 0.4138 0.0212  0.0403  -0.0027 59 LYS A C   
380 O O   . LYS A 59 ? 0.3824 0.4223 0.3901 0.0217  0.0382  -0.0027 59 LYS A O   
381 C CB  . LYS A 59 ? 0.3629 0.4037 0.3992 0.0232  0.0442  -0.0095 59 LYS A CB  
382 C CG  . LYS A 59 ? 0.3434 0.3875 0.3925 0.0269  0.0402  -0.0128 59 LYS A CG  
383 C CD  . LYS A 59 ? 0.4051 0.4513 0.4658 0.0252  0.0443  -0.0153 59 LYS A CD  
384 C CE  . LYS A 59 ? 0.3978 0.4466 0.4687 0.0286  0.0381  -0.0182 59 LYS A CE  
385 N NZ  . LYS A 59 ? 0.5160 0.5674 0.6021 0.0271  0.0408  -0.0199 59 LYS A NZ  
386 N N   . LYS A 60 ? 0.3577 0.3854 0.3645 0.0167  0.0438  0.0004  60 LYS A N   
387 C CA  . LYS A 60 ? 0.4173 0.4391 0.4071 0.0121  0.0442  0.0041  60 LYS A CA  
388 C C   . LYS A 60 ? 0.3934 0.4163 0.3785 0.0149  0.0348  0.0080  60 LYS A C   
389 O O   . LYS A 60 ? 0.4055 0.4290 0.3808 0.0129  0.0319  0.0098  60 LYS A O   
390 C CB  . LYS A 60 ? 0.3609 0.3715 0.3422 0.0063  0.0502  0.0070  60 LYS A CB  
391 C CG  . LYS A 60 ? 0.5355 0.5370 0.4951 0.0002  0.0515  0.0104  60 LYS A CG  
392 C CD  . LYS A 60 ? 0.6027 0.5923 0.5527 -0.0065 0.0610  0.0120  60 LYS A CD  
393 C CE  . LYS A 60 ? 0.6463 0.6242 0.5703 -0.0133 0.0629  0.0147  60 LYS A CE  
394 N NZ  . LYS A 60 ? 0.7141 0.6782 0.6256 -0.0203 0.0726  0.0170  60 LYS A NZ  
395 N N   . VAL A 61 ? 0.3505 0.3735 0.3439 0.0195  0.0298  0.0094  61 VAL A N   
396 C CA  . VAL A 61 ? 0.4052 0.4309 0.3992 0.0236  0.0215  0.0127  61 VAL A CA  
397 C C   . VAL A 61 ? 0.4277 0.4648 0.4263 0.0267  0.0195  0.0100  61 VAL A C   
398 O O   . VAL A 61 ? 0.3676 0.4080 0.3623 0.0263  0.0146  0.0130  61 VAL A O   
399 C CB  . VAL A 61 ? 0.3949 0.4187 0.3989 0.0292  0.0179  0.0129  61 VAL A CB  
400 C CG1 . VAL A 61 ? 0.3732 0.4020 0.3820 0.0350  0.0108  0.0151  61 VAL A CG1 
401 C CG2 . VAL A 61 ? 0.4210 0.4323 0.4197 0.0257  0.0186  0.0169  61 VAL A CG2 
402 N N   . VAL A 62 ? 0.3683 0.4110 0.3754 0.0293  0.0229  0.0047  62 VAL A N   
403 C CA  . VAL A 62 ? 0.3461 0.3984 0.3569 0.0317  0.0220  0.0020  62 VAL A CA  
404 C C   . VAL A 62 ? 0.3200 0.3734 0.3211 0.0265  0.0232  0.0027  62 VAL A C   
405 O O   . VAL A 62 ? 0.3813 0.4410 0.3822 0.0268  0.0195  0.0040  62 VAL A O   
406 C CB  . VAL A 62 ? 0.3593 0.4144 0.3780 0.0346  0.0250  -0.0034 62 VAL A CB  
407 C CG1 . VAL A 62 ? 0.3457 0.4091 0.3656 0.0360  0.0249  -0.0057 62 VAL A CG1 
408 C CG2 . VAL A 62 ? 0.3444 0.3973 0.3705 0.0396  0.0227  -0.0043 62 VAL A CG2 
409 N N   . ARG A 63 ? 0.3377 0.3846 0.3313 0.0214  0.0288  0.0017  63 ARG A N   
410 C CA  . ARG A 63 ? 0.3898 0.4346 0.3713 0.0159  0.0308  0.0017  63 ARG A CA  
411 C C   . ARG A 63 ? 0.4124 0.4535 0.3823 0.0124  0.0246  0.0071  63 ARG A C   
412 O O   . ARG A 63 ? 0.4729 0.5169 0.4374 0.0101  0.0214  0.0077  63 ARG A O   
413 C CB  . ARG A 63 ? 0.4884 0.5250 0.4637 0.0114  0.0395  -0.0005 63 ARG A CB  
414 C CG  . ARG A 63 ? 0.5928 0.6332 0.5800 0.0137  0.0451  -0.0056 63 ARG A CG  
415 C CD  . ARG A 63 ? 0.6598 0.6934 0.6413 0.0091  0.0545  -0.0079 63 ARG A CD  
416 N NE  . ARG A 63 ? 0.6728 0.6970 0.6464 0.0049  0.0592  -0.0054 63 ARG A NE  
417 C CZ  . ARG A 63 ? 0.6400 0.6633 0.6241 0.0056  0.0628  -0.0055 63 ARG A CZ  
418 N NH1 . ARG A 63 ? 0.5024 0.5329 0.5046 0.0102  0.0613  -0.0079 63 ARG A NH1 
419 N NH2 . ARG A 63 ? 0.6146 0.6284 0.5898 0.0009  0.0678  -0.0027 63 ARG A NH2 
420 N N   . ILE A 64 ? 0.4024 0.4363 0.3681 0.0117  0.0224  0.0112  64 ILE A N   
421 C CA  . ILE A 64 ? 0.4864 0.5153 0.4407 0.0085  0.0147  0.0173  64 ILE A CA  
422 C C   . ILE A 64 ? 0.4721 0.5122 0.4375 0.0129  0.0059  0.0194  64 ILE A C   
423 O O   . ILE A 64 ? 0.4320 0.4734 0.3909 0.0094  -0.0001 0.0223  64 ILE A O   
424 C CB  . ILE A 64 ? 0.4138 0.4323 0.3631 0.0077  0.0133  0.0218  64 ILE A CB  
425 C CG1 . ILE A 64 ? 0.4456 0.4516 0.3805 0.0012  0.0225  0.0208  64 ILE A CG1 
426 C CG2 . ILE A 64 ? 0.4631 0.4780 0.4052 0.0065  0.0021  0.0290  64 ILE A CG2 
427 C CD1 . ILE A 64 ? 0.4686 0.4640 0.3994 -0.0001 0.0230  0.0249  64 ILE A CD1 
428 N N   . ARG A 65 ? 0.4215 0.4696 0.4037 0.0203  0.0054  0.0180  65 ARG A N   
429 C CA  . ARG A 65 ? 0.4211 0.4806 0.4159 0.0249  -0.0008 0.0195  65 ARG A CA  
430 C C   . ARG A 65 ? 0.4189 0.4873 0.4152 0.0230  0.0005  0.0166  65 ARG A C   
431 O O   . ARG A 65 ? 0.3996 0.4756 0.4005 0.0225  -0.0056 0.0196  65 ARG A O   
432 C CB  . ARG A 65 ? 0.3587 0.4228 0.3691 0.0332  0.0005  0.0174  65 ARG A CB  
433 C CG  . ARG A 65 ? 0.4032 0.4592 0.4142 0.0356  -0.0037 0.0217  65 ARG A CG  
434 C CD  . ARG A 65 ? 0.3618 0.4180 0.3843 0.0426  -0.0008 0.0183  65 ARG A CD  
435 N NE  . ARG A 65 ? 0.3319 0.3994 0.3680 0.0488  -0.0007 0.0158  65 ARG A NE  
436 C CZ  . ARG A 65 ? 0.4727 0.5450 0.5201 0.0543  -0.0054 0.0189  65 ARG A CZ  
437 N NH1 . ARG A 65 ? 0.4226 0.4888 0.4692 0.0544  -0.0122 0.0250  65 ARG A NH1 
438 N NH2 . ARG A 65 ? 0.4052 0.4878 0.4651 0.0596  -0.0029 0.0160  65 ARG A NH2 
439 N N   . LYS A 66 ? 0.3669 0.4344 0.3602 0.0217  0.0080  0.0113  66 LYS A N   
440 C CA  . LYS A 66 ? 0.4172 0.4907 0.4101 0.0194  0.0095  0.0087  66 LYS A CA  
441 C C   . LYS A 66 ? 0.4174 0.4862 0.3962 0.0118  0.0056  0.0115  66 LYS A C   
442 O O   . LYS A 66 ? 0.4774 0.5530 0.4585 0.0098  0.0015  0.0125  66 LYS A O   
443 C CB  . LYS A 66 ? 0.4140 0.4853 0.4062 0.0195  0.0175  0.0030  66 LYS A CB  
444 C CG  . LYS A 66 ? 0.5066 0.5835 0.4997 0.0183  0.0189  0.0002  66 LYS A CG  
445 C CD  . LYS A 66 ? 0.6621 0.7371 0.6574 0.0200  0.0253  -0.0048 66 LYS A CD  
446 C CE  . LYS A 66 ? 0.7847 0.8505 0.7700 0.0153  0.0304  -0.0068 66 LYS A CE  
447 N NZ  . LYS A 66 ? 0.9045 0.9702 0.8927 0.0161  0.0347  -0.0111 66 LYS A NZ  
448 N N   . GLN A 67 ? 0.4266 0.4827 0.3898 0.0070  0.0073  0.0126  67 GLN A N   
449 C CA  . GLN A 67 ? 0.4552 0.5026 0.4002 -0.0010 0.0036  0.0151  67 GLN A CA  
450 C C   . GLN A 67 ? 0.4884 0.5395 0.4352 -0.0019 -0.0086 0.0216  67 GLN A C   
451 O O   . GLN A 67 ? 0.4901 0.5416 0.4301 -0.0073 -0.0144 0.0234  67 GLN A O   
452 C CB  . GLN A 67 ? 0.5451 0.5766 0.4720 -0.0056 0.0089  0.0152  67 GLN A CB  
453 C CG  . GLN A 67 ? 0.6973 0.7247 0.6222 -0.0061 0.0209  0.0089  67 GLN A CG  
454 C CD  . GLN A 67 ? 0.9077 0.9211 0.8190 -0.0099 0.0282  0.0088  67 GLN A CD  
455 O OE1 . GLN A 67 ? 1.0111 1.0164 0.9125 -0.0124 0.0242  0.0138  67 GLN A OE1 
456 N NE2 . GLN A 67 ? 0.9000 0.9101 0.8115 -0.0105 0.0391  0.0036  67 GLN A NE2 
457 N N   . ASP A 68 ? 0.5010 0.5545 0.4578 0.0033  -0.0129 0.0254  68 ASP A N   
458 C CA  . ASP A 68 ? 0.4788 0.5375 0.4429 0.0040  -0.0249 0.0321  68 ASP A CA  
459 C C   . ASP A 68 ? 0.5592 0.6345 0.5412 0.0064  -0.0281 0.0315  68 ASP A C   
460 O O   . ASP A 68 ? 0.4542 0.5330 0.4361 0.0021  -0.0373 0.0357  68 ASP A O   
461 C CB  . ASP A 68 ? 0.4814 0.5400 0.4562 0.0107  -0.0276 0.0354  68 ASP A CB  
462 C CG  . ASP A 68 ? 0.7453 0.7863 0.7016 0.0070  -0.0268 0.0380  68 ASP A CG  
463 O OD1 . ASP A 68 ? 0.8419 0.8709 0.7759 -0.0013 -0.0264 0.0387  68 ASP A OD1 
464 O OD2 . ASP A 68 ? 0.7542 0.7927 0.7174 0.0121  -0.0262 0.0393  68 ASP A OD2 
465 N N   . ARG A 69 ? 0.4383 0.5234 0.4352 0.0126  -0.0205 0.0267  69 ARG A N   
466 C CA  . ARG A 69 ? 0.5035 0.6039 0.5166 0.0144  -0.0214 0.0259  69 ARG A CA  
467 C C   . ARG A 69 ? 0.4435 0.5429 0.4459 0.0062  -0.0223 0.0248  69 ARG A C   
468 O O   . ARG A 69 ? 0.4584 0.5672 0.4693 0.0036  -0.0289 0.0277  69 ARG A O   
469 C CB  . ARG A 69 ? 0.4761 0.5836 0.5018 0.0214  -0.0122 0.0205  69 ARG A CB  
470 C CG  . ARG A 69 ? 0.5972 0.7087 0.6382 0.0300  -0.0124 0.0216  69 ARG A CG  
471 C CD  . ARG A 69 ? 0.5782 0.6964 0.6298 0.0361  -0.0040 0.0162  69 ARG A CD  
472 N NE  . ARG A 69 ? 0.5806 0.6906 0.6207 0.0349  0.0030  0.0109  69 ARG A NE  
473 C CZ  . ARG A 69 ? 0.4386 0.5396 0.4744 0.0374  0.0058  0.0090  69 ARG A CZ  
474 N NH1 . ARG A 69 ? 0.4892 0.5871 0.5296 0.0413  0.0024  0.0119  69 ARG A NH1 
475 N NH2 . ARG A 69 ? 0.5041 0.5992 0.5324 0.0360  0.0113  0.0046  69 ARG A NH2 
476 N N   . ALA A 70 ? 0.4224 0.5106 0.4075 0.0022  -0.0155 0.0205  70 ALA A N   
477 C CA  . ALA A 70 ? 0.4805 0.5647 0.4530 -0.0056 -0.0156 0.0187  70 ALA A CA  
478 C C   . ALA A 70 ? 0.5126 0.5909 0.4730 -0.0132 -0.0267 0.0241  70 ALA A C   
479 O O   . ALA A 70 ? 0.5156 0.5982 0.4765 -0.0186 -0.0321 0.0253  70 ALA A O   
480 C CB  . ALA A 70 ? 0.4865 0.5583 0.4435 -0.0077 -0.0060 0.0133  70 ALA A CB  
481 N N   . LYS A 71 ? 0.4609 0.5284 0.4097 -0.0144 -0.0304 0.0276  71 LYS A N   
482 C CA  . LYS A 71 ? 0.4964 0.5557 0.4309 -0.0218 -0.0422 0.0333  71 LYS A CA  
483 C C   . LYS A 71 ? 0.4838 0.5587 0.4394 -0.0204 -0.0543 0.0391  71 LYS A C   
484 O O   . LYS A 71 ? 0.5190 0.5933 0.4691 -0.0278 -0.0639 0.0420  71 LYS A O   
485 C CB  . LYS A 71 ? 0.5599 0.6047 0.4795 -0.0223 -0.0440 0.0369  71 LYS A CB  
486 C CG  . LYS A 71 ? 0.7568 0.7876 0.6536 -0.0318 -0.0557 0.0425  71 LYS A CG  
487 C CD  . LYS A 71 ? 0.9308 0.9503 0.8048 -0.0409 -0.0528 0.0382  71 LYS A CD  
488 C CE  . LYS A 71 ? 1.0218 1.0274 0.8723 -0.0512 -0.0663 0.0436  71 LYS A CE  
489 N NZ  . LYS A 71 ? 0.9720 0.9704 0.8061 -0.0597 -0.0658 0.0395  71 LYS A NZ  
490 N N   . ARG A 72 ? 0.4305 0.5190 0.4109 -0.0112 -0.0536 0.0404  72 ARG A N   
491 C CA  . ARG A 72 ? 0.4053 0.5101 0.4101 -0.0086 -0.0635 0.0457  72 ARG A CA  
492 C C   . ARG A 72 ? 0.4896 0.6072 0.5055 -0.0118 -0.0625 0.0436  72 ARG A C   
493 O O   . ARG A 72 ? 0.3801 0.5060 0.4060 -0.0160 -0.0735 0.0485  72 ARG A O   
494 C CB  . ARG A 72 ? 0.4233 0.5390 0.4522 0.0026  -0.0604 0.0464  72 ARG A CB  
495 C CG  . ARG A 72 ? 0.6934 0.7985 0.7165 0.0051  -0.0665 0.0513  72 ARG A CG  
496 C CD  . ARG A 72 ? 0.8618 0.9776 0.9110 0.0162  -0.0663 0.0530  72 ARG A CD  
497 N NE  . ARG A 72 ? 1.0176 1.1339 1.0706 0.0231  -0.0526 0.0462  72 ARG A NE  
498 C CZ  . ARG A 72 ? 1.0527 1.1558 1.0921 0.0244  -0.0471 0.0440  72 ARG A CZ  
499 N NH1 . ARG A 72 ? 1.0804 1.1679 1.1000 0.0193  -0.0525 0.0480  72 ARG A NH1 
500 N NH2 . ARG A 72 ? 1.0609 1.1651 1.1053 0.0302  -0.0362 0.0380  72 ARG A NH2 
501 N N   . GLN A 73 ? 0.3957 0.5143 0.4101 -0.0103 -0.0500 0.0367  73 GLN A N   
502 C CA  . GLN A 73 ? 0.4721 0.6003 0.4938 -0.0140 -0.0482 0.0347  73 GLN A CA  
503 C C   . GLN A 73 ? 0.4561 0.5744 0.4585 -0.0255 -0.0556 0.0358  73 GLN A C   
504 O O   . GLN A 73 ? 0.4887 0.6164 0.5012 -0.0304 -0.0622 0.0382  73 GLN A O   
505 C CB  . GLN A 73 ? 0.5502 0.6779 0.5703 -0.0105 -0.0343 0.0274  73 GLN A CB  
506 C CG  . GLN A 73 ? 0.8208 0.9573 0.8582 -0.0001 -0.0268 0.0256  73 GLN A CG  
507 C CD  . GLN A 73 ? 0.9738 1.1083 1.0076 0.0023  -0.0150 0.0191  73 GLN A CD  
508 O OE1 . GLN A 73 ? 1.0237 1.1498 1.0499 0.0063  -0.0089 0.0157  73 GLN A OE1 
509 N NE2 . GLN A 73 ? 0.9271 1.0686 0.9661 -0.0005 -0.0123 0.0177  73 GLN A NE2 
510 N N   . GLU A 74 ? 0.4431 0.5417 0.4176 -0.0300 -0.0542 0.0338  74 GLU A N   
511 C CA  . GLU A 74 ? 0.4932 0.5794 0.4458 -0.0411 -0.0607 0.0342  74 GLU A CA  
512 C C   . GLU A 74 ? 0.4498 0.5366 0.4031 -0.0463 -0.0778 0.0421  74 GLU A C   
513 O O   . GLU A 74 ? 0.4914 0.5762 0.4384 -0.0553 -0.0868 0.0439  74 GLU A O   
514 C CB  . GLU A 74 ? 0.6688 0.7327 0.5905 -0.0447 -0.0531 0.0294  74 GLU A CB  
515 C CG  . GLU A 74 ? 1.0391 1.1013 0.9598 -0.0413 -0.0380 0.0216  74 GLU A CG  
516 C CD  . GLU A 74 ? 1.2542 1.3272 1.1872 -0.0426 -0.0363 0.0193  74 GLU A CD  
517 O OE1 . GLU A 74 ? 1.3358 1.4136 1.2722 -0.0491 -0.0457 0.0225  74 GLU A OE1 
518 O OE2 . GLU A 74 ? 1.2892 1.3655 1.2291 -0.0374 -0.0256 0.0145  74 GLU A OE2 
519 N N   . GLU A 75 ? 0.4303 0.5199 0.3926 -0.0408 -0.0831 0.0471  75 GLU A N   
520 C CA  . GLU A 75 ? 0.5025 0.5941 0.4694 -0.0446 -0.1009 0.0556  75 GLU A CA  
521 C C   . GLU A 75 ? 0.4252 0.5401 0.4253 -0.0435 -0.1078 0.0591  75 GLU A C   
522 O O   . GLU A 75 ? 0.4431 0.5602 0.4459 -0.0506 -0.1231 0.0649  75 GLU A O   
523 C CB  . GLU A 75 ? 0.5064 0.5946 0.4759 -0.0380 -0.1042 0.0602  75 GLU A CB  
524 C CG  . GLU A 75 ? 0.5572 0.6206 0.4917 -0.0420 -0.1008 0.0589  75 GLU A CG  
525 C CD  . GLU A 75 ? 0.6757 0.7352 0.6131 -0.0353 -0.1023 0.0631  75 GLU A CD  
526 O OE1 . GLU A 75 ? 0.7258 0.8016 0.6927 -0.0256 -0.1019 0.0647  75 GLU A OE1 
527 O OE2 . GLU A 75 ? 0.8148 0.8536 0.7241 -0.0399 -0.1031 0.0645  75 GLU A OE2 
528 N N   . ASP A 76 ? 0.4476 0.5794 0.4727 -0.0352 -0.0965 0.0556  76 ASP A N   
529 C CA  . ASP A 76 ? 0.5137 0.6680 0.5703 -0.0346 -0.0995 0.0579  76 ASP A CA  
530 C C   . ASP A 76 ? 0.4606 0.6130 0.5078 -0.0453 -0.1013 0.0559  76 ASP A C   
531 O O   . ASP A 76 ? 0.4357 0.5996 0.4993 -0.0509 -0.1124 0.0607  76 ASP A O   
532 C CB  . ASP A 76 ? 0.6309 0.8002 0.7110 -0.0236 -0.0850 0.0539  76 ASP A CB  
533 C CG  . ASP A 76 ? 0.7857 0.9575 0.8779 -0.0130 -0.0837 0.0558  76 ASP A CG  
534 O OD1 . ASP A 76 ? 0.8426 1.0118 0.9366 -0.0132 -0.0967 0.0624  76 ASP A OD1 
535 O OD2 . ASP A 76 ? 0.8468 1.0214 0.9450 -0.0046 -0.0706 0.0508  76 ASP A OD2 
536 N N   . ALA A 77 ? 0.4366 0.5741 0.4586 -0.0483 -0.0909 0.0490  77 ALA A N   
537 C CA  . ALA A 77 ? 0.4769 0.6086 0.4860 -0.0587 -0.0922 0.0466  77 ALA A CA  
538 C C   . ALA A 77 ? 0.4555 0.5750 0.4466 -0.0699 -0.1091 0.0513  77 ALA A C   
539 O O   . ALA A 77 ? 0.5426 0.6684 0.5416 -0.0780 -0.1189 0.0543  77 ALA A O   
540 C CB  . ALA A 77 ? 0.4653 0.5809 0.4500 -0.0589 -0.0782 0.0383  77 ALA A CB  
541 N N   . ILE A 78 ? 0.4023 0.5037 0.3687 -0.0708 -0.1129 0.0525  78 ILE A N   
542 C CA  . ILE A 78 ? 0.4234 0.5089 0.3667 -0.0817 -0.1291 0.0570  78 ILE A CA  
543 C C   . ILE A 78 ? 0.5218 0.6240 0.4918 -0.0833 -0.1476 0.0664  78 ILE A C   
544 O O   . ILE A 78 ? 0.4622 0.5604 0.4255 -0.0941 -0.1622 0.0700  78 ILE A O   
545 C CB  . ILE A 78 ? 0.5365 0.5997 0.4494 -0.0814 -0.1282 0.0570  78 ILE A CB  
546 C CG1 . ILE A 78 ? 0.5566 0.6029 0.4437 -0.0813 -0.1106 0.0480  78 ILE A CG1 
547 C CG2 . ILE A 78 ? 0.4765 0.5224 0.3643 -0.0927 -0.1463 0.0628  78 ILE A CG2 
548 C CD1 . ILE A 78 ? 0.5640 0.5865 0.4185 -0.0830 -0.1084 0.0475  78 ILE A CD1 
549 N N   . LEU A 79 ? 0.5030 0.6236 0.5042 -0.0725 -0.1469 0.0701  79 LEU A N   
550 C CA  . LEU A 79 ? 0.4167 0.5563 0.4502 -0.0720 -0.1628 0.0788  79 LEU A CA  
551 C C   . LEU A 79 ? 0.4375 0.5942 0.4934 -0.0779 -0.1655 0.0790  79 LEU A C   
552 O O   . LEU A 79 ? 0.4233 0.5843 0.4870 -0.0863 -0.1832 0.0855  79 LEU A O   
553 C CB  . LEU A 79 ? 0.4120 0.5692 0.4777 -0.0579 -0.1575 0.0810  79 LEU A CB  
554 C CG  . LEU A 79 ? 0.4104 0.5905 0.5166 -0.0551 -0.1713 0.0896  79 LEU A CG  
555 C CD1 . LEU A 79 ? 0.4744 0.6436 0.5698 -0.0621 -0.1942 0.0985  79 LEU A CD1 
556 C CD2 . LEU A 79 ? 0.5141 0.7102 0.6513 -0.0402 -0.1620 0.0898  79 LEU A CD2 
557 N N   . ASP A 80 ? 0.4885 0.6544 0.5539 -0.0742 -0.1485 0.0725  80 ASP A N   
558 C CA  . ASP A 80 ? 0.6338 0.8147 0.7188 -0.0806 -0.1496 0.0727  80 ASP A CA  
559 C C   . ASP A 80 ? 0.5394 0.7025 0.5956 -0.0956 -0.1599 0.0721  80 ASP A C   
560 O O   . ASP A 80 ? 0.4982 0.6712 0.5696 -0.1041 -0.1722 0.0766  80 ASP A O   
561 C CB  . ASP A 80 ? 0.6590 0.8491 0.7542 -0.0744 -0.1290 0.0656  80 ASP A CB  
562 C CG  . ASP A 80 ? 0.8334 1.0444 0.9626 -0.0611 -0.1200 0.0667  80 ASP A CG  
563 O OD1 . ASP A 80 ? 0.9082 1.1352 1.0663 -0.0583 -0.1303 0.0736  80 ASP A OD1 
564 O OD2 . ASP A 80 ? 0.9217 1.1323 1.0487 -0.0535 -0.1031 0.0605  80 ASP A OD2 
565 N N   . LEU A 81 ? 0.4747 0.6111 0.4897 -0.0990 -0.1548 0.0665  81 LEU A N   
566 C CA  . LEU A 81 ? 0.5163 0.6314 0.4988 -0.1131 -0.1642 0.0654  81 LEU A CA  
567 C C   . LEU A 81 ? 0.5704 0.6817 0.5501 -0.1217 -0.1884 0.0741  81 LEU A C   
568 O O   . LEU A 81 ? 0.5408 0.6525 0.5214 -0.1332 -0.2012 0.0767  81 LEU A O   
569 C CB  . LEU A 81 ? 0.5865 0.6731 0.5262 -0.1136 -0.1533 0.0581  81 LEU A CB  
570 C CG  . LEU A 81 ? 0.7520 0.8114 0.6518 -0.1274 -0.1598 0.0552  81 LEU A CG  
571 C CD1 . LEU A 81 ? 0.7159 0.7782 0.6200 -0.1343 -0.1564 0.0512  81 LEU A CD1 
572 C CD2 . LEU A 81 ? 0.7692 0.8019 0.6304 -0.1259 -0.1476 0.0487  81 LEU A CD2 
573 N N   . TYR A 82 ? 0.5125 0.6196 0.4887 -0.1168 -0.1953 0.0790  82 TYR A N   
574 C CA  . TYR A 82 ? 0.4963 0.5976 0.4677 -0.1247 -0.2195 0.0880  82 TYR A CA  
575 C C   . TYR A 82 ? 0.4645 0.5944 0.4819 -0.1257 -0.2335 0.0958  82 TYR A C   
576 O O   . TYR A 82 ? 0.4863 0.6131 0.5010 -0.1377 -0.2532 0.1010  82 TYR A O   
577 C CB  . TYR A 82 ? 0.4960 0.5883 0.4581 -0.1178 -0.2236 0.0923  82 TYR A CB  
578 C CG  . TYR A 82 ? 0.4969 0.5587 0.4117 -0.1190 -0.2136 0.0867  82 TYR A CG  
579 C CD1 . TYR A 82 ? 0.6238 0.6664 0.5059 -0.1256 -0.2020 0.0779  82 TYR A CD1 
580 C CD2 . TYR A 82 ? 0.5044 0.5562 0.4081 -0.1134 -0.2153 0.0903  82 TYR A CD2 
581 C CE1 . TYR A 82 ? 0.5710 0.5869 0.4129 -0.1262 -0.1912 0.0726  82 TYR A CE1 
582 C CE2 . TYR A 82 ? 0.5200 0.5447 0.3823 -0.1149 -0.2049 0.0854  82 TYR A CE2 
583 C CZ  . TYR A 82 ? 0.6586 0.6660 0.4908 -0.1212 -0.1924 0.0764  82 TYR A CZ  
584 O OH  . TYR A 82 ? 0.5882 0.5697 0.3819 -0.1223 -0.1807 0.0713  82 TYR A OH  
585 N N   . LEU A 83 ? 0.4720 0.6293 0.5317 -0.1133 -0.2237 0.0966  83 LEU A N   
586 C CA  . LEU A 83 ? 0.5050 0.6921 0.6135 -0.1126 -0.2339 0.1037  83 LEU A CA  
587 C C   . LEU A 83 ? 0.4728 0.6661 0.5873 -0.1241 -0.2357 0.1020  83 LEU A C   
588 O O   . LEU A 83 ? 0.5468 0.7505 0.6808 -0.1327 -0.2544 0.1090  83 LEU A O   
589 C CB  . LEU A 83 ? 0.5179 0.7306 0.6667 -0.0969 -0.2182 0.1028  83 LEU A CB  
590 C CG  . LEU A 83 ? 0.4519 0.6654 0.6090 -0.0853 -0.2209 0.1071  83 LEU A CG  
591 C CD1 . LEU A 83 ? 0.4223 0.6574 0.6140 -0.0702 -0.2025 0.1042  83 LEU A CD1 
592 C CD2 . LEU A 83 ? 0.4375 0.6572 0.6131 -0.0887 -0.2466 0.1184  83 LEU A CD2 
593 N N   . SER A 84 ? 0.5000 0.6862 0.5979 -0.1244 -0.2170 0.0929  84 SER A N   
594 C CA  . SER A 84 ? 0.5613 0.7486 0.6587 -0.1355 -0.2165 0.0902  84 SER A CA  
595 C C   . SER A 84 ? 0.6032 0.7695 0.6711 -0.1517 -0.2373 0.0930  84 SER A C   
596 O O   . SER A 84 ? 0.6223 0.7991 0.7085 -0.1618 -0.2512 0.0977  84 SER A O   
597 C CB  . SER A 84 ? 0.5251 0.7006 0.6001 -0.1328 -0.1939 0.0799  84 SER A CB  
598 O OG  . SER A 84 ? 0.8000 0.9726 0.8702 -0.1441 -0.1941 0.0773  84 SER A OG  
599 N N   . ALA A 85 ? 0.4992 0.6351 0.5210 -0.1543 -0.2392 0.0900  85 ALA A N   
600 C CA  . ALA A 85 ? 0.5137 0.6240 0.4989 -0.1698 -0.2573 0.0915  85 ALA A CA  
601 C C   . ALA A 85 ? 0.6812 0.8010 0.6861 -0.1760 -0.2847 0.1028  85 ALA A C   
602 O O   . ALA A 85 ? 0.7230 0.8304 0.7159 -0.1877 -0.2974 0.1045  85 ALA A O   
603 C CB  . ALA A 85 ? 0.6070 0.6835 0.5404 -0.1698 -0.2518 0.0864  85 ALA A CB  
604 N N   . ILE A 86 ? 0.7015 0.8397 0.7369 -0.1649 -0.2884 0.1095  86 ILE A N   
605 C CA  . ILE A 86 ? 0.7698 0.9119 0.8237 -0.1651 -0.3066 0.1185  86 ILE A CA  
606 C C   . ILE A 86 ? 0.8048 0.9741 0.9063 -0.1668 -0.3117 0.1227  86 ILE A C   
607 O O   . ILE A 86 ? 0.8235 0.9863 0.9253 -0.1747 -0.3271 0.1274  86 ILE A O   
608 C CB  . ILE A 86 ? 0.7089 0.8597 0.7801 -0.1516 -0.3077 0.1238  86 ILE A CB  
609 C CG1 . ILE A 86 ? 0.7563 0.8744 0.7764 -0.1524 -0.3080 0.1220  86 ILE A CG1 
610 C CG2 . ILE A 86 ? 0.8245 0.9866 0.9278 -0.1494 -0.3237 0.1329  86 ILE A CG2 
611 C CD1 . ILE A 86 ? 0.8728 0.9969 0.9059 -0.1395 -0.3078 0.1266  86 ILE A CD1 
612 N N   . GLY A 87 ? 0.7857 0.9850 0.9267 -0.1599 -0.2980 0.1210  87 GLY A N   
613 C CA  . GLY A 87 ? 0.8305 1.0581 1.0203 -0.1600 -0.2991 0.1247  87 GLY A CA  
614 C C   . GLY A 87 ? 0.8836 1.1019 1.0630 -0.1751 -0.3075 0.1241  87 GLY A C   
615 O O   . GLY A 87 ? 0.9799 1.1732 1.1164 -0.1851 -0.3065 0.1185  87 GLY A O   
# 
loop_
_pdbx_poly_seq_scheme.asym_id 
_pdbx_poly_seq_scheme.entity_id 
_pdbx_poly_seq_scheme.seq_id 
_pdbx_poly_seq_scheme.mon_id 
_pdbx_poly_seq_scheme.ndb_seq_num 
_pdbx_poly_seq_scheme.pdb_seq_num 
_pdbx_poly_seq_scheme.auth_seq_num 
_pdbx_poly_seq_scheme.pdb_mon_id 
_pdbx_poly_seq_scheme.auth_mon_id 
_pdbx_poly_seq_scheme.pdb_strand_id 
_pdbx_poly_seq_scheme.pdb_ins_code 
_pdbx_poly_seq_scheme.hetero 
A 1 1  MET 1  1  ?  ?   ?   A . n 
A 1 2  ALA 2  2  ?  ?   ?   A . n 
A 1 3  ASP 3  3  ?  ?   ?   A . n 
A 1 4  ASP 4  4  ?  ?   ?   A . n 
A 1 5  ALA 5  5  ?  ?   ?   A . n 
A 1 6  ILE 6  6  ?  ?   ?   A . n 
A 1 7  PRO 7  7  ?  ?   ?   A . n 
A 1 8  HIS 8  8  ?  ?   ?   A . n 
A 1 9  THR 9  9  ?  ?   ?   A . n 
A 1 10 ASP 10 10 ?  ?   ?   A . n 
A 1 11 VAL 11 11 11 VAL ALA A . n 
A 1 12 LEU 12 12 12 LEU LEU A . n 
A 1 13 ASN 13 13 13 ASN ASN A . n 
A 1 14 SER 14 14 14 SER SER A . n 
A 1 15 THR 15 15 15 THR THR A . n 
A 1 16 ALA 16 16 16 ALA ALA A . n 
A 1 17 GLN 17 17 17 GLN GLN A . n 
A 1 18 GLY 18 18 18 GLY GLY A . n 
A 1 19 GLN 19 19 19 GLN GLN A . n 
A 1 20 LEU 20 20 20 LEU LEU A . n 
A 1 21 LYS 21 21 21 LYS LYS A . n 
A 1 22 SER 22 22 22 SER SER A . n 
A 1 23 ILE 23 23 23 ILE ILE A . n 
A 1 24 ILE 24 24 24 ILE ILE A . n 
A 1 25 GLU 25 25 25 GLU GLU A . n 
A 1 26 ARG 26 26 26 ARG ARG A . n 
A 1 27 VAL 27 27 27 VAL VAL A . n 
A 1 28 GLU 28 28 28 GLU GLU A . n 
A 1 29 ARG 29 29 29 ARG ARG A . n 
A 1 30 LEU 30 30 30 LEU LEU A . n 
A 1 31 GLU 31 31 31 GLU GLU A . n 
A 1 32 VAL 32 32 32 VAL VAL A . n 
A 1 33 GLU 33 33 33 GLU GLU A . n 
A 1 34 LYS 34 34 34 LYS LYS A . n 
A 1 35 ALA 35 35 35 ALA ALA A . n 
A 1 36 GLU 36 36 36 GLU GLU A . n 
A 1 37 ILE 37 37 37 ILE ILE A . n 
A 1 38 MET 38 38 38 MET MET A . n 
A 1 39 GLU 39 39 39 GLU GLU A . n 
A 1 40 GLN 40 40 40 GLN GLN A . n 
A 1 41 ILE 41 41 41 ILE ILE A . n 
A 1 42 LYS 42 42 42 LYS LYS A . n 
A 1 43 GLU 43 43 43 GLU GLU A . n 
A 1 44 VAL 44 44 44 VAL VAL A . n 
A 1 45 TYR 45 45 45 TYR TYR A . n 
A 1 46 ALA 46 46 46 ALA ALA A . n 
A 1 47 GLU 47 47 47 GLU GLU A . n 
A 1 48 ALA 48 48 48 ALA ALA A . n 
A 1 49 LYS 49 49 49 LYS LYS A . n 
A 1 50 GLY 50 50 50 GLY GLY A . n 
A 1 51 ASN 51 51 51 ASN ASN A . n 
A 1 52 GLY 52 52 52 GLY GLY A . n 
A 1 53 PHE 53 53 53 PHE PHE A . n 
A 1 54 ASP 54 54 54 ASP ASP A . n 
A 1 55 VAL 55 55 55 VAL VAL A . n 
A 1 56 LYS 56 56 56 LYS LYS A . n 
A 1 57 VAL 57 57 57 VAL VAL A . n 
A 1 58 LEU 58 58 58 LEU LEU A . n 
A 1 59 LYS 59 59 59 LYS LYS A . n 
A 1 60 LYS 60 60 60 LYS LYS A . n 
A 1 61 VAL 61 61 61 VAL VAL A . n 
A 1 62 VAL 62 62 62 VAL VAL A . n 
A 1 63 ARG 63 63 63 ARG ARG A . n 
A 1 64 ILE 64 64 64 ILE ILE A . n 
A 1 65 ARG 65 65 65 ARG ARG A . n 
A 1 66 LYS 66 66 66 LYS LYS A . n 
A 1 67 GLN 67 67 67 GLN GLN A . n 
A 1 68 ASP 68 68 68 ASP ASP A . n 
A 1 69 ARG 69 69 69 ARG ARG A . n 
A 1 70 ALA 70 70 70 ALA ALA A . n 
A 1 71 LYS 71 71 71 LYS LYS A . n 
A 1 72 ARG 72 72 72 ARG ARG A . n 
A 1 73 GLN 73 73 73 GLN GLN A . n 
A 1 74 GLU 74 74 74 GLU GLU A . n 
A 1 75 GLU 75 75 75 GLU GLU A . n 
A 1 76 ASP 76 76 76 ASP ASP A . n 
A 1 77 ALA 77 77 77 ALA ALA A . n 
A 1 78 ILE 78 78 78 ILE ILE A . n 
A 1 79 LEU 79 79 79 LEU LEU A . n 
A 1 80 ASP 80 80 80 ASP ASP A . n 
A 1 81 LEU 81 81 81 LEU LEU A . n 
A 1 82 TYR 82 82 82 TYR TYR A . n 
A 1 83 LEU 83 83 83 LEU LEU A . n 
A 1 84 SER 84 84 84 SER SER A . n 
A 1 85 ALA 85 85 85 ALA ALA A . n 
A 1 86 ILE 86 86 86 ILE ILE A . n 
A 1 87 GLY 87 87 87 GLY GLY A . n 
A 1 88 GLU 88 88 ?  ?   ?   A . n 
A 1 89 ILE 89 89 ?  ?   ?   A . n 
A 1 90 LEU 90 90 ?  ?   ?   A . n 
A 1 91 GLU 91 91 ?  ?   ?   A . n 
A 1 92 HIS 92 92 ?  ?   ?   A . n 
A 1 93 HIS 93 93 ?  ?   ?   A . n 
A 1 94 HIS 94 94 ?  ?   ?   A . n 
A 1 95 HIS 95 95 ?  ?   ?   A . n 
A 1 96 HIS 96 96 ?  ?   ?   A . n 
A 1 97 HIS 97 97 ?  ?   ?   A . n 
# 
loop_
_pdbx_nonpoly_scheme.asym_id 
_pdbx_nonpoly_scheme.entity_id 
_pdbx_nonpoly_scheme.mon_id 
_pdbx_nonpoly_scheme.ndb_seq_num 
_pdbx_nonpoly_scheme.pdb_seq_num 
_pdbx_nonpoly_scheme.auth_seq_num 
_pdbx_nonpoly_scheme.pdb_mon_id 
_pdbx_nonpoly_scheme.auth_mon_id 
_pdbx_nonpoly_scheme.pdb_strand_id 
_pdbx_nonpoly_scheme.pdb_ins_code 
B 2 HOH 1  101 77 HOH HOH A . 
B 2 HOH 2  102 19 HOH HOH A . 
B 2 HOH 3  103 40 HOH HOH A . 
B 2 HOH 4  104 3  HOH HOH A . 
B 2 HOH 5  105 23 HOH HOH A . 
B 2 HOH 6  106 83 HOH HOH A . 
B 2 HOH 7  107 1  HOH HOH A . 
B 2 HOH 8  108 33 HOH HOH A . 
B 2 HOH 9  109 36 HOH HOH A . 
B 2 HOH 10 110 9  HOH HOH A . 
B 2 HOH 11 111 2  HOH HOH A . 
B 2 HOH 12 112 13 HOH HOH A . 
B 2 HOH 13 113 81 HOH HOH A . 
B 2 HOH 14 114 14 HOH HOH A . 
B 2 HOH 15 115 32 HOH HOH A . 
B 2 HOH 16 116 37 HOH HOH A . 
B 2 HOH 17 117 20 HOH HOH A . 
B 2 HOH 18 118 4  HOH HOH A . 
B 2 HOH 19 119 25 HOH HOH A . 
B 2 HOH 20 120 10 HOH HOH A . 
B 2 HOH 21 121 18 HOH HOH A . 
B 2 HOH 22 122 6  HOH HOH A . 
B 2 HOH 23 123 5  HOH HOH A . 
B 2 HOH 24 124 11 HOH HOH A . 
B 2 HOH 25 125 65 HOH HOH A . 
B 2 HOH 26 126 43 HOH HOH A . 
B 2 HOH 27 127 7  HOH HOH A . 
B 2 HOH 28 128 54 HOH HOH A . 
B 2 HOH 29 129 73 HOH HOH A . 
B 2 HOH 30 130 62 HOH HOH A . 
B 2 HOH 31 131 50 HOH HOH A . 
B 2 HOH 32 132 8  HOH HOH A . 
B 2 HOH 33 133 41 HOH HOH A . 
B 2 HOH 34 134 16 HOH HOH A . 
B 2 HOH 35 135 24 HOH HOH A . 
B 2 HOH 36 136 31 HOH HOH A . 
B 2 HOH 37 137 17 HOH HOH A . 
B 2 HOH 38 138 22 HOH HOH A . 
B 2 HOH 39 139 47 HOH HOH A . 
B 2 HOH 40 140 26 HOH HOH A . 
B 2 HOH 41 141 55 HOH HOH A . 
B 2 HOH 42 142 79 HOH HOH A . 
B 2 HOH 43 143 51 HOH HOH A . 
B 2 HOH 44 144 34 HOH HOH A . 
B 2 HOH 45 145 15 HOH HOH A . 
B 2 HOH 46 146 76 HOH HOH A . 
B 2 HOH 47 147 75 HOH HOH A . 
B 2 HOH 48 148 21 HOH HOH A . 
B 2 HOH 49 149 67 HOH HOH A . 
B 2 HOH 50 150 69 HOH HOH A . 
B 2 HOH 51 151 45 HOH HOH A . 
B 2 HOH 52 152 74 HOH HOH A . 
B 2 HOH 53 153 71 HOH HOH A . 
B 2 HOH 54 154 35 HOH HOH A . 
B 2 HOH 55 155 30 HOH HOH A . 
B 2 HOH 56 156 66 HOH HOH A . 
B 2 HOH 57 157 56 HOH HOH A . 
B 2 HOH 58 158 68 HOH HOH A . 
B 2 HOH 59 159 52 HOH HOH A . 
B 2 HOH 60 160 44 HOH HOH A . 
B 2 HOH 61 161 84 HOH HOH A . 
B 2 HOH 62 162 29 HOH HOH A . 
B 2 HOH 63 163 82 HOH HOH A . 
B 2 HOH 64 164 86 HOH HOH A . 
B 2 HOH 65 165 38 HOH HOH A . 
B 2 HOH 66 166 57 HOH HOH A . 
B 2 HOH 67 167 63 HOH HOH A . 
B 2 HOH 68 168 39 HOH HOH A . 
B 2 HOH 69 169 85 HOH HOH A . 
B 2 HOH 70 170 49 HOH HOH A . 
B 2 HOH 71 171 70 HOH HOH A . 
B 2 HOH 72 172 80 HOH HOH A . 
B 2 HOH 73 173 12 HOH HOH A . 
B 2 HOH 74 174 27 HOH HOH A . 
B 2 HOH 75 175 78 HOH HOH A . 
B 2 HOH 76 176 42 HOH HOH A . 
B 2 HOH 77 177 60 HOH HOH A . 
B 2 HOH 78 178 48 HOH HOH A . 
B 2 HOH 79 179 28 HOH HOH A . 
B 2 HOH 80 180 61 HOH HOH A . 
B 2 HOH 81 181 72 HOH HOH A . 
B 2 HOH 82 182 53 HOH HOH A . 
# 
_pdbx_struct_assembly.id                   1 
_pdbx_struct_assembly.details              author_and_software_defined_assembly 
_pdbx_struct_assembly.method_details       PISA 
_pdbx_struct_assembly.oligomeric_details   dimeric 
_pdbx_struct_assembly.oligomeric_count     2 
# 
_pdbx_struct_assembly_gen.assembly_id       1 
_pdbx_struct_assembly_gen.oper_expression   1,2 
_pdbx_struct_assembly_gen.asym_id_list      A,B 
# 
loop_
_pdbx_struct_assembly_prop.biol_id 
_pdbx_struct_assembly_prop.type 
_pdbx_struct_assembly_prop.value 
_pdbx_struct_assembly_prop.details 
1 'ABSA (A^2)' 2710  ? 
1 MORE         -20   ? 
1 'SSA (A^2)'  11810 ? 
# 
loop_
_pdbx_struct_oper_list.id 
_pdbx_struct_oper_list.type 
_pdbx_struct_oper_list.name 
_pdbx_struct_oper_list.symmetry_operation 
_pdbx_struct_oper_list.matrix[1][1] 
_pdbx_struct_oper_list.matrix[1][2] 
_pdbx_struct_oper_list.matrix[1][3] 
_pdbx_struct_oper_list.vector[1] 
_pdbx_struct_oper_list.matrix[2][1] 
_pdbx_struct_oper_list.matrix[2][2] 
_pdbx_struct_oper_list.matrix[2][3] 
_pdbx_struct_oper_list.vector[2] 
_pdbx_struct_oper_list.matrix[3][1] 
_pdbx_struct_oper_list.matrix[3][2] 
_pdbx_struct_oper_list.matrix[3][3] 
_pdbx_struct_oper_list.vector[3] 
1 'identity operation'         1_555 x,y,z         1.0000000000  0.0000000000  0.0000000000  0.0000000000  0.0000000000  1.0000000000  0.0000000000 0.0000000000 0.0000000000  0.0000000000 1.0000000000 0.0000000000  
2 'crystal symmetry operation' 5_554 x-y,-y,-z-1/3 -0.3854148906 -0.3459648871 -0.8554318552 -8.8487591528 -0.3459648871 -0.8052479611 0.4815433708 1.5226615303 -0.8554318552 0.4815433708 0.1906628518 -6.9732065734 
# 
loop_
_pdbx_struct_special_symmetry.id 
_pdbx_struct_special_symmetry.PDB_model_num 
_pdbx_struct_special_symmetry.auth_asym_id 
_pdbx_struct_special_symmetry.auth_comp_id 
_pdbx_struct_special_symmetry.auth_seq_id 
_pdbx_struct_special_symmetry.PDB_ins_code 
_pdbx_struct_special_symmetry.label_asym_id 
_pdbx_struct_special_symmetry.label_comp_id 
_pdbx_struct_special_symmetry.label_seq_id 
1 1 A HOH 111 ? B HOH . 
2 1 A HOH 124 ? B HOH . 
# 
loop_
_pdbx_audit_revision_history.ordinal 
_pdbx_audit_revision_history.data_content_type 
_pdbx_audit_revision_history.major_revision 
_pdbx_audit_revision_history.minor_revision 
_pdbx_audit_revision_history.revision_date 
1 'Structure model' 1 0 2020-08-05 
2 'Structure model' 1 1 2020-08-19 
3 'Structure model' 1 2 2020-10-07 
4 'Structure model' 1 3 2023-11-22 
# 
_pdbx_audit_revision_details.ordinal             1 
_pdbx_audit_revision_details.revision_ordinal    1 
_pdbx_audit_revision_details.data_content_type   'Structure model' 
_pdbx_audit_revision_details.provider            repository 
_pdbx_audit_revision_details.type                'Initial release' 
_pdbx_audit_revision_details.description         ? 
_pdbx_audit_revision_details.details             ? 
# 
loop_
_pdbx_audit_revision_group.ordinal 
_pdbx_audit_revision_group.revision_ordinal 
_pdbx_audit_revision_group.data_content_type 
_pdbx_audit_revision_group.group 
1 2 'Structure model' 'Database references'    
2 3 'Structure model' 'Database references'    
3 4 'Structure model' 'Data collection'        
4 4 'Structure model' 'Database references'    
5 4 'Structure model' 'Refinement description' 
# 
loop_
_pdbx_audit_revision_category.ordinal 
_pdbx_audit_revision_category.revision_ordinal 
_pdbx_audit_revision_category.data_content_type 
_pdbx_audit_revision_category.category 
1 2 'Structure model' citation                      
2 2 'Structure model' citation_author               
3 3 'Structure model' citation                      
4 4 'Structure model' chem_comp_atom                
5 4 'Structure model' chem_comp_bond                
6 4 'Structure model' database_2                    
7 4 'Structure model' pdbx_initial_refinement_model 
# 
loop_
_pdbx_audit_revision_item.ordinal 
_pdbx_audit_revision_item.revision_ordinal 
_pdbx_audit_revision_item.data_content_type 
_pdbx_audit_revision_item.item 
1 2 'Structure model' '_citation.pdbx_database_id_PubMed'   
2 2 'Structure model' '_citation.title'                     
3 2 'Structure model' '_citation_author.identifier_ORCID'   
4 3 'Structure model' '_citation.journal_volume'            
5 3 'Structure model' '_citation.page_first'                
6 3 'Structure model' '_citation.page_last'                 
7 4 'Structure model' '_database_2.pdbx_DOI'                
8 4 'Structure model' '_database_2.pdbx_database_accession' 
# 
_pdbx_refine_tls.pdbx_refine_id   'X-RAY DIFFRACTION' 
_pdbx_refine_tls.id               1 
_pdbx_refine_tls.details          ? 
_pdbx_refine_tls.method           refined 
_pdbx_refine_tls.origin_x         -0.1884 
_pdbx_refine_tls.origin_y         -0.4279 
_pdbx_refine_tls.origin_z         0.1436 
_pdbx_refine_tls.T[1][1]          0.1999 
_pdbx_refine_tls.T[2][2]          0.2859 
_pdbx_refine_tls.T[3][3]          0.2067 
_pdbx_refine_tls.T[1][2]          0.0281 
_pdbx_refine_tls.T[1][3]          0.0324 
_pdbx_refine_tls.T[2][3]          -0.0171 
_pdbx_refine_tls.L[1][1]          0.6238 
_pdbx_refine_tls.L[2][2]          1.9393 
_pdbx_refine_tls.L[3][3]          0.8206 
_pdbx_refine_tls.L[1][2]          0.3621 
_pdbx_refine_tls.L[1][3]          0.0775 
_pdbx_refine_tls.L[2][3]          -0.1511 
_pdbx_refine_tls.S[1][1]          0.0560 
_pdbx_refine_tls.S[1][2]          -0.0233 
_pdbx_refine_tls.S[1][3]          -0.0640 
_pdbx_refine_tls.S[2][1]          0.0194 
_pdbx_refine_tls.S[2][2]          -0.0579 
_pdbx_refine_tls.S[2][3]          -0.0260 
_pdbx_refine_tls.S[3][1]          -0.0360 
_pdbx_refine_tls.S[3][2]          0.1464 
_pdbx_refine_tls.S[3][3]          0.0208 
# 
_pdbx_refine_tls_group.pdbx_refine_id      'X-RAY DIFFRACTION' 
_pdbx_refine_tls_group.id                  1 
_pdbx_refine_tls_group.refine_tls_id       1 
_pdbx_refine_tls_group.beg_auth_asym_id    ? 
_pdbx_refine_tls_group.beg_auth_seq_id     ? 
_pdbx_refine_tls_group.beg_label_asym_id   ? 
_pdbx_refine_tls_group.beg_label_seq_id    ? 
_pdbx_refine_tls_group.end_auth_asym_id    ? 
_pdbx_refine_tls_group.end_auth_seq_id     ? 
_pdbx_refine_tls_group.end_label_asym_id   ? 
_pdbx_refine_tls_group.end_label_seq_id    ? 
_pdbx_refine_tls_group.selection           ? 
_pdbx_refine_tls_group.selection_details   all 
# 
loop_
_software.citation_id 
_software.classification 
_software.compiler_name 
_software.compiler_version 
_software.contact_author 
_software.contact_author_email 
_software.date 
_software.description 
_software.dependencies 
_software.hardware 
_software.language 
_software.location 
_software.mods 
_software.name 
_software.os 
_software.os_version 
_software.type 
_software.version 
_software.pdbx_ordinal 
? refinement       ? ? ? ? ? ? ? ? ? ? ? PHENIX   ? ? ? 1.9_1692 1 
? 'data reduction' ? ? ? ? ? ? ? ? ? ? ? HKL-2000 ? ? ? .        2 
? 'data scaling'   ? ? ? ? ? ? ? ? ? ? ? HKL-2000 ? ? ? .        3 
? phasing          ? ? ? ? ? ? ? ? ? ? ? PHENIX   ? ? ? .        4 
# 
loop_
_pdbx_unobs_or_zero_occ_atoms.id 
_pdbx_unobs_or_zero_occ_atoms.PDB_model_num 
_pdbx_unobs_or_zero_occ_atoms.polymer_flag 
_pdbx_unobs_or_zero_occ_atoms.occupancy_flag 
_pdbx_unobs_or_zero_occ_atoms.auth_asym_id 
_pdbx_unobs_or_zero_occ_atoms.auth_comp_id 
_pdbx_unobs_or_zero_occ_atoms.auth_seq_id 
_pdbx_unobs_or_zero_occ_atoms.PDB_ins_code 
_pdbx_unobs_or_zero_occ_atoms.auth_atom_id 
_pdbx_unobs_or_zero_occ_atoms.label_alt_id 
_pdbx_unobs_or_zero_occ_atoms.label_asym_id 
_pdbx_unobs_or_zero_occ_atoms.label_comp_id 
_pdbx_unobs_or_zero_occ_atoms.label_seq_id 
_pdbx_unobs_or_zero_occ_atoms.label_atom_id 
1 1 Y 1 A VAL 11 ? CG1 ? A VAL 11 CG1 
2 1 Y 1 A VAL 11 ? CG2 ? A VAL 11 CG2 
# 
loop_
_pdbx_unobs_or_zero_occ_residues.id 
_pdbx_unobs_or_zero_occ_residues.PDB_model_num 
_pdbx_unobs_or_zero_occ_residues.polymer_flag 
_pdbx_unobs_or_zero_occ_residues.occupancy_flag 
_pdbx_unobs_or_zero_occ_residues.auth_asym_id 
_pdbx_unobs_or_zero_occ_residues.auth_comp_id 
_pdbx_unobs_or_zero_occ_residues.auth_seq_id 
_pdbx_unobs_or_zero_occ_residues.PDB_ins_code 
_pdbx_unobs_or_zero_occ_residues.label_asym_id 
_pdbx_unobs_or_zero_occ_residues.label_comp_id 
_pdbx_unobs_or_zero_occ_residues.label_seq_id 
1  1 Y 1 A MET 1  ? A MET 1  
2  1 Y 1 A ALA 2  ? A ALA 2  
3  1 Y 1 A ASP 3  ? A ASP 3  
4  1 Y 1 A ASP 4  ? A ASP 4  
5  1 Y 1 A ALA 5  ? A ALA 5  
6  1 Y 1 A ILE 6  ? A ILE 6  
7  1 Y 1 A PRO 7  ? A PRO 7  
8  1 Y 1 A HIS 8  ? A HIS 8  
9  1 Y 1 A THR 9  ? A THR 9  
10 1 Y 1 A ASP 10 ? A ASP 10 
11 1 Y 1 A GLU 88 ? A GLU 88 
12 1 Y 1 A ILE 89 ? A ILE 89 
13 1 Y 1 A LEU 90 ? A LEU 90 
14 1 Y 1 A GLU 91 ? A GLU 91 
15 1 Y 1 A HIS 92 ? A HIS 92 
16 1 Y 1 A HIS 93 ? A HIS 93 
17 1 Y 1 A HIS 94 ? A HIS 94 
18 1 Y 1 A HIS 95 ? A HIS 95 
19 1 Y 1 A HIS 96 ? A HIS 96 
20 1 Y 1 A HIS 97 ? A HIS 97 
# 
loop_
_chem_comp_atom.comp_id 
_chem_comp_atom.atom_id 
_chem_comp_atom.type_symbol 
_chem_comp_atom.pdbx_aromatic_flag 
_chem_comp_atom.pdbx_stereo_config 
_chem_comp_atom.pdbx_ordinal 
ALA N    N N N 1   
ALA CA   C N S 2   
ALA C    C N N 3   
ALA O    O N N 4   
ALA CB   C N N 5   
ALA OXT  O N N 6   
ALA H    H N N 7   
ALA H2   H N N 8   
ALA HA   H N N 9   
ALA HB1  H N N 10  
ALA HB2  H N N 11  
ALA HB3  H N N 12  
ALA HXT  H N N 13  
ARG N    N N N 14  
ARG CA   C N S 15  
ARG C    C N N 16  
ARG O    O N N 17  
ARG CB   C N N 18  
ARG CG   C N N 19  
ARG CD   C N N 20  
ARG NE   N N N 21  
ARG CZ   C N N 22  
ARG NH1  N N N 23  
ARG NH2  N N N 24  
ARG OXT  O N N 25  
ARG H    H N N 26  
ARG H2   H N N 27  
ARG HA   H N N 28  
ARG HB2  H N N 29  
ARG HB3  H N N 30  
ARG HG2  H N N 31  
ARG HG3  H N N 32  
ARG HD2  H N N 33  
ARG HD3  H N N 34  
ARG HE   H N N 35  
ARG HH11 H N N 36  
ARG HH12 H N N 37  
ARG HH21 H N N 38  
ARG HH22 H N N 39  
ARG HXT  H N N 40  
ASN N    N N N 41  
ASN CA   C N S 42  
ASN C    C N N 43  
ASN O    O N N 44  
ASN CB   C N N 45  
ASN CG   C N N 46  
ASN OD1  O N N 47  
ASN ND2  N N N 48  
ASN OXT  O N N 49  
ASN H    H N N 50  
ASN H2   H N N 51  
ASN HA   H N N 52  
ASN HB2  H N N 53  
ASN HB3  H N N 54  
ASN HD21 H N N 55  
ASN HD22 H N N 56  
ASN HXT  H N N 57  
ASP N    N N N 58  
ASP CA   C N S 59  
ASP C    C N N 60  
ASP O    O N N 61  
ASP CB   C N N 62  
ASP CG   C N N 63  
ASP OD1  O N N 64  
ASP OD2  O N N 65  
ASP OXT  O N N 66  
ASP H    H N N 67  
ASP H2   H N N 68  
ASP HA   H N N 69  
ASP HB2  H N N 70  
ASP HB3  H N N 71  
ASP HD2  H N N 72  
ASP HXT  H N N 73  
GLN N    N N N 74  
GLN CA   C N S 75  
GLN C    C N N 76  
GLN O    O N N 77  
GLN CB   C N N 78  
GLN CG   C N N 79  
GLN CD   C N N 80  
GLN OE1  O N N 81  
GLN NE2  N N N 82  
GLN OXT  O N N 83  
GLN H    H N N 84  
GLN H2   H N N 85  
GLN HA   H N N 86  
GLN HB2  H N N 87  
GLN HB3  H N N 88  
GLN HG2  H N N 89  
GLN HG3  H N N 90  
GLN HE21 H N N 91  
GLN HE22 H N N 92  
GLN HXT  H N N 93  
GLU N    N N N 94  
GLU CA   C N S 95  
GLU C    C N N 96  
GLU O    O N N 97  
GLU CB   C N N 98  
GLU CG   C N N 99  
GLU CD   C N N 100 
GLU OE1  O N N 101 
GLU OE2  O N N 102 
GLU OXT  O N N 103 
GLU H    H N N 104 
GLU H2   H N N 105 
GLU HA   H N N 106 
GLU HB2  H N N 107 
GLU HB3  H N N 108 
GLU HG2  H N N 109 
GLU HG3  H N N 110 
GLU HE2  H N N 111 
GLU HXT  H N N 112 
GLY N    N N N 113 
GLY CA   C N N 114 
GLY C    C N N 115 
GLY O    O N N 116 
GLY OXT  O N N 117 
GLY H    H N N 118 
GLY H2   H N N 119 
GLY HA2  H N N 120 
GLY HA3  H N N 121 
GLY HXT  H N N 122 
HIS N    N N N 123 
HIS CA   C N S 124 
HIS C    C N N 125 
HIS O    O N N 126 
HIS CB   C N N 127 
HIS CG   C Y N 128 
HIS ND1  N Y N 129 
HIS CD2  C Y N 130 
HIS CE1  C Y N 131 
HIS NE2  N Y N 132 
HIS OXT  O N N 133 
HIS H    H N N 134 
HIS H2   H N N 135 
HIS HA   H N N 136 
HIS HB2  H N N 137 
HIS HB3  H N N 138 
HIS HD1  H N N 139 
HIS HD2  H N N 140 
HIS HE1  H N N 141 
HIS HE2  H N N 142 
HIS HXT  H N N 143 
HOH O    O N N 144 
HOH H1   H N N 145 
HOH H2   H N N 146 
ILE N    N N N 147 
ILE CA   C N S 148 
ILE C    C N N 149 
ILE O    O N N 150 
ILE CB   C N S 151 
ILE CG1  C N N 152 
ILE CG2  C N N 153 
ILE CD1  C N N 154 
ILE OXT  O N N 155 
ILE H    H N N 156 
ILE H2   H N N 157 
ILE HA   H N N 158 
ILE HB   H N N 159 
ILE HG12 H N N 160 
ILE HG13 H N N 161 
ILE HG21 H N N 162 
ILE HG22 H N N 163 
ILE HG23 H N N 164 
ILE HD11 H N N 165 
ILE HD12 H N N 166 
ILE HD13 H N N 167 
ILE HXT  H N N 168 
LEU N    N N N 169 
LEU CA   C N S 170 
LEU C    C N N 171 
LEU O    O N N 172 
LEU CB   C N N 173 
LEU CG   C N N 174 
LEU CD1  C N N 175 
LEU CD2  C N N 176 
LEU OXT  O N N 177 
LEU H    H N N 178 
LEU H2   H N N 179 
LEU HA   H N N 180 
LEU HB2  H N N 181 
LEU HB3  H N N 182 
LEU HG   H N N 183 
LEU HD11 H N N 184 
LEU HD12 H N N 185 
LEU HD13 H N N 186 
LEU HD21 H N N 187 
LEU HD22 H N N 188 
LEU HD23 H N N 189 
LEU HXT  H N N 190 
LYS N    N N N 191 
LYS CA   C N S 192 
LYS C    C N N 193 
LYS O    O N N 194 
LYS CB   C N N 195 
LYS CG   C N N 196 
LYS CD   C N N 197 
LYS CE   C N N 198 
LYS NZ   N N N 199 
LYS OXT  O N N 200 
LYS H    H N N 201 
LYS H2   H N N 202 
LYS HA   H N N 203 
LYS HB2  H N N 204 
LYS HB3  H N N 205 
LYS HG2  H N N 206 
LYS HG3  H N N 207 
LYS HD2  H N N 208 
LYS HD3  H N N 209 
LYS HE2  H N N 210 
LYS HE3  H N N 211 
LYS HZ1  H N N 212 
LYS HZ2  H N N 213 
LYS HZ3  H N N 214 
LYS HXT  H N N 215 
MET N    N N N 216 
MET CA   C N S 217 
MET C    C N N 218 
MET O    O N N 219 
MET CB   C N N 220 
MET CG   C N N 221 
MET SD   S N N 222 
MET CE   C N N 223 
MET OXT  O N N 224 
MET H    H N N 225 
MET H2   H N N 226 
MET HA   H N N 227 
MET HB2  H N N 228 
MET HB3  H N N 229 
MET HG2  H N N 230 
MET HG3  H N N 231 
MET HE1  H N N 232 
MET HE2  H N N 233 
MET HE3  H N N 234 
MET HXT  H N N 235 
PHE N    N N N 236 
PHE CA   C N S 237 
PHE C    C N N 238 
PHE O    O N N 239 
PHE CB   C N N 240 
PHE CG   C Y N 241 
PHE CD1  C Y N 242 
PHE CD2  C Y N 243 
PHE CE1  C Y N 244 
PHE CE2  C Y N 245 
PHE CZ   C Y N 246 
PHE OXT  O N N 247 
PHE H    H N N 248 
PHE H2   H N N 249 
PHE HA   H N N 250 
PHE HB2  H N N 251 
PHE HB3  H N N 252 
PHE HD1  H N N 253 
PHE HD2  H N N 254 
PHE HE1  H N N 255 
PHE HE2  H N N 256 
PHE HZ   H N N 257 
PHE HXT  H N N 258 
PRO N    N N N 259 
PRO CA   C N S 260 
PRO C    C N N 261 
PRO O    O N N 262 
PRO CB   C N N 263 
PRO CG   C N N 264 
PRO CD   C N N 265 
PRO OXT  O N N 266 
PRO H    H N N 267 
PRO HA   H N N 268 
PRO HB2  H N N 269 
PRO HB3  H N N 270 
PRO HG2  H N N 271 
PRO HG3  H N N 272 
PRO HD2  H N N 273 
PRO HD3  H N N 274 
PRO HXT  H N N 275 
SER N    N N N 276 
SER CA   C N S 277 
SER C    C N N 278 
SER O    O N N 279 
SER CB   C N N 280 
SER OG   O N N 281 
SER OXT  O N N 282 
SER H    H N N 283 
SER H2   H N N 284 
SER HA   H N N 285 
SER HB2  H N N 286 
SER HB3  H N N 287 
SER HG   H N N 288 
SER HXT  H N N 289 
THR N    N N N 290 
THR CA   C N S 291 
THR C    C N N 292 
THR O    O N N 293 
THR CB   C N R 294 
THR OG1  O N N 295 
THR CG2  C N N 296 
THR OXT  O N N 297 
THR H    H N N 298 
THR H2   H N N 299 
THR HA   H N N 300 
THR HB   H N N 301 
THR HG1  H N N 302 
THR HG21 H N N 303 
THR HG22 H N N 304 
THR HG23 H N N 305 
THR HXT  H N N 306 
TYR N    N N N 307 
TYR CA   C N S 308 
TYR C    C N N 309 
TYR O    O N N 310 
TYR CB   C N N 311 
TYR CG   C Y N 312 
TYR CD1  C Y N 313 
TYR CD2  C Y N 314 
TYR CE1  C Y N 315 
TYR CE2  C Y N 316 
TYR CZ   C Y N 317 
TYR OH   O N N 318 
TYR OXT  O N N 319 
TYR H    H N N 320 
TYR H2   H N N 321 
TYR HA   H N N 322 
TYR HB2  H N N 323 
TYR HB3  H N N 324 
TYR HD1  H N N 325 
TYR HD2  H N N 326 
TYR HE1  H N N 327 
TYR HE2  H N N 328 
TYR HH   H N N 329 
TYR HXT  H N N 330 
VAL N    N N N 331 
VAL CA   C N S 332 
VAL C    C N N 333 
VAL O    O N N 334 
VAL CB   C N N 335 
VAL CG1  C N N 336 
VAL CG2  C N N 337 
VAL OXT  O N N 338 
VAL H    H N N 339 
VAL H2   H N N 340 
VAL HA   H N N 341 
VAL HB   H N N 342 
VAL HG11 H N N 343 
VAL HG12 H N N 344 
VAL HG13 H N N 345 
VAL HG21 H N N 346 
VAL HG22 H N N 347 
VAL HG23 H N N 348 
VAL HXT  H N N 349 
# 
loop_
_chem_comp_bond.comp_id 
_chem_comp_bond.atom_id_1 
_chem_comp_bond.atom_id_2 
_chem_comp_bond.value_order 
_chem_comp_bond.pdbx_aromatic_flag 
_chem_comp_bond.pdbx_stereo_config 
_chem_comp_bond.pdbx_ordinal 
ALA N   CA   sing N N 1   
ALA N   H    sing N N 2   
ALA N   H2   sing N N 3   
ALA CA  C    sing N N 4   
ALA CA  CB   sing N N 5   
ALA CA  HA   sing N N 6   
ALA C   O    doub N N 7   
ALA C   OXT  sing N N 8   
ALA CB  HB1  sing N N 9   
ALA CB  HB2  sing N N 10  
ALA CB  HB3  sing N N 11  
ALA OXT HXT  sing N N 12  
ARG N   CA   sing N N 13  
ARG N   H    sing N N 14  
ARG N   H2   sing N N 15  
ARG CA  C    sing N N 16  
ARG CA  CB   sing N N 17  
ARG CA  HA   sing N N 18  
ARG C   O    doub N N 19  
ARG C   OXT  sing N N 20  
ARG CB  CG   sing N N 21  
ARG CB  HB2  sing N N 22  
ARG CB  HB3  sing N N 23  
ARG CG  CD   sing N N 24  
ARG CG  HG2  sing N N 25  
ARG CG  HG3  sing N N 26  
ARG CD  NE   sing N N 27  
ARG CD  HD2  sing N N 28  
ARG CD  HD3  sing N N 29  
ARG NE  CZ   sing N N 30  
ARG NE  HE   sing N N 31  
ARG CZ  NH1  sing N N 32  
ARG CZ  NH2  doub N N 33  
ARG NH1 HH11 sing N N 34  
ARG NH1 HH12 sing N N 35  
ARG NH2 HH21 sing N N 36  
ARG NH2 HH22 sing N N 37  
ARG OXT HXT  sing N N 38  
ASN N   CA   sing N N 39  
ASN N   H    sing N N 40  
ASN N   H2   sing N N 41  
ASN CA  C    sing N N 42  
ASN CA  CB   sing N N 43  
ASN CA  HA   sing N N 44  
ASN C   O    doub N N 45  
ASN C   OXT  sing N N 46  
ASN CB  CG   sing N N 47  
ASN CB  HB2  sing N N 48  
ASN CB  HB3  sing N N 49  
ASN CG  OD1  doub N N 50  
ASN CG  ND2  sing N N 51  
ASN ND2 HD21 sing N N 52  
ASN ND2 HD22 sing N N 53  
ASN OXT HXT  sing N N 54  
ASP N   CA   sing N N 55  
ASP N   H    sing N N 56  
ASP N   H2   sing N N 57  
ASP CA  C    sing N N 58  
ASP CA  CB   sing N N 59  
ASP CA  HA   sing N N 60  
ASP C   O    doub N N 61  
ASP C   OXT  sing N N 62  
ASP CB  CG   sing N N 63  
ASP CB  HB2  sing N N 64  
ASP CB  HB3  sing N N 65  
ASP CG  OD1  doub N N 66  
ASP CG  OD2  sing N N 67  
ASP OD2 HD2  sing N N 68  
ASP OXT HXT  sing N N 69  
GLN N   CA   sing N N 70  
GLN N   H    sing N N 71  
GLN N   H2   sing N N 72  
GLN CA  C    sing N N 73  
GLN CA  CB   sing N N 74  
GLN CA  HA   sing N N 75  
GLN C   O    doub N N 76  
GLN C   OXT  sing N N 77  
GLN CB  CG   sing N N 78  
GLN CB  HB2  sing N N 79  
GLN CB  HB3  sing N N 80  
GLN CG  CD   sing N N 81  
GLN CG  HG2  sing N N 82  
GLN CG  HG3  sing N N 83  
GLN CD  OE1  doub N N 84  
GLN CD  NE2  sing N N 85  
GLN NE2 HE21 sing N N 86  
GLN NE2 HE22 sing N N 87  
GLN OXT HXT  sing N N 88  
GLU N   CA   sing N N 89  
GLU N   H    sing N N 90  
GLU N   H2   sing N N 91  
GLU CA  C    sing N N 92  
GLU CA  CB   sing N N 93  
GLU CA  HA   sing N N 94  
GLU C   O    doub N N 95  
GLU C   OXT  sing N N 96  
GLU CB  CG   sing N N 97  
GLU CB  HB2  sing N N 98  
GLU CB  HB3  sing N N 99  
GLU CG  CD   sing N N 100 
GLU CG  HG2  sing N N 101 
GLU CG  HG3  sing N N 102 
GLU CD  OE1  doub N N 103 
GLU CD  OE2  sing N N 104 
GLU OE2 HE2  sing N N 105 
GLU OXT HXT  sing N N 106 
GLY N   CA   sing N N 107 
GLY N   H    sing N N 108 
GLY N   H2   sing N N 109 
GLY CA  C    sing N N 110 
GLY CA  HA2  sing N N 111 
GLY CA  HA3  sing N N 112 
GLY C   O    doub N N 113 
GLY C   OXT  sing N N 114 
GLY OXT HXT  sing N N 115 
HIS N   CA   sing N N 116 
HIS N   H    sing N N 117 
HIS N   H2   sing N N 118 
HIS CA  C    sing N N 119 
HIS CA  CB   sing N N 120 
HIS CA  HA   sing N N 121 
HIS C   O    doub N N 122 
HIS C   OXT  sing N N 123 
HIS CB  CG   sing N N 124 
HIS CB  HB2  sing N N 125 
HIS CB  HB3  sing N N 126 
HIS CG  ND1  sing Y N 127 
HIS CG  CD2  doub Y N 128 
HIS ND1 CE1  doub Y N 129 
HIS ND1 HD1  sing N N 130 
HIS CD2 NE2  sing Y N 131 
HIS CD2 HD2  sing N N 132 
HIS CE1 NE2  sing Y N 133 
HIS CE1 HE1  sing N N 134 
HIS NE2 HE2  sing N N 135 
HIS OXT HXT  sing N N 136 
HOH O   H1   sing N N 137 
HOH O   H2   sing N N 138 
ILE N   CA   sing N N 139 
ILE N   H    sing N N 140 
ILE N   H2   sing N N 141 
ILE CA  C    sing N N 142 
ILE CA  CB   sing N N 143 
ILE CA  HA   sing N N 144 
ILE C   O    doub N N 145 
ILE C   OXT  sing N N 146 
ILE CB  CG1  sing N N 147 
ILE CB  CG2  sing N N 148 
ILE CB  HB   sing N N 149 
ILE CG1 CD1  sing N N 150 
ILE CG1 HG12 sing N N 151 
ILE CG1 HG13 sing N N 152 
ILE CG2 HG21 sing N N 153 
ILE CG2 HG22 sing N N 154 
ILE CG2 HG23 sing N N 155 
ILE CD1 HD11 sing N N 156 
ILE CD1 HD12 sing N N 157 
ILE CD1 HD13 sing N N 158 
ILE OXT HXT  sing N N 159 
LEU N   CA   sing N N 160 
LEU N   H    sing N N 161 
LEU N   H2   sing N N 162 
LEU CA  C    sing N N 163 
LEU CA  CB   sing N N 164 
LEU CA  HA   sing N N 165 
LEU C   O    doub N N 166 
LEU C   OXT  sing N N 167 
LEU CB  CG   sing N N 168 
LEU CB  HB2  sing N N 169 
LEU CB  HB3  sing N N 170 
LEU CG  CD1  sing N N 171 
LEU CG  CD2  sing N N 172 
LEU CG  HG   sing N N 173 
LEU CD1 HD11 sing N N 174 
LEU CD1 HD12 sing N N 175 
LEU CD1 HD13 sing N N 176 
LEU CD2 HD21 sing N N 177 
LEU CD2 HD22 sing N N 178 
LEU CD2 HD23 sing N N 179 
LEU OXT HXT  sing N N 180 
LYS N   CA   sing N N 181 
LYS N   H    sing N N 182 
LYS N   H2   sing N N 183 
LYS CA  C    sing N N 184 
LYS CA  CB   sing N N 185 
LYS CA  HA   sing N N 186 
LYS C   O    doub N N 187 
LYS C   OXT  sing N N 188 
LYS CB  CG   sing N N 189 
LYS CB  HB2  sing N N 190 
LYS CB  HB3  sing N N 191 
LYS CG  CD   sing N N 192 
LYS CG  HG2  sing N N 193 
LYS CG  HG3  sing N N 194 
LYS CD  CE   sing N N 195 
LYS CD  HD2  sing N N 196 
LYS CD  HD3  sing N N 197 
LYS CE  NZ   sing N N 198 
LYS CE  HE2  sing N N 199 
LYS CE  HE3  sing N N 200 
LYS NZ  HZ1  sing N N 201 
LYS NZ  HZ2  sing N N 202 
LYS NZ  HZ3  sing N N 203 
LYS OXT HXT  sing N N 204 
MET N   CA   sing N N 205 
MET N   H    sing N N 206 
MET N   H2   sing N N 207 
MET CA  C    sing N N 208 
MET CA  CB   sing N N 209 
MET CA  HA   sing N N 210 
MET C   O    doub N N 211 
MET C   OXT  sing N N 212 
MET CB  CG   sing N N 213 
MET CB  HB2  sing N N 214 
MET CB  HB3  sing N N 215 
MET CG  SD   sing N N 216 
MET CG  HG2  sing N N 217 
MET CG  HG3  sing N N 218 
MET SD  CE   sing N N 219 
MET CE  HE1  sing N N 220 
MET CE  HE2  sing N N 221 
MET CE  HE3  sing N N 222 
MET OXT HXT  sing N N 223 
PHE N   CA   sing N N 224 
PHE N   H    sing N N 225 
PHE N   H2   sing N N 226 
PHE CA  C    sing N N 227 
PHE CA  CB   sing N N 228 
PHE CA  HA   sing N N 229 
PHE C   O    doub N N 230 
PHE C   OXT  sing N N 231 
PHE CB  CG   sing N N 232 
PHE CB  HB2  sing N N 233 
PHE CB  HB3  sing N N 234 
PHE CG  CD1  doub Y N 235 
PHE CG  CD2  sing Y N 236 
PHE CD1 CE1  sing Y N 237 
PHE CD1 HD1  sing N N 238 
PHE CD2 CE2  doub Y N 239 
PHE CD2 HD2  sing N N 240 
PHE CE1 CZ   doub Y N 241 
PHE CE1 HE1  sing N N 242 
PHE CE2 CZ   sing Y N 243 
PHE CE2 HE2  sing N N 244 
PHE CZ  HZ   sing N N 245 
PHE OXT HXT  sing N N 246 
PRO N   CA   sing N N 247 
PRO N   CD   sing N N 248 
PRO N   H    sing N N 249 
PRO CA  C    sing N N 250 
PRO CA  CB   sing N N 251 
PRO CA  HA   sing N N 252 
PRO C   O    doub N N 253 
PRO C   OXT  sing N N 254 
PRO CB  CG   sing N N 255 
PRO CB  HB2  sing N N 256 
PRO CB  HB3  sing N N 257 
PRO CG  CD   sing N N 258 
PRO CG  HG2  sing N N 259 
PRO CG  HG3  sing N N 260 
PRO CD  HD2  sing N N 261 
PRO CD  HD3  sing N N 262 
PRO OXT HXT  sing N N 263 
SER N   CA   sing N N 264 
SER N   H    sing N N 265 
SER N   H2   sing N N 266 
SER CA  C    sing N N 267 
SER CA  CB   sing N N 268 
SER CA  HA   sing N N 269 
SER C   O    doub N N 270 
SER C   OXT  sing N N 271 
SER CB  OG   sing N N 272 
SER CB  HB2  sing N N 273 
SER CB  HB3  sing N N 274 
SER OG  HG   sing N N 275 
SER OXT HXT  sing N N 276 
THR N   CA   sing N N 277 
THR N   H    sing N N 278 
THR N   H2   sing N N 279 
THR CA  C    sing N N 280 
THR CA  CB   sing N N 281 
THR CA  HA   sing N N 282 
THR C   O    doub N N 283 
THR C   OXT  sing N N 284 
THR CB  OG1  sing N N 285 
THR CB  CG2  sing N N 286 
THR CB  HB   sing N N 287 
THR OG1 HG1  sing N N 288 
THR CG2 HG21 sing N N 289 
THR CG2 HG22 sing N N 290 
THR CG2 HG23 sing N N 291 
THR OXT HXT  sing N N 292 
TYR N   CA   sing N N 293 
TYR N   H    sing N N 294 
TYR N   H2   sing N N 295 
TYR CA  C    sing N N 296 
TYR CA  CB   sing N N 297 
TYR CA  HA   sing N N 298 
TYR C   O    doub N N 299 
TYR C   OXT  sing N N 300 
TYR CB  CG   sing N N 301 
TYR CB  HB2  sing N N 302 
TYR CB  HB3  sing N N 303 
TYR CG  CD1  doub Y N 304 
TYR CG  CD2  sing Y N 305 
TYR CD1 CE1  sing Y N 306 
TYR CD1 HD1  sing N N 307 
TYR CD2 CE2  doub Y N 308 
TYR CD2 HD2  sing N N 309 
TYR CE1 CZ   doub Y N 310 
TYR CE1 HE1  sing N N 311 
TYR CE2 CZ   sing Y N 312 
TYR CE2 HE2  sing N N 313 
TYR CZ  OH   sing N N 314 
TYR OH  HH   sing N N 315 
TYR OXT HXT  sing N N 316 
VAL N   CA   sing N N 317 
VAL N   H    sing N N 318 
VAL N   H2   sing N N 319 
VAL CA  C    sing N N 320 
VAL CA  CB   sing N N 321 
VAL CA  HA   sing N N 322 
VAL C   O    doub N N 323 
VAL C   OXT  sing N N 324 
VAL CB  CG1  sing N N 325 
VAL CB  CG2  sing N N 326 
VAL CB  HB   sing N N 327 
VAL CG1 HG11 sing N N 328 
VAL CG1 HG12 sing N N 329 
VAL CG1 HG13 sing N N 330 
VAL CG2 HG21 sing N N 331 
VAL CG2 HG22 sing N N 332 
VAL CG2 HG23 sing N N 333 
VAL OXT HXT  sing N N 334 
# 
_pdbx_entity_nonpoly.entity_id   2 
_pdbx_entity_nonpoly.name        water 
_pdbx_entity_nonpoly.comp_id     HOH 
# 
_pdbx_initial_refinement_model.id               1 
_pdbx_initial_refinement_model.entity_id_list   ? 
_pdbx_initial_refinement_model.type             'experimental model' 
_pdbx_initial_refinement_model.source_name      PDB 
_pdbx_initial_refinement_model.accession_code   6K2J 
_pdbx_initial_refinement_model.details          ? 
# 
_pdbx_struct_assembly_auth_evidence.id                     1 
_pdbx_struct_assembly_auth_evidence.assembly_id            1 
_pdbx_struct_assembly_auth_evidence.experimental_support   'assay for oligomerization' 
_pdbx_struct_assembly_auth_evidence.details                ? 
# 
